data_6YEH
#
_entry.id   6YEH
#
_cell.length_a   93.570
_cell.length_b   99.169
_cell.length_c   318.084
_cell.angle_alpha   90.000
_cell.angle_beta   90.000
_cell.angle_gamma   90.000
#
_symmetry.space_group_name_H-M   'P 21 21 21'
#
loop_
_entity.id
_entity.type
_entity.pdbx_description
1 polymer 'Glutamate dehydrogenase 1'
2 non-polymer (4S)-2-METHYL-2,4-PENTANEDIOL
3 non-polymer 'POTASSIUM ION'
4 water water
#
_entity_poly.entity_id   1
_entity_poly.type   'polypeptide(L)'
_entity_poly.pdbx_seq_one_letter_code
;SNAMNALAATNRNFKLAARLLGLDSKLEKSLLIPFREIKVECTIPKDDGTLASFVGFRVQHDNARGPMKGGIRYHPEVDP
DEVNALAQLMTWKTAVAKIPYGGAKGGIGCDPSKLSISELERLTRVFTQKIHDLIGIHTDVPAPDMGTGPQTMAWILDEY
SKFHGYSPAVVTGKPIDLGGSLGRDAATGRGVMFGTEALLNEHGKTISGQRFVIQGFGNVGSWAAKLISEKGGKIVAVSD
ITGAIKNKDGIDIPALLKHTKEHRGVKGFDGADPIDPNSILVEDCDILVPAALGGVINRENANEIKAKFIIEAANHPTDP
DADEILSKKGVVILPDIYANSGGVTVSYFEWVQNIQGFMWEEEKVNDELKTYMTRSFKDLKEMCKTHSCDLRMGAFTLGV
NRVAQATILRGWGA
;
_entity_poly.pdbx_strand_id   A,B,C,D,E,F
#
# COMPACT_ATOMS: atom_id res chain seq x y z
N ASN A 5 -6.80 -40.85 20.06
CA ASN A 5 -8.00 -41.66 20.27
C ASN A 5 -9.15 -40.75 20.70
N ALA A 6 -8.82 -39.50 21.03
CA ALA A 6 -9.82 -38.48 21.31
C ALA A 6 -9.71 -37.27 20.37
N LEU A 7 -8.60 -37.10 19.67
CA LEU A 7 -8.49 -35.98 18.75
C LEU A 7 -8.98 -36.35 17.35
N ALA A 8 -8.91 -37.64 16.98
CA ALA A 8 -9.59 -38.07 15.77
C ALA A 8 -11.09 -37.93 15.90
N ALA A 9 -11.57 -37.80 17.15
CA ALA A 9 -12.97 -37.55 17.45
C ALA A 9 -13.43 -36.15 17.03
N THR A 10 -12.51 -35.22 16.77
CA THR A 10 -12.94 -33.88 16.40
C THR A 10 -13.88 -33.90 15.21
N ASN A 11 -13.49 -34.54 14.11
CA ASN A 11 -14.38 -34.61 12.96
C ASN A 11 -15.67 -35.33 13.32
N ARG A 12 -15.61 -36.28 14.25
CA ARG A 12 -16.80 -37.05 14.62
C ARG A 12 -17.82 -36.15 15.31
N ASN A 13 -17.38 -35.40 16.32
CA ASN A 13 -18.26 -34.45 17.01
C ASN A 13 -18.82 -33.41 16.03
N PHE A 14 -18.00 -32.96 15.09
CA PHE A 14 -18.48 -31.99 14.13
C PHE A 14 -19.63 -32.58 13.32
N LYS A 15 -19.39 -33.73 12.71
CA LYS A 15 -20.45 -34.37 11.93
C LYS A 15 -21.67 -34.68 12.80
N LEU A 16 -21.45 -34.99 14.08
CA LEU A 16 -22.57 -35.18 14.99
C LEU A 16 -23.35 -33.89 15.19
N ALA A 17 -22.64 -32.80 15.44
CA ALA A 17 -23.31 -31.51 15.60
C ALA A 17 -24.03 -31.10 14.33
N ALA A 18 -23.38 -31.26 13.18
CA ALA A 18 -24.01 -30.90 11.92
C ALA A 18 -25.30 -31.65 11.72
N ARG A 19 -25.37 -32.90 12.20
CA ARG A 19 -26.59 -33.66 12.04
C ARG A 19 -27.62 -33.25 13.08
N LEU A 20 -27.19 -32.82 14.26
CA LEU A 20 -28.15 -32.32 15.24
C LEU A 20 -28.84 -31.07 14.71
N LEU A 21 -28.06 -30.13 14.18
CA LEU A 21 -28.61 -29.09 13.33
C LEU A 21 -29.05 -29.70 11.99
N GLY A 22 -29.76 -28.94 11.20
CA GLY A 22 -30.21 -29.55 9.97
C GLY A 22 -29.25 -29.32 8.83
N LEU A 23 -27.94 -29.28 9.13
CA LEU A 23 -26.97 -28.76 8.19
C LEU A 23 -27.00 -29.47 6.83
N ASP A 24 -27.14 -28.68 5.78
CA ASP A 24 -26.98 -29.15 4.41
C ASP A 24 -25.58 -29.70 4.18
N SER A 25 -25.49 -30.81 3.43
CA SER A 25 -24.20 -31.46 3.21
C SER A 25 -23.22 -30.56 2.47
N LYS A 26 -23.70 -29.71 1.56
CA LYS A 26 -22.79 -28.83 0.83
C LYS A 26 -22.19 -27.77 1.75
N LEU A 27 -23.01 -27.21 2.65
CA LEU A 27 -22.49 -26.25 3.62
C LEU A 27 -21.55 -26.92 4.62
N GLU A 28 -21.91 -28.12 5.07
CA GLU A 28 -21.05 -28.85 5.99
C GLU A 28 -19.68 -29.07 5.39
N LYS A 29 -19.64 -29.48 4.13
CA LYS A 29 -18.34 -29.69 3.47
C LYS A 29 -17.55 -28.41 3.41
N SER A 30 -18.22 -27.29 3.15
CA SER A 30 -17.50 -26.03 3.07
C SER A 30 -16.90 -25.66 4.42
N LEU A 31 -17.67 -25.88 5.49
CA LEU A 31 -17.19 -25.60 6.84
C LEU A 31 -16.04 -26.53 7.22
N LEU A 32 -16.01 -27.73 6.66
CA LEU A 32 -14.92 -28.64 6.97
C LEU A 32 -13.62 -28.22 6.29
N ILE A 33 -13.68 -27.79 5.04
CA ILE A 33 -12.48 -27.41 4.29
C ILE A 33 -11.90 -26.11 4.85
N PRO A 34 -10.64 -26.08 5.24
CA PRO A 34 -10.05 -24.84 5.73
C PRO A 34 -9.88 -23.83 4.63
N PHE A 35 -9.94 -22.56 5.05
CA PHE A 35 -9.81 -21.42 4.14
C PHE A 35 -8.44 -21.39 3.44
N ARG A 36 -7.36 -21.70 4.14
CA ARG A 36 -6.01 -21.63 3.60
C ARG A 36 -5.11 -22.58 4.33
N GLU A 37 -4.20 -23.22 3.60
CA GLU A 37 -3.14 -24.04 4.17
C GLU A 37 -1.83 -23.60 3.56
N ILE A 38 -0.87 -23.23 4.41
CA ILE A 38 0.40 -22.66 3.96
C ILE A 38 1.54 -23.46 4.56
N LYS A 39 2.49 -23.85 3.72
CA LYS A 39 3.77 -24.39 4.15
C LYS A 39 4.87 -23.50 3.60
N VAL A 40 5.84 -23.19 4.44
CA VAL A 40 6.96 -22.36 4.02
C VAL A 40 8.28 -22.99 4.43
N GLU A 41 9.30 -22.74 3.61
CA GLU A 41 10.66 -23.12 3.93
C GLU A 41 11.26 -22.10 4.90
N CYS A 42 11.87 -22.58 5.97
CA CYS A 42 12.60 -21.72 6.92
C CYS A 42 14.05 -22.19 7.00
N THR A 43 14.93 -21.55 6.26
CA THR A 43 16.34 -21.89 6.30
C THR A 43 17.11 -20.81 7.04
N ILE A 44 17.88 -21.22 8.04
CA ILE A 44 18.69 -20.30 8.82
C ILE A 44 20.09 -20.86 8.90
N PRO A 45 21.11 -20.02 9.04
CA PRO A 45 22.43 -20.54 9.41
C PRO A 45 22.42 -20.89 10.89
N LYS A 46 22.96 -22.08 11.20
CA LYS A 46 23.15 -22.51 12.58
C LYS A 46 24.36 -21.79 13.18
N ASP A 47 24.52 -21.94 14.50
CA ASP A 47 25.64 -21.30 15.17
C ASP A 47 26.99 -21.79 14.64
N ASP A 48 27.04 -23.02 14.16
CA ASP A 48 28.26 -23.54 13.56
C ASP A 48 28.44 -23.08 12.12
N GLY A 49 27.59 -22.19 11.62
CA GLY A 49 27.70 -21.68 10.28
C GLY A 49 26.93 -22.45 9.23
N THR A 50 26.78 -23.75 9.40
CA THR A 50 26.09 -24.58 8.42
C THR A 50 24.60 -24.22 8.34
N LEU A 51 23.99 -24.57 7.22
CA LEU A 51 22.58 -24.28 6.99
C LEU A 51 21.71 -25.31 7.71
N ALA A 52 20.52 -24.87 8.11
CA ALA A 52 19.51 -25.79 8.62
C ALA A 52 18.17 -25.38 8.04
N SER A 53 17.44 -26.35 7.50
CA SER A 53 16.17 -26.10 6.85
C SER A 53 15.05 -26.71 7.67
N PHE A 54 14.04 -25.89 7.97
CA PHE A 54 12.84 -26.34 8.66
C PHE A 54 11.62 -25.96 7.83
N VAL A 55 10.51 -26.67 8.03
CA VAL A 55 9.26 -26.28 7.40
C VAL A 55 8.37 -25.61 8.44
N GLY A 56 8.00 -24.36 8.16
CA GLY A 56 6.96 -23.70 8.90
C GLY A 56 5.63 -23.85 8.20
N PHE A 57 4.57 -23.67 8.96
CA PHE A 57 3.27 -23.90 8.34
C PHE A 57 2.20 -23.18 9.13
N ARG A 58 1.05 -23.02 8.50
CA ARG A 58 -0.08 -22.38 9.14
C ARG A 58 -1.33 -22.88 8.44
N VAL A 59 -2.21 -23.53 9.19
CA VAL A 59 -3.54 -23.86 8.71
C VAL A 59 -4.49 -22.77 9.20
N GLN A 60 -5.13 -22.08 8.26
CA GLN A 60 -6.10 -21.04 8.59
C GLN A 60 -7.48 -21.58 8.25
N HIS A 61 -8.18 -22.07 9.27
CA HIS A 61 -9.34 -22.89 8.98
C HIS A 61 -10.53 -22.05 8.55
N ASP A 62 -10.92 -21.07 9.37
CA ASP A 62 -12.16 -20.36 9.10
C ASP A 62 -12.06 -18.92 9.61
N ASN A 63 -12.56 -17.97 8.82
CA ASN A 63 -12.54 -16.57 9.23
C ASN A 63 -13.91 -15.90 9.13
N ALA A 64 -14.99 -16.69 9.06
CA ALA A 64 -16.33 -16.11 8.94
C ALA A 64 -16.65 -15.17 10.09
N ARG A 65 -16.26 -15.54 11.31
CA ARG A 65 -16.66 -14.75 12.46
C ARG A 65 -15.63 -13.73 12.87
N GLY A 66 -14.56 -13.56 12.10
CA GLY A 66 -13.55 -12.59 12.41
C GLY A 66 -12.16 -13.13 12.17
N PRO A 67 -11.12 -12.41 12.64
CA PRO A 67 -9.74 -12.85 12.39
C PRO A 67 -9.46 -14.18 13.06
N MET A 68 -8.55 -14.93 12.47
CA MET A 68 -8.23 -16.25 12.97
C MET A 68 -7.26 -16.15 14.14
N LYS A 69 -7.33 -17.16 15.02
CA LYS A 69 -6.60 -17.19 16.27
C LYS A 69 -6.05 -18.60 16.43
N GLY A 70 -4.80 -18.73 16.83
CA GLY A 70 -4.24 -20.05 16.99
C GLY A 70 -2.78 -19.99 17.38
N GLY A 71 -2.33 -21.06 18.02
CA GLY A 71 -0.98 -21.10 18.55
C GLY A 71 0.07 -21.47 17.52
N ILE A 72 1.33 -21.21 17.88
CA ILE A 72 2.48 -21.61 17.10
C ILE A 72 3.19 -22.71 17.87
N ARG A 73 3.30 -23.89 17.26
CA ARG A 73 3.84 -25.06 17.94
C ARG A 73 5.23 -25.34 17.39
N TYR A 74 6.24 -25.30 18.26
CA TYR A 74 7.60 -25.73 17.91
C TYR A 74 7.71 -27.15 18.40
N HIS A 75 7.56 -28.08 17.47
CA HIS A 75 7.53 -29.48 17.82
C HIS A 75 7.96 -30.27 16.61
N PRO A 76 8.75 -31.33 16.78
CA PRO A 76 9.22 -32.08 15.61
C PRO A 76 8.13 -32.88 14.93
N GLU A 77 7.10 -33.30 15.65
CA GLU A 77 6.05 -34.10 15.03
C GLU A 77 4.97 -33.18 14.47
N VAL A 78 4.74 -33.28 13.16
CA VAL A 78 3.74 -32.46 12.47
C VAL A 78 2.91 -33.39 11.59
N ASP A 79 1.73 -33.73 12.04
CA ASP A 79 0.81 -34.51 11.24
C ASP A 79 -0.14 -33.56 10.53
N PRO A 80 -0.22 -33.60 9.19
CA PRO A 80 -1.14 -32.67 8.52
C PRO A 80 -2.56 -32.79 9.02
N ASP A 81 -3.05 -34.01 9.23
CA ASP A 81 -4.39 -34.21 9.74
C ASP A 81 -4.56 -33.67 11.14
N GLU A 82 -3.61 -33.96 12.02
CA GLU A 82 -3.69 -33.50 13.39
C GLU A 82 -3.74 -31.97 13.48
N VAL A 83 -2.84 -31.30 12.76
CA VAL A 83 -2.83 -29.83 12.79
C VAL A 83 -4.15 -29.29 12.28
N ASN A 84 -4.68 -29.88 11.19
CA ASN A 84 -5.94 -29.41 10.64
C ASN A 84 -7.07 -29.56 11.65
N ALA A 85 -7.07 -30.66 12.39
CA ALA A 85 -8.10 -30.86 13.41
C ALA A 85 -8.02 -29.77 14.47
N LEU A 86 -6.81 -29.42 14.89
CA LEU A 86 -6.67 -28.36 15.88
C LEU A 86 -7.15 -27.02 15.34
N ALA A 87 -6.82 -26.69 14.09
CA ALA A 87 -7.30 -25.42 13.54
C ALA A 87 -8.82 -25.40 13.51
N GLN A 88 -9.42 -26.51 13.12
CA GLN A 88 -10.88 -26.58 13.10
C GLN A 88 -11.44 -26.50 14.52
N LEU A 89 -10.81 -27.21 15.46
CA LEU A 89 -11.25 -27.16 16.86
C LEU A 89 -11.25 -25.71 17.37
N MET A 90 -10.26 -24.92 16.97
CA MET A 90 -10.22 -23.54 17.43
C MET A 90 -11.40 -22.75 16.89
N THR A 91 -11.84 -23.05 15.68
CA THR A 91 -13.00 -22.36 15.12
C THR A 91 -14.25 -22.52 15.99
N TRP A 92 -14.54 -23.75 16.44
CA TRP A 92 -15.70 -23.96 17.30
C TRP A 92 -15.47 -23.37 18.69
N LYS A 93 -14.24 -23.48 19.20
CA LYS A 93 -13.96 -22.97 20.54
C LYS A 93 -14.15 -21.45 20.61
N THR A 94 -13.60 -20.73 19.63
CA THR A 94 -13.81 -19.29 19.60
C THR A 94 -15.28 -18.94 19.43
N ALA A 95 -16.03 -19.79 18.72
CA ALA A 95 -17.46 -19.54 18.56
C ALA A 95 -18.20 -19.81 19.86
N VAL A 96 -17.83 -20.89 20.55
CA VAL A 96 -18.44 -21.18 21.85
C VAL A 96 -18.17 -20.04 22.82
N ALA A 97 -16.96 -19.49 22.77
CA ALA A 97 -16.61 -18.39 23.66
C ALA A 97 -17.32 -17.10 23.26
N LYS A 98 -17.87 -17.02 22.04
CA LYS A 98 -18.50 -15.82 21.52
C LYS A 98 -17.52 -14.66 21.43
N ILE A 99 -16.28 -14.95 21.09
CA ILE A 99 -15.31 -13.89 20.79
C ILE A 99 -15.15 -13.86 19.28
N PRO A 100 -14.94 -12.70 18.68
CA PRO A 100 -15.05 -12.58 17.22
C PRO A 100 -13.80 -13.05 16.50
N TYR A 101 -13.50 -14.34 16.64
CA TYR A 101 -12.32 -14.91 16.00
C TYR A 101 -12.71 -16.12 15.19
N GLY A 102 -11.85 -16.47 14.22
CA GLY A 102 -11.89 -17.78 13.60
C GLY A 102 -10.74 -18.62 14.12
N GLY A 103 -10.69 -19.85 13.63
CA GLY A 103 -9.73 -20.84 14.11
C GLY A 103 -8.56 -21.01 13.16
N ALA A 104 -7.35 -21.08 13.73
CA ALA A 104 -6.13 -21.32 12.98
C ALA A 104 -5.13 -22.07 13.86
N LYS A 105 -4.07 -22.55 13.23
CA LYS A 105 -3.03 -23.28 13.93
C LYS A 105 -1.80 -23.35 13.06
N GLY A 106 -0.62 -23.15 13.65
CA GLY A 106 0.62 -23.22 12.91
C GLY A 106 1.80 -23.76 13.71
N GLY A 107 2.99 -23.66 13.14
CA GLY A 107 4.19 -24.08 13.84
C GLY A 107 5.35 -24.27 12.89
N ILE A 108 6.45 -24.78 13.46
CA ILE A 108 7.65 -25.13 12.72
C ILE A 108 8.02 -26.55 13.13
N GLY A 109 8.23 -27.43 12.15
CA GLY A 109 8.69 -28.74 12.54
C GLY A 109 10.14 -28.64 12.98
N CYS A 110 10.36 -28.71 14.28
CA CYS A 110 11.68 -28.50 14.84
C CYS A 110 11.66 -28.91 16.30
N ASP A 111 12.85 -29.20 16.82
CA ASP A 111 13.02 -29.57 18.22
C ASP A 111 13.75 -28.44 18.94
N PRO A 112 13.03 -27.60 19.69
CA PRO A 112 13.69 -26.44 20.34
C PRO A 112 14.75 -26.81 21.36
N SER A 113 14.66 -27.98 21.99
CA SER A 113 15.69 -28.35 22.94
C SER A 113 17.04 -28.61 22.26
N LYS A 114 17.08 -28.71 20.94
CA LYS A 114 18.33 -28.97 20.24
C LYS A 114 18.84 -27.74 19.51
N LEU A 115 18.29 -26.57 19.82
CA LEU A 115 18.66 -25.32 19.20
C LEU A 115 19.12 -24.34 20.26
N SER A 116 20.16 -23.57 19.95
CA SER A 116 20.54 -22.51 20.85
C SER A 116 19.49 -21.41 20.84
N ILE A 117 19.49 -20.61 21.91
CA ILE A 117 18.56 -19.50 21.97
C ILE A 117 18.86 -18.54 20.83
N SER A 118 20.12 -18.47 20.41
CA SER A 118 20.47 -17.65 19.26
C SER A 118 19.82 -18.19 18.00
N GLU A 119 19.83 -19.52 17.84
CA GLU A 119 19.20 -20.14 16.69
C GLU A 119 17.68 -20.02 16.74
N LEU A 120 17.09 -20.13 17.92
CA LEU A 120 15.63 -20.03 18.02
C LEU A 120 15.13 -18.65 17.65
N GLU A 121 15.86 -17.60 18.03
CA GLU A 121 15.45 -16.27 17.58
C GLU A 121 15.62 -16.15 16.07
N ARG A 122 16.77 -16.59 15.57
CA ARG A 122 17.02 -16.57 14.14
C ARG A 122 15.90 -17.32 13.39
N LEU A 123 15.56 -18.52 13.86
CA LEU A 123 14.51 -19.32 13.25
C LEU A 123 13.16 -18.61 13.33
N THR A 124 12.84 -18.03 14.48
CA THR A 124 11.55 -17.36 14.63
C THR A 124 11.45 -16.15 13.71
N ARG A 125 12.52 -15.37 13.59
CA ARG A 125 12.44 -14.18 12.73
C ARG A 125 12.30 -14.55 11.26
N VAL A 126 12.98 -15.61 10.80
CA VAL A 126 12.80 -16.03 9.41
C VAL A 126 11.37 -16.48 9.17
N PHE A 127 10.84 -17.30 10.08
CA PHE A 127 9.46 -17.75 9.98
C PHE A 127 8.51 -16.56 9.88
N THR A 128 8.74 -15.55 10.71
CA THR A 128 7.91 -14.35 10.61
C THR A 128 8.08 -13.69 9.25
N GLN A 129 9.31 -13.61 8.74
CA GLN A 129 9.50 -13.01 7.41
C GLN A 129 8.74 -13.78 6.36
N LYS A 130 8.63 -15.11 6.50
CA LYS A 130 8.03 -15.91 5.46
C LYS A 130 6.49 -15.89 5.51
N ILE A 131 5.88 -15.46 6.60
CA ILE A 131 4.42 -15.47 6.69
C ILE A 131 3.84 -14.11 7.00
N HIS A 132 4.66 -13.05 7.06
CA HIS A 132 4.15 -11.77 7.52
C HIS A 132 2.98 -11.30 6.68
N ASP A 133 2.99 -11.62 5.39
CA ASP A 133 1.89 -11.26 4.52
C ASP A 133 0.66 -12.14 4.70
N LEU A 134 0.74 -13.18 5.51
CA LEU A 134 -0.39 -14.07 5.69
C LEU A 134 -1.11 -13.88 7.00
N ILE A 135 -0.57 -13.09 7.92
CA ILE A 135 -1.18 -12.85 9.21
C ILE A 135 -1.39 -11.36 9.39
N GLY A 136 -1.89 -10.94 10.53
CA GLY A 136 -2.11 -9.51 10.73
C GLY A 136 -3.20 -9.21 11.74
N ILE A 137 -3.20 -7.93 12.13
CA ILE A 137 -4.08 -7.38 13.17
C ILE A 137 -5.52 -7.80 12.96
N HIS A 138 -5.95 -7.90 11.71
CA HIS A 138 -7.32 -8.24 11.42
C HIS A 138 -7.44 -9.52 10.60
N THR A 139 -6.36 -10.30 10.49
CA THR A 139 -6.34 -11.49 9.64
C THR A 139 -6.11 -12.76 10.44
N ASP A 140 -5.03 -12.84 11.19
CA ASP A 140 -4.62 -14.05 11.89
C ASP A 140 -3.66 -13.61 12.96
N VAL A 141 -4.00 -13.88 14.22
CA VAL A 141 -3.26 -13.40 15.39
C VAL A 141 -2.72 -14.62 16.13
N PRO A 142 -1.47 -14.97 15.92
CA PRO A 142 -0.91 -16.15 16.57
C PRO A 142 -0.78 -16.00 18.07
N ALA A 143 -0.42 -17.10 18.70
CA ALA A 143 -0.34 -17.18 20.15
C ALA A 143 0.65 -18.28 20.49
N PRO A 144 1.16 -18.31 21.71
CA PRO A 144 2.10 -19.34 22.09
C PRO A 144 1.43 -20.70 22.11
N ASP A 145 2.27 -21.72 22.04
CA ASP A 145 1.79 -23.09 22.10
C ASP A 145 2.96 -23.95 22.54
N MET A 146 2.81 -25.25 22.36
CA MET A 146 3.85 -26.19 22.73
C MET A 146 5.16 -25.78 22.07
N GLY A 147 6.18 -25.53 22.89
CA GLY A 147 7.50 -25.17 22.42
C GLY A 147 7.74 -23.69 22.21
N THR A 148 6.72 -22.84 22.39
CA THR A 148 6.89 -21.39 22.28
C THR A 148 6.29 -20.70 23.51
N GLY A 149 6.68 -19.44 23.72
CA GLY A 149 6.23 -18.69 24.86
C GLY A 149 6.26 -17.19 24.63
N PRO A 150 6.17 -16.41 25.72
CA PRO A 150 6.14 -14.94 25.58
C PRO A 150 7.35 -14.36 24.86
N GLN A 151 8.54 -14.94 25.03
CA GLN A 151 9.70 -14.44 24.28
C GLN A 151 9.54 -14.68 22.78
N THR A 152 9.00 -15.84 22.40
CA THR A 152 8.73 -16.12 21.00
C THR A 152 7.82 -15.06 20.42
N MET A 153 6.74 -14.73 21.14
CA MET A 153 5.82 -13.73 20.64
C MET A 153 6.50 -12.39 20.51
N ALA A 154 7.40 -12.08 21.46
CA ALA A 154 8.13 -10.83 21.39
C ALA A 154 8.95 -10.75 20.10
N TRP A 155 9.64 -11.83 19.76
CA TRP A 155 10.44 -11.84 18.54
C TRP A 155 9.56 -11.71 17.31
N ILE A 156 8.43 -12.41 17.29
CA ILE A 156 7.51 -12.26 16.17
C ILE A 156 7.07 -10.81 16.04
N LEU A 157 6.62 -10.23 17.15
CA LEU A 157 6.18 -8.84 17.18
C LEU A 157 7.24 -7.91 16.61
N ASP A 158 8.49 -8.10 17.05
CA ASP A 158 9.54 -7.21 16.60
C ASP A 158 9.77 -7.32 15.11
N GLU A 159 9.88 -8.55 14.59
CA GLU A 159 10.17 -8.69 13.16
C GLU A 159 8.97 -8.27 12.32
N TYR A 160 7.77 -8.66 12.75
CA TYR A 160 6.56 -8.24 12.06
C TYR A 160 6.47 -6.72 11.99
N SER A 161 6.82 -6.04 13.09
CA SER A 161 6.70 -4.59 13.09
C SER A 161 7.64 -3.93 12.10
N LYS A 162 8.72 -4.62 11.70
CA LYS A 162 9.62 -4.06 10.70
C LYS A 162 8.94 -3.95 9.35
N PHE A 163 8.00 -4.85 9.06
CA PHE A 163 7.33 -4.91 7.78
C PHE A 163 6.05 -4.09 7.71
N HIS A 164 5.45 -3.77 8.86
CA HIS A 164 4.15 -3.12 8.87
C HIS A 164 4.04 -2.04 9.93
N GLY A 165 5.15 -1.57 10.47
CA GLY A 165 5.07 -0.64 11.58
C GLY A 165 4.64 -1.35 12.83
N TYR A 166 4.79 -0.68 13.96
CA TYR A 166 4.50 -1.25 15.28
C TYR A 166 3.11 -1.88 15.32
N SER A 167 3.04 -3.16 15.71
CA SER A 167 1.79 -3.92 15.66
C SER A 167 1.63 -4.86 16.87
N PRO A 168 1.51 -4.30 18.08
CA PRO A 168 1.35 -5.18 19.25
C PRO A 168 0.15 -6.11 19.17
N ALA A 169 -0.87 -5.79 18.41
CA ALA A 169 -2.01 -6.69 18.33
C ALA A 169 -1.78 -7.87 17.38
N VAL A 170 -0.59 -8.02 16.79
CA VAL A 170 -0.42 -9.09 15.82
C VAL A 170 -0.26 -10.46 16.50
N VAL A 171 0.19 -10.49 17.75
CA VAL A 171 0.28 -11.74 18.51
C VAL A 171 -0.23 -11.45 19.91
N THR A 172 -0.77 -12.47 20.55
CA THR A 172 -1.13 -12.41 21.95
C THR A 172 -0.20 -13.30 22.77
N GLY A 173 -0.30 -13.19 24.09
CA GLY A 173 0.66 -13.86 24.95
C GLY A 173 1.98 -13.16 25.10
N LYS A 174 2.06 -11.87 24.76
CA LYS A 174 3.29 -11.11 24.87
C LYS A 174 3.66 -10.87 26.33
N PRO A 175 4.92 -10.54 26.60
CA PRO A 175 5.27 -10.01 27.93
C PRO A 175 4.47 -8.75 28.22
N ILE A 176 4.27 -8.50 29.52
CA ILE A 176 3.49 -7.34 29.93
C ILE A 176 4.12 -6.05 29.43
N ASP A 177 5.46 -5.97 29.47
CA ASP A 177 6.17 -4.80 28.99
C ASP A 177 6.00 -4.54 27.51
N LEU A 178 5.56 -5.53 26.74
CA LEU A 178 5.37 -5.34 25.31
C LEU A 178 3.88 -5.30 24.94
N GLY A 179 3.01 -5.05 25.90
CA GLY A 179 1.60 -4.94 25.63
C GLY A 179 0.78 -6.15 25.97
N GLY A 180 1.32 -7.11 26.72
CA GLY A 180 0.52 -8.23 27.16
C GLY A 180 -0.49 -7.82 28.20
N SER A 181 -1.50 -8.66 28.38
CA SER A 181 -2.59 -8.32 29.28
C SER A 181 -2.31 -8.81 30.68
N LEU A 182 -2.78 -8.04 31.67
CA LEU A 182 -2.86 -8.55 33.02
C LEU A 182 -3.87 -9.70 33.08
N GLY A 183 -3.65 -10.62 34.01
CA GLY A 183 -4.50 -11.78 34.12
C GLY A 183 -4.31 -12.83 33.06
N ARG A 184 -3.36 -12.64 32.12
CA ARG A 184 -3.13 -13.66 31.11
C ARG A 184 -2.60 -14.95 31.71
N ASP A 185 -1.82 -14.84 32.77
CA ASP A 185 -1.20 -16.03 33.33
C ASP A 185 -2.25 -16.90 34.01
N ALA A 186 -3.14 -16.31 34.78
CA ALA A 186 -4.14 -17.05 35.50
C ALA A 186 -5.37 -17.40 34.66
N ALA A 187 -5.40 -16.99 33.39
CA ALA A 187 -6.66 -16.96 32.63
C ALA A 187 -7.31 -18.34 32.54
N THR A 188 -6.60 -19.33 32.00
CA THR A 188 -7.24 -20.64 31.81
C THR A 188 -7.61 -21.27 33.14
N GLY A 189 -6.73 -21.18 34.14
CA GLY A 189 -7.07 -21.71 35.45
C GLY A 189 -8.28 -21.01 36.04
N ARG A 190 -8.33 -19.68 35.94
CA ARG A 190 -9.48 -18.95 36.47
C ARG A 190 -10.76 -19.34 35.74
N GLY A 191 -10.68 -19.51 34.42
CA GLY A 191 -11.85 -19.96 33.69
C GLY A 191 -12.34 -21.30 34.20
N VAL A 192 -11.41 -22.19 34.54
CA VAL A 192 -11.79 -23.50 35.05
C VAL A 192 -12.57 -23.37 36.34
N MET A 193 -12.12 -22.50 37.25
CA MET A 193 -12.87 -22.29 38.46
C MET A 193 -14.22 -21.65 38.15
N PHE A 194 -14.24 -20.68 37.23
CA PHE A 194 -15.50 -20.03 36.84
C PHE A 194 -16.49 -21.04 36.31
N GLY A 195 -16.07 -21.83 35.32
CA GLY A 195 -16.97 -22.79 34.71
C GLY A 195 -17.44 -23.86 35.67
N THR A 196 -16.55 -24.27 36.59
CA THR A 196 -16.95 -25.25 37.58
C THR A 196 -18.08 -24.71 38.44
N GLU A 197 -18.01 -23.45 38.85
CA GLU A 197 -19.07 -22.91 39.67
C GLU A 197 -20.38 -22.81 38.88
N ALA A 198 -20.30 -22.41 37.61
CA ALA A 198 -21.52 -22.36 36.80
C ALA A 198 -22.22 -23.72 36.77
N LEU A 199 -21.46 -24.78 36.52
CA LEU A 199 -22.03 -26.11 36.43
C LEU A 199 -22.56 -26.58 37.78
N LEU A 200 -21.79 -26.36 38.86
CA LEU A 200 -22.21 -26.81 40.19
C LEU A 200 -23.49 -26.10 40.62
N ASN A 201 -23.57 -24.79 40.36
CA ASN A 201 -24.75 -24.02 40.68
C ASN A 201 -25.96 -24.62 39.99
N GLU A 202 -25.77 -25.14 38.78
CA GLU A 202 -26.86 -25.78 38.06
C GLU A 202 -27.35 -27.04 38.77
N HIS A 203 -26.58 -27.57 39.71
CA HIS A 203 -27.00 -28.71 40.51
C HIS A 203 -27.28 -28.36 41.96
N GLY A 204 -27.43 -27.07 42.28
CA GLY A 204 -27.65 -26.70 43.67
C GLY A 204 -26.43 -26.81 44.56
N LYS A 205 -25.24 -26.80 43.98
CA LYS A 205 -24.01 -26.90 44.74
C LYS A 205 -23.14 -25.67 44.50
N THR A 206 -22.11 -25.50 45.32
CA THR A 206 -21.09 -24.46 45.10
C THR A 206 -19.73 -25.07 45.37
N ILE A 207 -18.69 -24.38 44.89
CA ILE A 207 -17.32 -24.85 45.08
C ILE A 207 -17.02 -25.07 46.55
N SER A 208 -17.54 -24.20 47.40
CA SER A 208 -17.29 -24.29 48.83
C SER A 208 -17.67 -25.67 49.36
N GLY A 209 -16.69 -26.36 49.96
CA GLY A 209 -16.89 -27.66 50.54
C GLY A 209 -16.51 -28.84 49.65
N GLN A 210 -16.65 -28.69 48.33
CA GLN A 210 -16.43 -29.83 47.43
C GLN A 210 -15.00 -30.33 47.50
N ARG A 211 -14.82 -31.62 47.22
CA ARG A 211 -13.50 -32.24 47.22
C ARG A 211 -12.97 -32.33 45.79
N PHE A 212 -11.78 -31.79 45.56
CA PHE A 212 -11.19 -31.73 44.24
C PHE A 212 -9.96 -32.61 44.17
N VAL A 213 -9.82 -33.29 43.04
CA VAL A 213 -8.59 -33.94 42.64
C VAL A 213 -8.12 -33.27 41.37
N ILE A 214 -6.88 -32.80 41.36
CA ILE A 214 -6.33 -32.05 40.23
C ILE A 214 -5.15 -32.83 39.69
N GLN A 215 -5.32 -33.43 38.51
CA GLN A 215 -4.23 -34.17 37.89
C GLN A 215 -3.47 -33.25 36.94
N GLY A 216 -2.19 -33.04 37.22
CA GLY A 216 -1.39 -32.05 36.52
C GLY A 216 -1.23 -30.78 37.33
N PHE A 217 -0.02 -30.25 37.40
CA PHE A 217 0.19 -29.07 38.22
C PHE A 217 1.06 -28.07 37.50
N GLY A 218 0.82 -27.92 36.20
CA GLY A 218 1.44 -26.85 35.43
C GLY A 218 0.70 -25.56 35.61
N ASN A 219 0.83 -24.67 34.61
CA ASN A 219 0.20 -23.36 34.70
C ASN A 219 -1.29 -23.48 34.98
N VAL A 220 -1.98 -24.30 34.20
CA VAL A 220 -3.44 -24.39 34.33
C VAL A 220 -3.82 -25.03 35.66
N GLY A 221 -3.23 -26.18 35.97
CA GLY A 221 -3.61 -26.89 37.20
C GLY A 221 -3.30 -26.07 38.44
N SER A 222 -2.10 -25.49 38.51
CA SER A 222 -1.71 -24.74 39.70
C SER A 222 -2.66 -23.57 39.96
N TRP A 223 -2.97 -22.79 38.93
CA TRP A 223 -3.87 -21.65 39.09
C TRP A 223 -5.28 -22.11 39.47
N ALA A 224 -5.74 -23.20 38.85
CA ALA A 224 -7.03 -23.75 39.21
C ALA A 224 -7.06 -24.04 40.70
N ALA A 225 -6.06 -24.77 41.18
CA ALA A 225 -5.97 -25.11 42.60
C ALA A 225 -6.00 -23.86 43.48
N LYS A 226 -5.24 -22.83 43.10
CA LYS A 226 -5.19 -21.62 43.91
C LYS A 226 -6.55 -20.96 44.01
N LEU A 227 -7.15 -20.65 42.86
CA LEU A 227 -8.42 -19.93 42.87
C LEU A 227 -9.55 -20.79 43.43
N ILE A 228 -9.50 -22.10 43.23
CA ILE A 228 -10.57 -22.96 43.73
C ILE A 228 -10.50 -23.06 45.25
N SER A 229 -9.30 -23.30 45.78
CA SER A 229 -9.14 -23.32 47.22
C SER A 229 -9.54 -21.97 47.83
N GLU A 230 -9.24 -20.87 47.13
CA GLU A 230 -9.65 -19.56 47.64
C GLU A 230 -11.16 -19.38 47.61
N LYS A 231 -11.87 -20.18 46.82
CA LYS A 231 -13.32 -20.19 46.82
C LYS A 231 -13.90 -21.14 47.86
N GLY A 232 -13.05 -21.78 48.68
CA GLY A 232 -13.48 -22.75 49.65
C GLY A 232 -13.41 -24.19 49.20
N GLY A 233 -12.87 -24.47 48.01
CA GLY A 233 -12.75 -25.84 47.55
C GLY A 233 -11.71 -26.60 48.36
N LYS A 234 -11.98 -27.88 48.58
CA LYS A 234 -11.09 -28.76 49.34
C LYS A 234 -10.29 -29.59 48.33
N ILE A 235 -9.03 -29.21 48.11
CA ILE A 235 -8.15 -29.90 47.17
C ILE A 235 -7.53 -31.08 47.90
N VAL A 236 -7.95 -32.30 47.58
CA VAL A 236 -7.50 -33.44 48.37
C VAL A 236 -6.35 -34.23 47.75
N ALA A 237 -6.09 -34.08 46.46
CA ALA A 237 -4.99 -34.79 45.81
C ALA A 237 -4.55 -34.02 44.58
N VAL A 238 -3.24 -33.97 44.37
CA VAL A 238 -2.63 -33.25 43.27
C VAL A 238 -1.47 -34.09 42.74
N SER A 239 -1.30 -34.13 41.42
CA SER A 239 -0.17 -34.82 40.82
C SER A 239 0.54 -33.92 39.82
N ASP A 240 1.81 -34.21 39.57
CA ASP A 240 2.54 -33.57 38.48
C ASP A 240 3.60 -34.56 37.99
N ILE A 241 4.53 -34.08 37.17
CA ILE A 241 5.48 -35.02 36.59
C ILE A 241 6.36 -35.63 37.65
N THR A 242 6.51 -34.99 38.81
CA THR A 242 7.44 -35.48 39.82
C THR A 242 6.78 -36.47 40.78
N GLY A 243 5.47 -36.53 40.82
CA GLY A 243 4.78 -37.46 41.69
C GLY A 243 3.40 -36.95 42.03
N ALA A 244 2.76 -37.64 42.96
CA ALA A 244 1.40 -37.32 43.36
C ALA A 244 1.30 -37.28 44.88
N ILE A 245 0.54 -36.33 45.39
CA ILE A 245 0.43 -36.14 46.83
C ILE A 245 -1.03 -36.03 47.22
N LYS A 246 -1.34 -36.48 48.42
CA LYS A 246 -2.70 -36.53 48.88
C LYS A 246 -2.78 -35.94 50.27
N ASN A 247 -3.94 -35.37 50.58
CA ASN A 247 -4.23 -34.95 51.95
C ASN A 247 -5.74 -34.93 52.07
N LYS A 248 -6.27 -35.89 52.82
CA LYS A 248 -7.72 -36.06 52.89
C LYS A 248 -8.38 -34.85 53.52
N ASP A 249 -7.66 -34.09 54.32
CA ASP A 249 -8.22 -32.90 54.95
C ASP A 249 -8.05 -31.65 54.09
N GLY A 250 -7.35 -31.75 52.96
CA GLY A 250 -7.16 -30.61 52.11
C GLY A 250 -5.71 -30.17 52.09
N ILE A 251 -5.15 -30.04 50.90
CA ILE A 251 -3.78 -29.54 50.77
C ILE A 251 -3.82 -28.03 50.91
N ASP A 252 -2.91 -27.50 51.72
CA ASP A 252 -2.70 -26.06 51.80
C ASP A 252 -2.04 -25.61 50.49
N ILE A 253 -2.85 -25.06 49.58
CA ILE A 253 -2.33 -24.73 48.25
C ILE A 253 -1.27 -23.63 48.32
N PRO A 254 -1.45 -22.53 49.04
CA PRO A 254 -0.36 -21.55 49.16
C PRO A 254 0.97 -22.16 49.59
N ALA A 255 0.95 -23.05 50.59
CA ALA A 255 2.19 -23.72 50.97
C ALA A 255 2.73 -24.60 49.85
N LEU A 256 1.84 -25.31 49.15
CA LEU A 256 2.27 -26.15 48.05
C LEU A 256 2.92 -25.33 46.94
N LEU A 257 2.31 -24.20 46.59
CA LEU A 257 2.89 -23.38 45.55
C LEU A 257 4.28 -22.91 45.93
N LYS A 258 4.45 -22.47 47.19
CA LYS A 258 5.76 -22.03 47.66
C LYS A 258 6.77 -23.15 47.55
N HIS A 259 6.36 -24.36 47.93
CA HIS A 259 7.22 -25.53 47.77
C HIS A 259 7.49 -25.81 46.29
N THR A 260 6.46 -25.70 45.46
CA THR A 260 6.56 -26.12 44.08
C THR A 260 7.48 -25.22 43.26
N LYS A 261 7.45 -23.91 43.52
CA LYS A 261 8.35 -23.05 42.77
C LYS A 261 9.79 -23.27 43.20
N GLU A 262 10.01 -23.46 44.50
CA GLU A 262 11.36 -23.67 45.00
C GLU A 262 11.92 -25.01 44.58
N HIS A 263 11.13 -26.07 44.71
CA HIS A 263 11.63 -27.41 44.50
C HIS A 263 11.30 -27.99 43.13
N ARG A 264 10.61 -27.26 42.28
CA ARG A 264 10.41 -27.66 40.90
C ARG A 264 9.58 -28.93 40.77
N GLY A 265 8.59 -29.08 41.66
CA GLY A 265 7.68 -30.22 41.64
C GLY A 265 6.90 -30.33 42.94
N VAL A 266 5.83 -31.12 42.95
CA VAL A 266 5.07 -31.26 44.18
C VAL A 266 5.65 -32.36 45.06
N LYS A 267 6.63 -33.10 44.55
CA LYS A 267 7.19 -34.21 45.30
C LYS A 267 8.01 -33.65 46.45
N GLY A 268 8.10 -34.42 47.52
CA GLY A 268 8.78 -33.97 48.71
C GLY A 268 8.04 -32.95 49.53
N PHE A 269 6.77 -32.70 49.25
CA PHE A 269 6.04 -31.65 49.96
C PHE A 269 5.62 -32.17 51.31
N ASP A 270 6.17 -31.57 52.37
CA ASP A 270 5.67 -31.78 53.71
C ASP A 270 4.25 -31.26 53.78
N GLY A 271 3.38 -31.94 54.49
CA GLY A 271 1.98 -31.53 54.52
C GLY A 271 1.07 -32.23 53.55
N ALA A 272 1.52 -33.31 52.93
CA ALA A 272 0.70 -34.17 52.08
C ALA A 272 1.47 -35.48 51.88
N ASP A 273 0.81 -36.58 52.10
CA ASP A 273 1.46 -37.87 51.91
C ASP A 273 1.59 -38.18 50.42
N PRO A 274 2.68 -38.81 50.02
CA PRO A 274 2.80 -39.21 48.62
C PRO A 274 1.87 -40.38 48.39
N ILE A 275 1.34 -40.46 47.18
CA ILE A 275 0.45 -41.55 46.83
C ILE A 275 0.85 -42.10 45.48
N ASP A 276 0.26 -43.24 45.16
CA ASP A 276 0.51 -43.94 43.92
C ASP A 276 0.14 -43.03 42.75
N PRO A 277 1.08 -42.71 41.85
CA PRO A 277 0.75 -41.81 40.73
C PRO A 277 -0.34 -42.34 39.84
N ASN A 278 -0.58 -43.65 39.83
CA ASN A 278 -1.62 -44.22 38.98
C ASN A 278 -2.97 -44.30 39.67
N SER A 279 -3.06 -43.86 40.93
CA SER A 279 -4.33 -43.85 41.64
C SER A 279 -4.98 -42.48 41.65
N ILE A 280 -4.37 -41.49 41.01
CA ILE A 280 -4.81 -40.11 41.20
C ILE A 280 -6.18 -39.90 40.58
N LEU A 281 -6.43 -40.47 39.38
CA LEU A 281 -7.70 -40.25 38.71
C LEU A 281 -8.83 -41.03 39.37
N VAL A 282 -8.51 -42.13 40.05
CA VAL A 282 -9.51 -42.95 40.69
C VAL A 282 -9.57 -42.70 42.18
N GLU A 283 -8.93 -41.64 42.66
CA GLU A 283 -9.02 -41.26 44.06
C GLU A 283 -10.44 -40.81 44.36
N ASP A 284 -10.88 -41.06 45.58
CA ASP A 284 -12.24 -40.71 45.97
C ASP A 284 -12.36 -39.20 46.16
N CYS A 285 -13.39 -38.60 45.54
CA CYS A 285 -13.60 -37.17 45.57
C CYS A 285 -14.97 -36.89 44.96
N ASP A 286 -15.29 -35.60 44.84
CA ASP A 286 -16.48 -35.12 44.17
C ASP A 286 -16.24 -34.65 42.76
N ILE A 287 -15.12 -33.95 42.53
CA ILE A 287 -14.83 -33.29 41.27
C ILE A 287 -13.42 -33.68 40.84
N LEU A 288 -13.28 -34.15 39.62
CA LEU A 288 -12.01 -34.58 39.07
C LEU A 288 -11.60 -33.62 37.96
N VAL A 289 -10.38 -33.08 38.06
CA VAL A 289 -9.91 -32.10 37.08
C VAL A 289 -8.67 -32.60 36.36
N PRO A 290 -8.84 -33.30 35.24
CA PRO A 290 -7.69 -33.65 34.39
C PRO A 290 -7.11 -32.39 33.77
N ALA A 291 -5.87 -32.08 34.15
CA ALA A 291 -5.26 -30.82 33.75
C ALA A 291 -3.89 -31.03 33.15
N ALA A 292 -3.56 -32.24 32.70
CA ALA A 292 -2.26 -32.43 32.07
C ALA A 292 -2.35 -32.87 30.62
N LEU A 293 -2.92 -34.04 30.34
CA LEU A 293 -2.69 -34.68 29.06
C LEU A 293 -3.95 -35.36 28.58
N GLY A 294 -3.93 -35.76 27.34
CA GLY A 294 -5.08 -36.40 26.75
C GLY A 294 -5.15 -37.90 27.01
N GLY A 295 -6.34 -38.46 26.83
CA GLY A 295 -6.52 -39.90 26.93
C GLY A 295 -6.26 -40.50 28.29
N VAL A 296 -6.20 -39.68 29.35
CA VAL A 296 -5.91 -40.24 30.67
C VAL A 296 -7.13 -40.96 31.28
N ILE A 297 -8.34 -40.57 30.90
CA ILE A 297 -9.55 -41.31 31.25
C ILE A 297 -9.98 -42.09 30.00
N ASN A 298 -10.07 -43.41 30.14
CA ASN A 298 -10.26 -44.27 28.99
C ASN A 298 -11.10 -45.48 29.43
N ARG A 299 -11.26 -46.44 28.52
CA ARG A 299 -12.11 -47.57 28.85
C ARG A 299 -11.54 -48.35 30.02
N GLU A 300 -10.23 -48.25 30.23
CA GLU A 300 -9.53 -49.05 31.23
C GLU A 300 -9.80 -48.55 32.64
N ASN A 301 -10.16 -47.27 32.83
CA ASN A 301 -10.36 -46.72 34.18
C ASN A 301 -11.66 -45.95 34.35
N ALA A 302 -12.59 -45.98 33.40
CA ALA A 302 -13.76 -45.12 33.50
C ALA A 302 -14.70 -45.58 34.61
N ASN A 303 -14.90 -46.90 34.75
CA ASN A 303 -15.78 -47.40 35.79
C ASN A 303 -15.25 -47.08 37.18
N GLU A 304 -13.95 -46.84 37.31
CA GLU A 304 -13.31 -46.61 38.60
C GLU A 304 -13.25 -45.13 38.96
N ILE A 305 -13.79 -44.24 38.13
CA ILE A 305 -13.86 -42.83 38.48
C ILE A 305 -14.93 -42.63 39.54
N LYS A 306 -14.58 -41.91 40.61
CA LYS A 306 -15.51 -41.71 41.71
C LYS A 306 -16.17 -40.34 41.74
N ALA A 307 -15.70 -39.39 40.94
CA ALA A 307 -16.28 -38.06 40.95
C ALA A 307 -17.62 -38.05 40.23
N LYS A 308 -18.55 -37.22 40.70
CA LYS A 308 -19.74 -36.98 39.89
C LYS A 308 -19.47 -35.91 38.83
N PHE A 309 -18.36 -35.19 38.94
CA PHE A 309 -18.05 -34.13 37.98
C PHE A 309 -16.62 -34.28 37.50
N ILE A 310 -16.44 -34.16 36.19
CA ILE A 310 -15.13 -34.12 35.56
C ILE A 310 -15.05 -32.80 34.81
N ILE A 311 -14.10 -31.97 35.19
CA ILE A 311 -13.91 -30.66 34.59
C ILE A 311 -12.72 -30.79 33.65
N GLU A 312 -12.98 -30.86 32.35
CA GLU A 312 -11.90 -31.08 31.39
C GLU A 312 -11.08 -29.81 31.24
N ALA A 313 -10.13 -29.61 32.16
CA ALA A 313 -9.24 -28.47 32.02
C ALA A 313 -8.21 -28.72 30.93
N ALA A 314 -7.61 -29.92 30.90
CA ALA A 314 -6.77 -30.29 29.78
C ALA A 314 -7.62 -30.48 28.52
N ASN A 315 -6.94 -30.70 27.41
CA ASN A 315 -7.59 -30.99 26.14
C ASN A 315 -7.63 -32.48 25.88
N HIS A 316 -8.77 -32.96 25.41
CA HIS A 316 -9.05 -34.36 25.08
C HIS A 316 -8.62 -35.35 26.16
N PRO A 317 -8.90 -35.09 27.44
CA PRO A 317 -8.51 -36.05 28.46
C PRO A 317 -9.40 -37.28 28.49
N THR A 318 -10.61 -37.22 27.92
CA THR A 318 -11.57 -38.32 28.02
C THR A 318 -11.83 -38.84 26.62
N ASP A 319 -11.50 -40.11 26.39
CA ASP A 319 -11.76 -40.76 25.13
C ASP A 319 -13.23 -41.10 24.97
N PRO A 320 -13.71 -41.24 23.71
CA PRO A 320 -15.13 -41.57 23.49
C PRO A 320 -15.61 -42.76 24.30
N ASP A 321 -14.78 -43.80 24.44
CA ASP A 321 -15.19 -44.96 25.22
C ASP A 321 -15.57 -44.57 26.63
N ALA A 322 -14.70 -43.82 27.30
CA ALA A 322 -14.99 -43.43 28.68
C ALA A 322 -16.16 -42.48 28.75
N ASP A 323 -16.34 -41.66 27.71
CA ASP A 323 -17.44 -40.70 27.67
C ASP A 323 -18.79 -41.39 27.86
N GLU A 324 -19.04 -42.48 27.13
CA GLU A 324 -20.33 -43.15 27.26
C GLU A 324 -20.43 -43.94 28.56
N ILE A 325 -19.31 -44.48 29.05
CA ILE A 325 -19.34 -45.18 30.33
C ILE A 325 -19.76 -44.25 31.45
N LEU A 326 -19.15 -43.07 31.51
CA LEU A 326 -19.43 -42.15 32.61
C LEU A 326 -20.82 -41.53 32.48
N SER A 327 -21.33 -41.36 31.26
CA SER A 327 -22.71 -40.89 31.09
C SER A 327 -23.69 -41.86 31.72
N LYS A 328 -23.52 -43.15 31.45
CA LYS A 328 -24.36 -44.19 32.00
C LYS A 328 -24.02 -44.49 33.44
N LYS A 329 -23.42 -43.54 34.12
CA LYS A 329 -23.11 -43.65 35.53
C LYS A 329 -23.51 -42.38 36.26
N GLY A 330 -23.99 -41.37 35.53
CA GLY A 330 -24.42 -40.14 36.14
C GLY A 330 -23.31 -39.15 36.33
N VAL A 331 -22.18 -39.34 35.68
CA VAL A 331 -21.07 -38.41 35.75
C VAL A 331 -21.29 -37.33 34.71
N VAL A 332 -21.23 -36.10 35.14
CA VAL A 332 -21.31 -34.95 34.25
C VAL A 332 -19.90 -34.54 33.90
N ILE A 333 -19.64 -34.27 32.62
CA ILE A 333 -18.33 -33.83 32.15
C ILE A 333 -18.45 -32.45 31.54
N LEU A 334 -17.71 -31.50 32.08
CA LEU A 334 -17.66 -30.18 31.46
C LEU A 334 -16.64 -30.25 30.34
N PRO A 335 -17.05 -30.12 29.08
CA PRO A 335 -16.13 -30.41 27.98
C PRO A 335 -15.03 -29.37 27.88
N ASP A 336 -13.85 -29.85 27.48
CA ASP A 336 -12.66 -29.01 27.40
C ASP A 336 -12.89 -27.78 26.55
N ILE A 337 -13.57 -27.94 25.41
CA ILE A 337 -13.79 -26.84 24.48
C ILE A 337 -14.43 -25.66 25.19
N TYR A 338 -15.19 -25.91 26.25
CA TYR A 338 -15.68 -24.83 27.09
C TYR A 338 -14.85 -24.64 28.35
N ALA A 339 -14.42 -25.73 28.98
CA ALA A 339 -13.88 -25.64 30.33
C ALA A 339 -12.61 -24.81 30.38
N ASN A 340 -11.75 -24.92 29.36
CA ASN A 340 -10.51 -24.16 29.34
C ASN A 340 -10.53 -22.97 28.39
N SER A 341 -11.72 -22.47 28.04
CA SER A 341 -11.83 -21.37 27.09
C SER A 341 -11.41 -20.01 27.66
N GLY A 342 -11.15 -19.92 28.98
CA GLY A 342 -10.71 -18.66 29.56
C GLY A 342 -9.45 -18.12 28.94
N GLY A 343 -8.50 -19.01 28.61
CA GLY A 343 -7.28 -18.61 27.96
C GLY A 343 -7.53 -17.84 26.68
N VAL A 344 -8.18 -18.47 25.69
CA VAL A 344 -8.41 -17.79 24.43
C VAL A 344 -9.30 -16.56 24.61
N THR A 345 -10.21 -16.59 25.59
CA THR A 345 -11.02 -15.40 25.83
C THR A 345 -10.17 -14.23 26.30
N VAL A 346 -9.26 -14.50 27.24
CA VAL A 346 -8.44 -13.41 27.73
C VAL A 346 -7.47 -12.96 26.65
N SER A 347 -7.09 -13.88 25.76
CA SER A 347 -6.26 -13.48 24.63
C SER A 347 -7.02 -12.54 23.70
N TYR A 348 -8.32 -12.77 23.52
CA TYR A 348 -9.15 -11.78 22.84
C TYR A 348 -9.11 -10.45 23.56
N PHE A 349 -9.14 -10.48 24.90
CA PHE A 349 -9.08 -9.23 25.65
C PHE A 349 -7.74 -8.54 25.46
N GLU A 350 -6.65 -9.32 25.42
CA GLU A 350 -5.34 -8.72 25.16
C GLU A 350 -5.33 -8.01 23.82
N TRP A 351 -5.88 -8.66 22.79
CA TRP A 351 -5.96 -8.05 21.47
C TRP A 351 -6.78 -6.77 21.51
N VAL A 352 -7.93 -6.81 22.18
CA VAL A 352 -8.77 -5.63 22.30
C VAL A 352 -7.98 -4.49 22.94
N GLN A 353 -7.26 -4.79 24.02
CA GLN A 353 -6.51 -3.73 24.69
C GLN A 353 -5.50 -3.10 23.75
N ASN A 354 -4.87 -3.91 22.90
CA ASN A 354 -3.89 -3.37 21.95
C ASN A 354 -4.56 -2.58 20.85
N ILE A 355 -5.71 -3.05 20.36
CA ILE A 355 -6.49 -2.33 19.36
C ILE A 355 -6.93 -0.98 19.90
N GLN A 356 -7.30 -0.93 21.18
CA GLN A 356 -7.76 0.30 21.79
C GLN A 356 -6.62 1.17 22.30
N GLY A 357 -5.38 0.69 22.21
CA GLY A 357 -4.20 1.46 22.63
C GLY A 357 -4.17 1.85 24.08
N PHE A 358 -4.81 1.07 24.95
CA PHE A 358 -4.98 1.46 26.35
C PHE A 358 -5.28 0.20 27.14
N MET A 359 -4.39 -0.15 28.06
CA MET A 359 -4.51 -1.42 28.76
C MET A 359 -5.58 -1.36 29.85
N TRP A 360 -6.20 -2.51 30.11
CA TRP A 360 -7.20 -2.61 31.17
C TRP A 360 -6.53 -3.01 32.47
N GLU A 361 -7.07 -2.50 33.57
CA GLU A 361 -6.74 -3.04 34.88
C GLU A 361 -7.18 -4.51 34.99
N GLU A 362 -6.52 -5.24 35.87
CA GLU A 362 -6.78 -6.67 35.95
C GLU A 362 -8.21 -6.97 36.40
N GLU A 363 -8.76 -6.14 37.31
CA GLU A 363 -10.14 -6.36 37.73
C GLU A 363 -11.09 -6.31 36.54
N LYS A 364 -10.83 -5.43 35.57
CA LYS A 364 -11.68 -5.41 34.39
C LYS A 364 -11.46 -6.66 33.58
N VAL A 365 -10.20 -7.06 33.37
CA VAL A 365 -9.92 -8.27 32.60
C VAL A 365 -10.71 -9.43 33.18
N ASN A 366 -10.61 -9.62 34.50
CA ASN A 366 -11.27 -10.73 35.14
C ASN A 366 -12.78 -10.56 35.11
N ASP A 367 -13.26 -9.33 35.25
CA ASP A 367 -14.70 -9.12 35.22
C ASP A 367 -15.28 -9.48 33.86
N GLU A 368 -14.63 -9.06 32.78
CA GLU A 368 -15.13 -9.41 31.46
C GLU A 368 -15.08 -10.91 31.24
N LEU A 369 -14.03 -11.57 31.74
CA LEU A 369 -13.91 -13.02 31.60
C LEU A 369 -15.09 -13.74 32.25
N LYS A 370 -15.46 -13.32 33.46
CA LYS A 370 -16.61 -13.88 34.14
C LYS A 370 -17.88 -13.66 33.33
N THR A 371 -18.02 -12.48 32.73
CA THR A 371 -19.19 -12.18 31.93
C THR A 371 -19.26 -13.08 30.71
N TYR A 372 -18.13 -13.21 30.00
CA TYR A 372 -18.12 -13.97 28.76
C TYR A 372 -18.41 -15.44 29.03
N MET A 373 -17.85 -15.97 30.11
CA MET A 373 -18.01 -17.38 30.39
C MET A 373 -19.36 -17.68 31.01
N THR A 374 -19.92 -16.73 31.76
CA THR A 374 -21.28 -16.90 32.24
C THR A 374 -22.24 -16.98 31.08
N ARG A 375 -22.11 -16.04 30.13
CA ARG A 375 -23.00 -16.03 28.98
C ARG A 375 -22.83 -17.30 28.15
N SER A 376 -21.59 -17.69 27.88
CA SER A 376 -21.39 -18.84 27.02
C SER A 376 -21.88 -20.12 27.69
N PHE A 377 -21.75 -20.22 29.02
CA PHE A 377 -22.33 -21.39 29.68
C PHE A 377 -23.85 -21.40 29.55
N LYS A 378 -24.50 -20.24 29.72
CA LYS A 378 -25.95 -20.18 29.54
C LYS A 378 -26.36 -20.63 28.15
N ASP A 379 -25.68 -20.12 27.13
CA ASP A 379 -25.99 -20.54 25.77
C ASP A 379 -25.72 -22.03 25.61
N LEU A 380 -24.64 -22.50 26.22
CA LEU A 380 -24.29 -23.90 26.17
C LEU A 380 -25.38 -24.74 26.85
N LYS A 381 -25.88 -24.26 27.97
CA LYS A 381 -26.95 -24.95 28.65
C LYS A 381 -28.18 -25.05 27.76
N GLU A 382 -28.57 -23.93 27.13
CA GLU A 382 -29.80 -23.91 26.36
C GLU A 382 -29.72 -24.74 25.08
N MET A 383 -28.52 -24.89 24.53
CA MET A 383 -28.37 -25.78 23.38
C MET A 383 -28.62 -27.23 23.79
N CYS A 384 -28.14 -27.63 24.98
CA CYS A 384 -28.41 -28.97 25.47
C CYS A 384 -29.89 -29.23 25.67
N LYS A 385 -30.61 -28.26 26.22
CA LYS A 385 -32.05 -28.42 26.40
C LYS A 385 -32.75 -28.53 25.04
N THR A 386 -32.27 -27.75 24.07
CA THR A 386 -32.87 -27.74 22.74
C THR A 386 -32.68 -29.07 22.04
N HIS A 387 -31.52 -29.68 22.16
CA HIS A 387 -31.23 -30.88 21.38
C HIS A 387 -31.17 -32.13 22.24
N SER A 388 -31.47 -32.02 23.53
CA SER A 388 -31.53 -33.16 24.45
C SER A 388 -30.24 -33.96 24.41
N CYS A 389 -29.12 -33.25 24.52
CA CYS A 389 -27.81 -33.84 24.37
C CYS A 389 -26.96 -33.52 25.59
N ASP A 390 -25.78 -34.14 25.64
CA ASP A 390 -24.86 -33.89 26.74
C ASP A 390 -24.12 -32.58 26.50
N LEU A 391 -23.34 -32.17 27.53
CA LEU A 391 -22.67 -30.88 27.48
C LEU A 391 -21.69 -30.80 26.31
N ARG A 392 -20.95 -31.86 26.04
CA ARG A 392 -19.97 -31.80 24.97
C ARG A 392 -20.65 -31.53 23.64
N MET A 393 -21.73 -32.25 23.35
CA MET A 393 -22.42 -32.05 22.09
C MET A 393 -23.08 -30.68 22.04
N GLY A 394 -23.57 -30.20 23.19
CA GLY A 394 -24.10 -28.85 23.24
C GLY A 394 -23.07 -27.80 22.83
N ALA A 395 -21.80 -28.02 23.22
CA ALA A 395 -20.77 -27.07 22.87
C ALA A 395 -20.48 -27.07 21.37
N PHE A 396 -20.35 -28.27 20.77
CA PHE A 396 -20.09 -28.33 19.34
C PHE A 396 -21.25 -27.77 18.52
N THR A 397 -22.48 -28.14 18.85
CA THR A 397 -23.62 -27.60 18.09
C THR A 397 -23.69 -26.09 18.25
N LEU A 398 -23.40 -25.59 19.46
CA LEU A 398 -23.37 -24.15 19.65
C LEU A 398 -22.30 -23.52 18.78
N GLY A 399 -21.10 -24.11 18.75
CA GLY A 399 -20.02 -23.54 17.97
C GLY A 399 -20.28 -23.63 16.48
N VAL A 400 -20.69 -24.81 16.01
CA VAL A 400 -20.93 -24.97 14.59
C VAL A 400 -22.09 -24.10 14.13
N ASN A 401 -23.10 -23.90 14.98
CA ASN A 401 -24.23 -23.07 14.58
C ASN A 401 -23.79 -21.64 14.30
N ARG A 402 -22.98 -21.08 15.20
CA ARG A 402 -22.56 -19.69 15.04
C ARG A 402 -21.73 -19.50 13.79
N VAL A 403 -20.79 -20.40 13.53
CA VAL A 403 -19.97 -20.31 12.33
C VAL A 403 -20.85 -20.42 11.11
N ALA A 404 -21.78 -21.37 11.13
CA ALA A 404 -22.66 -21.56 9.98
C ALA A 404 -23.53 -20.33 9.71
N GLN A 405 -24.06 -19.72 10.77
CA GLN A 405 -24.88 -18.53 10.55
C GLN A 405 -24.07 -17.40 9.94
N ALA A 406 -22.89 -17.13 10.50
CA ALA A 406 -22.03 -16.08 9.96
C ALA A 406 -21.67 -16.37 8.52
N THR A 407 -21.35 -17.63 8.22
CA THR A 407 -21.04 -18.01 6.84
C THR A 407 -22.21 -17.70 5.91
N ILE A 408 -23.43 -18.06 6.34
CA ILE A 408 -24.60 -17.86 5.50
C ILE A 408 -24.91 -16.38 5.32
N LEU A 409 -24.84 -15.61 6.41
CA LEU A 409 -25.11 -14.18 6.29
C LEU A 409 -24.18 -13.50 5.31
N ARG A 410 -22.92 -13.95 5.23
CA ARG A 410 -21.95 -13.30 4.34
C ARG A 410 -22.10 -13.73 2.89
N GLY A 411 -22.63 -14.94 2.64
CA GLY A 411 -23.01 -15.34 1.30
C GLY A 411 -21.86 -15.89 0.46
N TRP A 412 -22.22 -16.43 -0.72
CA TRP A 412 -21.25 -17.03 -1.63
C TRP A 412 -21.46 -16.42 -3.01
N GLY A 413 -20.62 -15.44 -3.37
CA GLY A 413 -20.60 -15.00 -4.75
C GLY A 413 -21.93 -14.42 -5.20
N ALA A 414 -22.61 -15.15 -6.09
CA ALA A 414 -23.92 -14.73 -6.55
C ALA A 414 -24.99 -15.63 -5.94
N ALA B 6 9.41 -41.58 -15.90
CA ALA B 6 10.49 -40.67 -16.29
C ALA B 6 10.27 -39.28 -15.67
N LEU B 7 9.06 -39.06 -15.15
CA LEU B 7 8.77 -37.82 -14.41
C LEU B 7 9.29 -37.90 -12.98
N ALA B 8 8.93 -38.94 -12.24
CA ALA B 8 9.51 -39.11 -10.92
C ALA B 8 11.03 -39.25 -10.98
N ALA B 9 11.58 -39.52 -12.17
CA ALA B 9 13.01 -39.52 -12.38
C ALA B 9 13.60 -38.13 -12.23
N THR B 10 12.77 -37.09 -12.12
CA THR B 10 13.25 -35.72 -11.97
C THR B 10 14.22 -35.59 -10.79
N ASN B 11 13.82 -36.09 -9.61
CA ASN B 11 14.75 -36.02 -8.48
C ASN B 11 16.04 -36.76 -8.80
N ARG B 12 15.96 -37.80 -9.63
CA ARG B 12 17.16 -38.52 -10.01
C ARG B 12 18.10 -37.60 -10.78
N ASN B 13 17.57 -36.90 -11.78
CA ASN B 13 18.38 -35.93 -12.52
C ASN B 13 18.94 -34.84 -11.60
N PHE B 14 18.11 -34.32 -10.67
CA PHE B 14 18.60 -33.28 -9.77
C PHE B 14 19.69 -33.80 -8.84
N LYS B 15 19.42 -34.93 -8.16
CA LYS B 15 20.39 -35.52 -7.24
C LYS B 15 21.69 -35.86 -7.94
N LEU B 16 21.62 -36.27 -9.21
CA LEU B 16 22.82 -36.50 -10.00
C LEU B 16 23.55 -35.20 -10.27
N ALA B 17 22.82 -34.19 -10.75
CA ALA B 17 23.44 -32.91 -11.05
C ALA B 17 24.11 -32.31 -9.83
N ALA B 18 23.43 -32.37 -8.68
CA ALA B 18 24.03 -31.88 -7.45
C ALA B 18 25.33 -32.61 -7.15
N ARG B 19 25.43 -33.88 -7.54
CA ARG B 19 26.67 -34.61 -7.33
C ARG B 19 27.71 -34.26 -8.38
N LEU B 20 27.28 -34.00 -9.62
CA LEU B 20 28.21 -33.58 -10.66
C LEU B 20 28.83 -32.24 -10.28
N LEU B 21 28.00 -31.28 -9.87
CA LEU B 21 28.46 -30.11 -9.16
C LEU B 21 28.94 -30.52 -7.78
N GLY B 22 29.61 -29.61 -7.09
CA GLY B 22 30.08 -30.00 -5.78
C GLY B 22 29.11 -29.65 -4.67
N LEU B 23 27.81 -29.60 -4.96
CA LEU B 23 26.84 -28.97 -4.07
C LEU B 23 26.86 -29.56 -2.67
N ASP B 24 26.95 -28.67 -1.68
CA ASP B 24 26.80 -29.07 -0.29
C ASP B 24 25.44 -29.72 -0.07
N SER B 25 25.45 -30.77 0.75
CA SER B 25 24.24 -31.52 1.03
C SER B 25 23.17 -30.65 1.70
N LYS B 26 23.57 -29.69 2.52
CA LYS B 26 22.61 -28.78 3.14
C LYS B 26 22.01 -27.84 2.11
N LEU B 27 22.83 -27.31 1.19
CA LEU B 27 22.27 -26.47 0.14
C LEU B 27 21.40 -27.29 -0.79
N GLU B 28 21.80 -28.54 -1.06
CA GLU B 28 20.97 -29.39 -1.90
C GLU B 28 19.59 -29.58 -1.31
N LYS B 29 19.50 -29.83 -0.01
CA LYS B 29 18.20 -30.02 0.62
C LYS B 29 17.35 -28.77 0.52
N SER B 30 17.96 -27.60 0.69
CA SER B 30 17.22 -26.35 0.60
C SER B 30 16.67 -26.17 -0.81
N LEU B 31 17.47 -26.53 -1.82
CA LEU B 31 16.99 -26.41 -3.20
C LEU B 31 15.82 -27.36 -3.47
N LEU B 32 15.77 -28.49 -2.77
CA LEU B 32 14.64 -29.39 -2.94
C LEU B 32 13.39 -28.82 -2.29
N ILE B 33 13.53 -28.17 -1.15
CA ILE B 33 12.36 -27.66 -0.44
C ILE B 33 11.77 -26.49 -1.22
N PRO B 34 10.51 -26.57 -1.61
CA PRO B 34 9.87 -25.45 -2.29
C PRO B 34 9.68 -24.29 -1.32
N PHE B 35 9.74 -23.09 -1.90
CA PHE B 35 9.62 -21.85 -1.15
C PHE B 35 8.28 -21.75 -0.43
N ARG B 36 7.19 -22.16 -1.11
CA ARG B 36 5.84 -22.02 -0.59
C ARG B 36 4.91 -23.05 -1.21
N GLU B 37 4.00 -23.56 -0.40
CA GLU B 37 2.91 -24.43 -0.86
C GLU B 37 1.62 -23.87 -0.30
N ILE B 38 0.65 -23.65 -1.19
CA ILE B 38 -0.60 -23.00 -0.81
C ILE B 38 -1.75 -23.90 -1.20
N LYS B 39 -2.67 -24.13 -0.26
CA LYS B 39 -3.98 -24.71 -0.57
C LYS B 39 -5.08 -23.72 -0.16
N VAL B 40 -6.04 -23.50 -1.05
CA VAL B 40 -7.14 -22.56 -0.78
C VAL B 40 -8.47 -23.21 -1.11
N GLU B 41 -9.50 -22.84 -0.35
CA GLU B 41 -10.85 -23.28 -0.62
C GLU B 41 -11.48 -22.44 -1.72
N CYS B 42 -12.05 -23.11 -2.74
CA CYS B 42 -12.79 -22.45 -3.80
C CYS B 42 -14.22 -23.00 -3.78
N THR B 43 -15.14 -22.29 -3.13
CA THR B 43 -16.55 -22.66 -3.11
C THR B 43 -17.32 -21.70 -4.00
N ILE B 44 -18.15 -22.24 -4.89
CA ILE B 44 -18.93 -21.37 -5.75
C ILE B 44 -20.38 -21.82 -5.75
N PRO B 45 -21.33 -20.94 -6.03
CA PRO B 45 -22.68 -21.39 -6.34
C PRO B 45 -22.72 -21.95 -7.75
N LYS B 46 -23.27 -23.15 -7.89
CA LYS B 46 -23.46 -23.75 -9.19
C LYS B 46 -24.66 -23.12 -9.89
N ASP B 47 -24.81 -23.45 -11.16
CA ASP B 47 -25.92 -22.88 -11.93
C ASP B 47 -27.26 -23.24 -11.30
N ASP B 48 -27.35 -24.39 -10.65
CA ASP B 48 -28.57 -24.78 -9.96
C ASP B 48 -28.72 -24.14 -8.58
N GLY B 49 -27.82 -23.24 -8.21
CA GLY B 49 -27.90 -22.60 -6.91
C GLY B 49 -27.15 -23.33 -5.80
N THR B 50 -27.06 -24.66 -5.88
CA THR B 50 -26.37 -25.41 -4.84
C THR B 50 -24.88 -25.06 -4.80
N LEU B 51 -24.27 -25.32 -3.65
CA LEU B 51 -22.85 -25.04 -3.46
C LEU B 51 -21.99 -26.14 -4.07
N ALA B 52 -20.79 -25.75 -4.50
CA ALA B 52 -19.76 -26.70 -4.90
C ALA B 52 -18.44 -26.20 -4.34
N SER B 53 -17.69 -27.10 -3.70
CA SER B 53 -16.42 -26.75 -3.06
C SER B 53 -15.28 -27.43 -3.80
N PHE B 54 -14.27 -26.65 -4.17
CA PHE B 54 -13.06 -27.20 -4.78
C PHE B 54 -11.84 -26.70 -4.03
N VAL B 55 -10.74 -27.45 -4.13
CA VAL B 55 -9.46 -27.01 -3.57
C VAL B 55 -8.57 -26.51 -4.69
N GLY B 56 -8.16 -25.25 -4.59
CA GLY B 56 -7.11 -24.73 -5.44
C GLY B 56 -5.78 -24.81 -4.74
N PHE B 57 -4.71 -24.74 -5.52
CA PHE B 57 -3.38 -24.88 -4.92
C PHE B 57 -2.34 -24.26 -5.83
N ARG B 58 -1.18 -23.98 -5.24
CA ARG B 58 -0.05 -23.45 -5.99
C ARG B 58 1.19 -23.79 -5.19
N VAL B 59 2.08 -24.55 -5.80
CA VAL B 59 3.42 -24.79 -5.25
C VAL B 59 4.35 -23.79 -5.91
N GLN B 60 5.01 -23.00 -5.08
CA GLN B 60 5.95 -21.99 -5.54
C GLN B 60 7.33 -22.48 -5.15
N HIS B 61 8.01 -23.12 -6.09
CA HIS B 61 9.16 -23.91 -5.70
C HIS B 61 10.36 -23.04 -5.34
N ASP B 62 10.76 -22.14 -6.24
CA ASP B 62 11.99 -21.39 -6.05
C ASP B 62 11.88 -20.06 -6.78
N ASN B 63 12.39 -18.99 -6.15
CA ASN B 63 12.35 -17.67 -6.76
C ASN B 63 13.70 -16.97 -6.70
N ALA B 64 14.78 -17.73 -6.52
CA ALA B 64 16.11 -17.13 -6.43
C ALA B 64 16.42 -16.31 -7.68
N ARG B 65 16.06 -16.81 -8.85
CA ARG B 65 16.46 -16.18 -10.09
C ARG B 65 15.39 -15.25 -10.64
N GLY B 66 14.33 -14.97 -9.89
CA GLY B 66 13.30 -14.07 -10.36
C GLY B 66 11.89 -14.54 -10.05
N PRO B 67 10.89 -13.91 -10.66
CA PRO B 67 9.49 -14.28 -10.38
C PRO B 67 9.23 -15.70 -10.80
N MET B 68 8.28 -16.34 -10.11
CA MET B 68 7.96 -17.72 -10.44
C MET B 68 7.04 -17.81 -11.64
N LYS B 69 7.12 -18.93 -12.33
CA LYS B 69 6.42 -19.15 -13.59
C LYS B 69 5.90 -20.58 -13.56
N GLY B 70 4.65 -20.78 -13.96
CA GLY B 70 4.08 -22.11 -13.97
C GLY B 70 2.62 -22.11 -14.38
N GLY B 71 2.19 -23.27 -14.88
CA GLY B 71 0.84 -23.37 -15.40
C GLY B 71 -0.21 -23.62 -14.33
N ILE B 72 -1.45 -23.36 -14.71
CA ILE B 72 -2.62 -23.63 -13.88
C ILE B 72 -3.37 -24.79 -14.52
N ARG B 73 -3.53 -25.87 -13.78
CA ARG B 73 -4.15 -27.09 -14.28
C ARG B 73 -5.55 -27.29 -13.69
N TYR B 74 -6.56 -27.36 -14.53
CA TYR B 74 -7.90 -27.75 -14.11
C TYR B 74 -8.08 -29.23 -14.38
N HIS B 75 -7.89 -30.04 -13.35
CA HIS B 75 -7.97 -31.46 -13.59
C HIS B 75 -8.41 -32.09 -12.27
N PRO B 76 -9.22 -33.13 -12.32
CA PRO B 76 -9.70 -33.73 -11.06
C PRO B 76 -8.65 -34.53 -10.31
N GLU B 77 -7.66 -35.07 -11.00
CA GLU B 77 -6.62 -35.88 -10.40
C GLU B 77 -5.43 -34.98 -10.06
N VAL B 78 -5.06 -34.89 -8.79
CA VAL B 78 -3.95 -34.05 -8.33
C VAL B 78 -3.06 -34.87 -7.41
N ASP B 79 -1.88 -35.24 -7.90
CA ASP B 79 -0.88 -35.90 -7.06
C ASP B 79 0.04 -34.84 -6.47
N PRO B 80 0.14 -34.74 -5.15
CA PRO B 80 1.03 -33.72 -4.57
C PRO B 80 2.47 -33.88 -5.03
N ASP B 81 2.98 -35.11 -5.13
CA ASP B 81 4.36 -35.28 -5.57
C ASP B 81 4.54 -34.78 -6.99
N GLU B 82 3.59 -35.10 -7.88
CA GLU B 82 3.74 -34.67 -9.27
C GLU B 82 3.73 -33.15 -9.36
N VAL B 83 2.81 -32.51 -8.65
CA VAL B 83 2.74 -31.07 -8.68
C VAL B 83 4.08 -30.49 -8.23
N ASN B 84 4.65 -31.04 -7.15
CA ASN B 84 5.92 -30.53 -6.68
C ASN B 84 7.03 -30.80 -7.69
N ALA B 85 7.00 -31.97 -8.33
CA ALA B 85 8.03 -32.31 -9.31
C ALA B 85 8.01 -31.35 -10.49
N LEU B 86 6.82 -31.03 -11.00
CA LEU B 86 6.74 -30.10 -12.13
C LEU B 86 7.18 -28.71 -11.72
N ALA B 87 6.81 -28.26 -10.52
CA ALA B 87 7.28 -26.96 -10.08
C ALA B 87 8.80 -26.94 -10.01
N GLN B 88 9.40 -28.04 -9.51
CA GLN B 88 10.84 -28.08 -9.47
C GLN B 88 11.43 -28.12 -10.87
N LEU B 89 10.82 -28.91 -11.76
CA LEU B 89 11.29 -28.96 -13.14
C LEU B 89 11.32 -27.57 -13.76
N MET B 90 10.27 -26.78 -13.53
CA MET B 90 10.21 -25.45 -14.12
C MET B 90 11.33 -24.57 -13.60
N THR B 91 11.73 -24.75 -12.34
CA THR B 91 12.86 -24.00 -11.81
C THR B 91 14.12 -24.27 -12.62
N TRP B 92 14.40 -25.55 -12.93
CA TRP B 92 15.59 -25.85 -13.73
C TRP B 92 15.43 -25.41 -15.17
N LYS B 93 14.23 -25.59 -15.74
CA LYS B 93 14.02 -25.26 -17.14
C LYS B 93 14.22 -23.78 -17.42
N THR B 94 13.63 -22.91 -16.59
CA THR B 94 13.82 -21.48 -16.76
C THR B 94 15.29 -21.12 -16.60
N ALA B 95 16.01 -21.89 -15.79
CA ALA B 95 17.44 -21.66 -15.63
C ALA B 95 18.19 -22.09 -16.87
N VAL B 96 17.79 -23.21 -17.47
CA VAL B 96 18.40 -23.62 -18.73
C VAL B 96 18.13 -22.60 -19.83
N ALA B 97 16.91 -22.06 -19.86
CA ALA B 97 16.53 -21.10 -20.90
C ALA B 97 17.23 -19.77 -20.74
N LYS B 98 17.83 -19.51 -19.57
CA LYS B 98 18.43 -18.23 -19.26
C LYS B 98 17.38 -17.13 -19.24
N ILE B 99 16.18 -17.47 -18.79
CA ILE B 99 15.14 -16.47 -18.56
C ILE B 99 15.01 -16.29 -17.05
N PRO B 100 14.77 -15.09 -16.59
CA PRO B 100 14.86 -14.79 -15.14
C PRO B 100 13.59 -15.15 -14.38
N TYR B 101 13.24 -16.42 -14.37
CA TYR B 101 12.06 -16.90 -13.66
C TYR B 101 12.48 -17.99 -12.70
N GLY B 102 11.62 -18.23 -11.70
CA GLY B 102 11.64 -19.45 -10.93
C GLY B 102 10.49 -20.37 -11.32
N GLY B 103 10.44 -21.51 -10.65
CA GLY B 103 9.49 -22.55 -10.97
C GLY B 103 8.29 -22.56 -10.04
N ALA B 104 7.10 -22.74 -10.62
CA ALA B 104 5.87 -22.87 -9.87
C ALA B 104 4.90 -23.77 -10.63
N LYS B 105 3.86 -24.20 -9.93
CA LYS B 105 2.82 -25.03 -10.55
C LYS B 105 1.58 -25.00 -9.68
N GLY B 106 0.42 -24.82 -10.30
CA GLY B 106 -0.83 -24.77 -9.55
C GLY B 106 -2.03 -25.33 -10.27
N GLY B 107 -3.22 -25.15 -9.71
CA GLY B 107 -4.42 -25.61 -10.36
C GLY B 107 -5.57 -25.75 -9.36
N ILE B 108 -6.66 -26.30 -9.87
CA ILE B 108 -7.85 -26.62 -9.10
C ILE B 108 -8.23 -28.08 -9.38
N GLY B 109 -8.42 -28.87 -8.33
CA GLY B 109 -8.92 -30.21 -8.55
C GLY B 109 -10.39 -30.19 -8.92
N CYS B 110 -10.68 -30.40 -10.20
CA CYS B 110 -12.04 -30.30 -10.70
C CYS B 110 -12.05 -30.80 -12.14
N ASP B 111 -13.24 -31.21 -12.60
CA ASP B 111 -13.42 -31.73 -13.96
C ASP B 111 -14.19 -30.72 -14.77
N PRO B 112 -13.54 -29.93 -15.62
CA PRO B 112 -14.27 -28.91 -16.39
C PRO B 112 -15.34 -29.48 -17.30
N SER B 113 -15.19 -30.73 -17.76
CA SER B 113 -16.21 -31.31 -18.61
C SER B 113 -17.55 -31.49 -17.89
N LYS B 114 -17.57 -31.32 -16.57
CA LYS B 114 -18.79 -31.42 -15.78
C LYS B 114 -19.22 -30.07 -15.22
N LEU B 115 -18.65 -28.98 -15.72
CA LEU B 115 -18.98 -27.64 -15.26
C LEU B 115 -19.44 -26.81 -16.45
N SER B 116 -20.47 -26.00 -16.24
CA SER B 116 -20.87 -25.09 -17.30
C SER B 116 -19.83 -23.98 -17.45
N ILE B 117 -19.83 -23.34 -18.61
CA ILE B 117 -18.87 -22.26 -18.83
C ILE B 117 -19.08 -21.12 -17.85
N SER B 118 -20.34 -20.86 -17.48
CA SER B 118 -20.55 -19.81 -16.47
C SER B 118 -19.98 -20.24 -15.13
N GLU B 119 -20.09 -21.53 -14.80
CA GLU B 119 -19.49 -22.01 -13.56
C GLU B 119 -17.97 -21.93 -13.62
N LEU B 120 -17.37 -22.20 -14.79
CA LEU B 120 -15.92 -22.15 -14.90
C LEU B 120 -15.38 -20.74 -14.73
N GLU B 121 -16.07 -19.74 -15.25
CA GLU B 121 -15.65 -18.38 -15.00
C GLU B 121 -15.76 -18.06 -13.52
N ARG B 122 -16.90 -18.42 -12.94
CA ARG B 122 -17.15 -18.23 -11.51
C ARG B 122 -16.06 -18.88 -10.66
N LEU B 123 -15.74 -20.14 -10.97
CA LEU B 123 -14.69 -20.85 -10.24
C LEU B 123 -13.34 -20.17 -10.44
N THR B 124 -13.03 -19.75 -11.67
CA THR B 124 -11.74 -19.09 -11.91
C THR B 124 -11.64 -17.79 -11.14
N ARG B 125 -12.73 -17.02 -11.10
CA ARG B 125 -12.66 -15.76 -10.39
C ARG B 125 -12.47 -15.97 -8.89
N VAL B 126 -13.14 -16.96 -8.29
CA VAL B 126 -12.95 -17.20 -6.86
C VAL B 126 -11.50 -17.61 -6.58
N PHE B 127 -10.97 -18.53 -7.38
CA PHE B 127 -9.58 -18.94 -7.23
C PHE B 127 -8.63 -17.75 -7.29
N THR B 128 -8.84 -16.85 -8.25
CA THR B 128 -8.02 -15.64 -8.33
C THR B 128 -8.17 -14.80 -7.07
N GLN B 129 -9.39 -14.61 -6.59
CA GLN B 129 -9.60 -13.87 -5.35
C GLN B 129 -8.89 -14.53 -4.19
N LYS B 130 -8.81 -15.86 -4.20
CA LYS B 130 -8.23 -16.58 -3.08
C LYS B 130 -6.71 -16.59 -3.11
N ILE B 131 -6.07 -16.28 -4.24
CA ILE B 131 -4.62 -16.32 -4.34
C ILE B 131 -4.01 -15.02 -4.83
N HIS B 132 -4.81 -13.99 -5.10
CA HIS B 132 -4.24 -12.82 -5.76
C HIS B 132 -3.10 -12.23 -4.98
N ASP B 133 -3.15 -12.31 -3.66
CA ASP B 133 -2.08 -11.75 -2.85
C ASP B 133 -0.83 -12.60 -2.86
N LEU B 134 -0.89 -13.79 -3.46
CA LEU B 134 0.23 -14.72 -3.50
C LEU B 134 0.89 -14.80 -4.88
N ILE B 135 0.34 -14.13 -5.89
CA ILE B 135 0.97 -14.04 -7.20
C ILE B 135 1.14 -12.57 -7.52
N GLY B 136 1.62 -12.26 -8.71
CA GLY B 136 1.80 -10.86 -9.04
C GLY B 136 2.84 -10.66 -10.13
N ILE B 137 2.85 -9.43 -10.63
CA ILE B 137 3.71 -9.03 -11.75
C ILE B 137 5.15 -9.43 -11.52
N HIS B 138 5.62 -9.32 -10.29
CA HIS B 138 7.01 -9.58 -9.96
C HIS B 138 7.16 -10.77 -9.02
N THR B 139 6.09 -11.52 -8.83
CA THR B 139 6.07 -12.61 -7.86
C THR B 139 5.84 -13.97 -8.51
N ASP B 140 4.75 -14.14 -9.24
CA ASP B 140 4.36 -15.44 -9.74
C ASP B 140 3.42 -15.17 -10.89
N VAL B 141 3.78 -15.63 -12.08
CA VAL B 141 3.07 -15.34 -13.31
C VAL B 141 2.52 -16.65 -13.84
N PRO B 142 1.27 -16.97 -13.55
CA PRO B 142 0.69 -18.22 -14.02
C PRO B 142 0.49 -18.21 -15.51
N ALA B 143 0.12 -19.38 -16.02
CA ALA B 143 -0.04 -19.61 -17.44
C ALA B 143 -0.97 -20.80 -17.63
N PRO B 144 -1.53 -21.00 -18.82
CA PRO B 144 -2.42 -22.14 -19.02
C PRO B 144 -1.70 -23.46 -18.90
N ASP B 145 -2.50 -24.50 -18.70
CA ASP B 145 -2.08 -25.88 -18.61
C ASP B 145 -3.30 -26.74 -18.94
N MET B 146 -3.22 -28.03 -18.68
CA MET B 146 -4.34 -28.93 -18.97
C MET B 146 -5.63 -28.42 -18.35
N GLY B 147 -6.65 -28.23 -19.18
CA GLY B 147 -7.95 -27.79 -18.72
C GLY B 147 -8.14 -26.29 -18.66
N THR B 148 -7.10 -25.51 -18.95
CA THR B 148 -7.22 -24.07 -19.04
C THR B 148 -6.64 -23.62 -20.36
N GLY B 149 -6.98 -22.39 -20.74
CA GLY B 149 -6.53 -21.81 -21.99
C GLY B 149 -6.55 -20.29 -21.91
N PRO B 150 -6.42 -19.63 -23.05
CA PRO B 150 -6.39 -18.16 -23.05
C PRO B 150 -7.63 -17.53 -22.42
N GLN B 151 -8.82 -18.11 -22.58
CA GLN B 151 -10.00 -17.52 -21.95
C GLN B 151 -9.87 -17.51 -20.44
N THR B 152 -9.38 -18.61 -19.88
CA THR B 152 -9.13 -18.65 -18.44
C THR B 152 -8.18 -17.54 -18.03
N MET B 153 -7.11 -17.34 -18.79
CA MET B 153 -6.16 -16.30 -18.46
C MET B 153 -6.82 -14.93 -18.52
N ALA B 154 -7.72 -14.74 -19.49
CA ALA B 154 -8.44 -13.48 -19.57
C ALA B 154 -9.23 -13.24 -18.30
N TRP B 155 -9.90 -14.27 -17.80
CA TRP B 155 -10.68 -14.11 -16.57
C TRP B 155 -9.78 -13.80 -15.38
N ILE B 156 -8.65 -14.50 -15.25
CA ILE B 156 -7.74 -14.19 -14.15
C ILE B 156 -7.26 -12.76 -14.24
N LEU B 157 -6.79 -12.37 -15.42
CA LEU B 157 -6.37 -11.00 -15.62
C LEU B 157 -7.47 -10.04 -15.18
N ASP B 158 -8.70 -10.33 -15.59
CA ASP B 158 -9.81 -9.43 -15.28
C ASP B 158 -10.03 -9.33 -13.77
N GLU B 159 -10.08 -10.49 -13.09
CA GLU B 159 -10.36 -10.46 -11.65
C GLU B 159 -9.18 -9.90 -10.86
N TYR B 160 -7.96 -10.33 -11.22
CA TYR B 160 -6.78 -9.80 -10.54
C TYR B 160 -6.73 -8.28 -10.63
N SER B 161 -7.07 -7.73 -11.79
CA SER B 161 -6.99 -6.28 -11.97
C SER B 161 -7.95 -5.54 -11.08
N LYS B 162 -9.01 -6.19 -10.59
CA LYS B 162 -9.86 -5.50 -9.63
C LYS B 162 -9.11 -5.23 -8.34
N PHE B 163 -8.14 -6.08 -8.01
CA PHE B 163 -7.38 -5.96 -6.77
C PHE B 163 -6.10 -5.15 -6.92
N HIS B 164 -5.57 -5.01 -8.13
CA HIS B 164 -4.28 -4.36 -8.27
C HIS B 164 -4.21 -3.43 -9.48
N GLY B 165 -5.35 -3.03 -10.04
CA GLY B 165 -5.30 -2.27 -11.25
C GLY B 165 -4.93 -3.15 -12.42
N TYR B 166 -5.04 -2.60 -13.64
CA TYR B 166 -4.71 -3.34 -14.85
C TYR B 166 -3.32 -3.96 -14.78
N SER B 167 -3.25 -5.28 -14.93
CA SER B 167 -2.00 -6.02 -14.72
C SER B 167 -1.87 -7.12 -15.78
N PRO B 168 -1.76 -6.74 -17.06
CA PRO B 168 -1.64 -7.74 -18.13
C PRO B 168 -0.45 -8.66 -17.98
N ALA B 169 0.61 -8.21 -17.31
CA ALA B 169 1.80 -9.04 -17.16
C ALA B 169 1.64 -10.09 -16.05
N VAL B 170 0.48 -10.18 -15.40
CA VAL B 170 0.30 -11.12 -14.30
C VAL B 170 0.09 -12.54 -14.79
N VAL B 171 -0.34 -12.74 -16.04
CA VAL B 171 -0.48 -14.05 -16.65
C VAL B 171 0.05 -13.98 -18.08
N THR B 172 0.53 -15.11 -18.58
CA THR B 172 0.86 -15.25 -19.99
C THR B 172 -0.11 -16.24 -20.64
N GLY B 173 -0.03 -16.34 -21.96
CA GLY B 173 -1.02 -17.12 -22.68
C GLY B 173 -2.32 -16.39 -22.88
N LYS B 174 -2.31 -15.07 -22.74
CA LYS B 174 -3.52 -14.30 -22.95
C LYS B 174 -3.88 -14.29 -24.43
N PRO B 175 -5.12 -13.97 -24.76
CA PRO B 175 -5.46 -13.64 -26.15
C PRO B 175 -4.65 -12.45 -26.64
N ILE B 176 -4.41 -12.43 -27.96
CA ILE B 176 -3.66 -11.33 -28.55
C ILE B 176 -4.37 -10.01 -28.31
N ASP B 177 -5.70 -10.04 -28.32
CA ASP B 177 -6.50 -8.84 -28.09
C ASP B 177 -6.29 -8.24 -26.71
N LEU B 178 -5.85 -9.04 -25.74
CA LEU B 178 -5.64 -8.56 -24.37
C LEU B 178 -4.16 -8.47 -24.02
N GLY B 179 -3.29 -8.42 -25.01
CA GLY B 179 -1.87 -8.30 -24.73
C GLY B 179 -1.09 -9.59 -24.81
N GLY B 180 -1.67 -10.64 -25.38
CA GLY B 180 -0.92 -11.84 -25.62
C GLY B 180 0.07 -11.64 -26.74
N SER B 181 1.06 -12.51 -26.80
CA SER B 181 2.16 -12.29 -27.73
C SER B 181 1.86 -12.87 -29.11
N LEU B 182 2.33 -12.19 -30.14
CA LEU B 182 2.40 -12.78 -31.45
C LEU B 182 3.42 -13.92 -31.43
N GLY B 183 3.25 -14.89 -32.32
CA GLY B 183 4.18 -16.00 -32.33
C GLY B 183 4.06 -16.93 -31.14
N ARG B 184 3.08 -16.70 -30.27
CA ARG B 184 2.90 -17.58 -29.12
C ARG B 184 2.49 -18.99 -29.56
N ASP B 185 1.71 -19.12 -30.63
CA ASP B 185 1.25 -20.44 -31.04
C ASP B 185 2.39 -21.29 -31.59
N ALA B 186 3.25 -20.71 -32.41
CA ALA B 186 4.31 -21.47 -33.04
C ALA B 186 5.54 -21.62 -32.15
N ALA B 187 5.52 -21.04 -30.95
CA ALA B 187 6.74 -20.87 -30.16
C ALA B 187 7.42 -22.21 -29.89
N THR B 188 6.70 -23.15 -29.28
CA THR B 188 7.32 -24.44 -28.97
C THR B 188 7.77 -25.14 -30.25
N GLY B 189 6.89 -25.16 -31.26
CA GLY B 189 7.26 -25.80 -32.51
C GLY B 189 8.45 -25.15 -33.18
N ARG B 190 8.47 -23.82 -33.23
CA ARG B 190 9.60 -23.12 -33.83
C ARG B 190 10.88 -23.40 -33.04
N GLY B 191 10.75 -23.45 -31.71
CA GLY B 191 11.91 -23.77 -30.88
C GLY B 191 12.52 -25.12 -31.20
N VAL B 192 11.67 -26.11 -31.49
CA VAL B 192 12.18 -27.45 -31.81
C VAL B 192 13.07 -27.40 -33.04
N MET B 193 12.62 -26.71 -34.09
CA MET B 193 13.42 -26.59 -35.30
C MET B 193 14.71 -25.84 -35.02
N PHE B 194 14.65 -24.80 -34.18
CA PHE B 194 15.86 -24.07 -33.80
C PHE B 194 16.86 -25.01 -33.11
N GLY B 195 16.40 -25.76 -32.10
CA GLY B 195 17.31 -26.65 -31.41
C GLY B 195 17.87 -27.73 -32.30
N THR B 196 17.08 -28.20 -33.27
CA THR B 196 17.57 -29.22 -34.19
C THR B 196 18.74 -28.72 -35.01
N GLU B 197 18.63 -27.50 -35.56
CA GLU B 197 19.71 -26.97 -36.37
C GLU B 197 20.94 -26.73 -35.51
N ALA B 198 20.73 -26.23 -34.28
CA ALA B 198 21.84 -26.05 -33.35
C ALA B 198 22.58 -27.36 -33.12
N LEU B 199 21.83 -28.44 -32.87
CA LEU B 199 22.43 -29.74 -32.65
C LEU B 199 23.10 -30.26 -33.92
N LEU B 200 22.43 -30.13 -35.06
CA LEU B 200 23.02 -30.59 -36.30
C LEU B 200 24.26 -29.77 -36.66
N ASN B 201 24.18 -28.43 -36.48
CA ASN B 201 25.34 -27.60 -36.81
C ASN B 201 26.57 -28.03 -36.05
N GLU B 202 26.39 -28.52 -34.82
CA GLU B 202 27.52 -29.04 -34.07
C GLU B 202 28.10 -30.30 -34.69
N HIS B 203 27.35 -31.00 -35.54
CA HIS B 203 27.84 -32.20 -36.18
C HIS B 203 28.16 -31.94 -37.65
N GLY B 204 28.25 -30.68 -38.04
CA GLY B 204 28.52 -30.32 -39.42
C GLY B 204 27.38 -30.61 -40.36
N LYS B 205 26.18 -30.79 -39.85
CA LYS B 205 25.02 -31.15 -40.67
C LYS B 205 23.99 -30.04 -40.60
N THR B 206 23.02 -30.10 -41.51
CA THR B 206 21.93 -29.13 -41.53
C THR B 206 20.60 -29.86 -41.77
N ILE B 207 19.51 -29.14 -41.46
CA ILE B 207 18.18 -29.71 -41.62
C ILE B 207 17.93 -30.16 -43.06
N SER B 208 18.39 -29.35 -44.02
CA SER B 208 18.11 -29.64 -45.43
C SER B 208 18.56 -31.04 -45.79
N GLY B 209 17.62 -31.84 -46.31
CA GLY B 209 17.86 -33.19 -46.73
C GLY B 209 17.51 -34.25 -45.72
N GLN B 210 17.65 -33.96 -44.42
CA GLN B 210 17.48 -34.98 -43.40
C GLN B 210 16.06 -35.53 -43.37
N ARG B 211 15.94 -36.78 -42.96
CA ARG B 211 14.66 -37.48 -42.91
C ARG B 211 14.09 -37.40 -41.50
N PHE B 212 12.86 -36.91 -41.39
CA PHE B 212 12.20 -36.70 -40.10
C PHE B 212 11.00 -37.62 -39.97
N VAL B 213 10.85 -38.19 -38.78
CA VAL B 213 9.64 -38.84 -38.32
C VAL B 213 9.10 -38.05 -37.15
N ILE B 214 7.85 -37.64 -37.25
CA ILE B 214 7.22 -36.81 -36.22
C ILE B 214 6.02 -37.58 -35.67
N GLN B 215 6.14 -38.08 -34.45
CA GLN B 215 5.07 -38.81 -33.81
C GLN B 215 4.24 -37.84 -32.99
N GLY B 216 2.97 -37.70 -33.34
CA GLY B 216 2.12 -36.67 -32.75
C GLY B 216 2.02 -35.52 -33.71
N PHE B 217 0.82 -35.01 -33.95
CA PHE B 217 0.64 -33.93 -34.92
C PHE B 217 -0.29 -32.86 -34.36
N GLY B 218 -0.11 -32.49 -33.10
CA GLY B 218 -0.83 -31.38 -32.52
C GLY B 218 -0.19 -30.06 -32.85
N ASN B 219 -0.42 -29.05 -32.00
CA ASN B 219 0.18 -27.75 -32.21
C ASN B 219 1.68 -27.84 -32.36
N VAL B 220 2.34 -28.52 -31.43
CA VAL B 220 3.80 -28.59 -31.46
C VAL B 220 4.27 -29.40 -32.66
N GLY B 221 3.70 -30.60 -32.83
CA GLY B 221 4.15 -31.46 -33.92
C GLY B 221 3.93 -30.84 -35.29
N SER B 222 2.73 -30.29 -35.52
CA SER B 222 2.45 -29.67 -36.82
C SER B 222 3.36 -28.48 -37.09
N TRP B 223 3.57 -27.62 -36.08
CA TRP B 223 4.41 -26.45 -36.29
C TRP B 223 5.84 -26.85 -36.60
N ALA B 224 6.37 -27.82 -35.88
CA ALA B 224 7.70 -28.33 -36.20
C ALA B 224 7.75 -28.84 -37.63
N ALA B 225 6.82 -29.72 -37.98
CA ALA B 225 6.72 -30.23 -39.34
C ALA B 225 6.64 -29.11 -40.36
N LYS B 226 5.83 -28.09 -40.09
CA LYS B 226 5.72 -26.98 -41.02
C LYS B 226 7.06 -26.28 -41.18
N LEU B 227 7.61 -25.78 -40.07
CA LEU B 227 8.83 -24.99 -40.14
C LEU B 227 10.03 -25.84 -40.54
N ILE B 228 10.05 -27.12 -40.18
CA ILE B 228 11.18 -27.97 -40.56
C ILE B 228 11.14 -28.27 -42.05
N SER B 229 9.96 -28.62 -42.57
CA SER B 229 9.82 -28.84 -44.01
C SER B 229 10.19 -27.59 -44.79
N GLU B 230 9.83 -26.42 -44.26
CA GLU B 230 10.17 -25.17 -44.94
C GLU B 230 11.67 -24.92 -44.94
N LYS B 231 12.42 -25.56 -44.06
CA LYS B 231 13.86 -25.48 -44.05
C LYS B 231 14.53 -26.53 -44.92
N GLY B 232 13.76 -27.31 -45.68
CA GLY B 232 14.31 -28.35 -46.52
C GLY B 232 14.29 -29.73 -45.92
N GLY B 233 13.72 -29.90 -44.72
CA GLY B 233 13.63 -31.20 -44.12
C GLY B 233 12.66 -32.10 -44.86
N LYS B 234 12.97 -33.39 -44.89
CA LYS B 234 12.10 -34.39 -45.50
C LYS B 234 11.36 -35.11 -44.39
N ILE B 235 10.08 -34.81 -44.24
CA ILE B 235 9.24 -35.51 -43.27
C ILE B 235 8.72 -36.78 -43.92
N VAL B 236 9.23 -37.92 -43.49
CA VAL B 236 8.92 -39.19 -44.14
C VAL B 236 7.78 -39.93 -43.46
N ALA B 237 7.43 -39.56 -42.24
CA ALA B 237 6.33 -40.20 -41.53
C ALA B 237 5.84 -39.27 -40.43
N VAL B 238 4.52 -39.23 -40.27
CA VAL B 238 3.90 -38.47 -39.19
C VAL B 238 2.73 -39.31 -38.68
N SER B 239 2.58 -39.36 -37.36
CA SER B 239 1.46 -40.04 -36.73
C SER B 239 0.74 -39.06 -35.81
N ASP B 240 -0.53 -39.34 -35.57
CA ASP B 240 -1.31 -38.58 -34.61
C ASP B 240 -2.36 -39.52 -34.04
N ILE B 241 -3.39 -38.95 -33.40
CA ILE B 241 -4.42 -39.76 -32.77
C ILE B 241 -5.24 -40.54 -33.79
N THR B 242 -5.30 -40.09 -35.04
CA THR B 242 -6.13 -40.76 -36.03
C THR B 242 -5.39 -41.83 -36.81
N GLY B 243 -4.06 -41.85 -36.78
CA GLY B 243 -3.31 -42.87 -37.47
C GLY B 243 -1.95 -42.35 -37.90
N ALA B 244 -1.27 -43.14 -38.73
CA ALA B 244 0.06 -42.83 -39.21
C ALA B 244 0.12 -43.01 -40.72
N ILE B 245 0.83 -42.09 -41.37
CA ILE B 245 0.98 -42.08 -42.82
C ILE B 245 2.46 -41.88 -43.13
N LYS B 246 2.91 -42.44 -44.24
CA LYS B 246 4.32 -42.46 -44.58
C LYS B 246 4.53 -42.08 -46.05
N ASN B 247 5.70 -41.51 -46.34
CA ASN B 247 6.12 -41.26 -47.71
C ASN B 247 7.64 -41.15 -47.71
N LYS B 248 8.32 -42.14 -48.29
CA LYS B 248 9.78 -42.15 -48.22
C LYS B 248 10.40 -41.00 -49.01
N ASP B 249 9.70 -40.44 -49.99
CA ASP B 249 10.19 -39.31 -50.75
C ASP B 249 9.84 -37.97 -50.13
N GLY B 250 9.06 -37.97 -49.04
CA GLY B 250 8.68 -36.74 -48.39
C GLY B 250 7.20 -36.42 -48.45
N ILE B 251 6.62 -36.17 -47.28
CA ILE B 251 5.22 -35.75 -47.17
C ILE B 251 5.12 -34.25 -47.43
N ASP B 252 4.21 -33.88 -48.33
CA ASP B 252 3.93 -32.46 -48.59
C ASP B 252 3.15 -31.89 -47.40
N ILE B 253 3.85 -31.19 -46.51
CA ILE B 253 3.21 -30.75 -45.26
C ILE B 253 2.10 -29.75 -45.51
N PRO B 254 2.28 -28.72 -46.36
CA PRO B 254 1.15 -27.81 -46.64
C PRO B 254 -0.12 -28.53 -47.06
N ALA B 255 -0.01 -29.47 -48.01
CA ALA B 255 -1.18 -30.23 -48.42
C ALA B 255 -1.71 -31.07 -47.27
N LEU B 256 -0.82 -31.69 -46.50
CA LEU B 256 -1.26 -32.50 -45.37
C LEU B 256 -1.97 -31.63 -44.34
N LEU B 257 -1.45 -30.42 -44.10
CA LEU B 257 -2.09 -29.51 -43.15
C LEU B 257 -3.51 -29.17 -43.57
N LYS B 258 -3.75 -28.93 -44.87
CA LYS B 258 -5.12 -28.70 -45.30
C LYS B 258 -5.98 -29.92 -45.05
N HIS B 259 -5.45 -31.12 -45.35
CA HIS B 259 -6.22 -32.34 -45.12
C HIS B 259 -6.55 -32.50 -43.64
N THR B 260 -5.56 -32.27 -42.78
CA THR B 260 -5.76 -32.47 -41.36
C THR B 260 -6.65 -31.39 -40.77
N LYS B 261 -6.58 -30.15 -41.26
CA LYS B 261 -7.51 -29.14 -40.78
C LYS B 261 -8.92 -29.47 -41.26
N GLU B 262 -9.04 -29.92 -42.52
CA GLU B 262 -10.35 -30.31 -43.03
C GLU B 262 -10.85 -31.58 -42.36
N HIS B 263 -10.04 -32.63 -42.38
CA HIS B 263 -10.48 -33.96 -41.96
C HIS B 263 -10.03 -34.32 -40.56
N ARG B 264 -9.60 -33.33 -39.77
CA ARG B 264 -9.31 -33.50 -38.33
C ARG B 264 -8.43 -34.72 -38.05
N GLY B 265 -7.51 -35.00 -38.97
CA GLY B 265 -6.58 -36.10 -38.80
C GLY B 265 -5.81 -36.39 -40.07
N VAL B 266 -4.71 -37.14 -39.96
CA VAL B 266 -3.89 -37.40 -41.13
C VAL B 266 -4.31 -38.63 -41.91
N LYS B 267 -5.19 -39.47 -41.36
CA LYS B 267 -5.54 -40.72 -42.02
C LYS B 267 -6.54 -40.44 -43.12
N GLY B 268 -6.14 -40.67 -44.37
CA GLY B 268 -6.99 -40.41 -45.51
C GLY B 268 -6.33 -39.44 -46.48
N PHE B 269 -5.07 -39.13 -46.21
CA PHE B 269 -4.31 -38.18 -46.98
C PHE B 269 -3.71 -38.90 -48.18
N ASP B 270 -4.19 -38.60 -49.39
CA ASP B 270 -3.47 -39.05 -50.58
C ASP B 270 -2.15 -38.31 -50.66
N GLY B 271 -1.10 -39.03 -51.07
CA GLY B 271 0.26 -38.55 -51.00
C GLY B 271 1.04 -39.09 -49.82
N ALA B 272 0.50 -40.11 -49.14
CA ALA B 272 1.21 -40.83 -48.09
C ALA B 272 0.45 -42.12 -47.82
N ASP B 273 1.16 -43.24 -47.86
CA ASP B 273 0.50 -44.51 -47.59
C ASP B 273 0.27 -44.65 -46.09
N PRO B 274 -0.86 -45.23 -45.68
CA PRO B 274 -1.06 -45.46 -44.25
C PRO B 274 -0.17 -46.61 -43.79
N ILE B 275 0.32 -46.50 -42.56
CA ILE B 275 1.18 -47.51 -41.96
C ILE B 275 0.75 -47.76 -40.52
N ASP B 276 1.33 -48.79 -39.92
CA ASP B 276 1.00 -49.21 -38.56
C ASP B 276 1.33 -48.10 -37.57
N PRO B 277 0.34 -47.61 -36.82
CA PRO B 277 0.62 -46.54 -35.84
C PRO B 277 1.61 -46.93 -34.76
N ASN B 278 1.80 -48.23 -34.53
CA ASN B 278 2.74 -48.70 -33.52
C ASN B 278 4.14 -48.87 -34.09
N SER B 279 4.31 -48.63 -35.38
CA SER B 279 5.60 -48.73 -36.04
C SER B 279 6.27 -47.40 -36.24
N ILE B 280 5.66 -46.30 -35.79
CA ILE B 280 6.10 -44.98 -36.20
C ILE B 280 7.50 -44.68 -35.66
N LEU B 281 7.78 -45.09 -34.41
CA LEU B 281 9.04 -44.75 -33.75
C LEU B 281 10.23 -45.51 -34.32
N VAL B 282 10.01 -46.66 -34.94
CA VAL B 282 11.11 -47.47 -35.44
C VAL B 282 11.28 -47.29 -36.94
N GLU B 283 10.64 -46.29 -37.53
CA GLU B 283 10.83 -46.05 -38.95
C GLU B 283 12.24 -45.54 -39.22
N ASP B 284 12.74 -45.87 -40.40
CA ASP B 284 14.07 -45.44 -40.77
C ASP B 284 14.07 -43.93 -41.03
N CYS B 285 15.03 -43.23 -40.43
CA CYS B 285 15.14 -41.78 -40.61
C CYS B 285 16.46 -41.33 -40.01
N ASP B 286 16.67 -40.02 -40.04
CA ASP B 286 17.79 -39.40 -39.35
C ASP B 286 17.42 -38.82 -38.00
N ILE B 287 16.27 -38.18 -37.95
CA ILE B 287 15.87 -37.39 -36.80
C ILE B 287 14.46 -37.80 -36.44
N LEU B 288 14.29 -38.22 -35.19
CA LEU B 288 13.01 -38.69 -34.69
C LEU B 288 12.48 -37.68 -33.69
N VAL B 289 11.24 -37.24 -33.88
CA VAL B 289 10.66 -36.20 -33.04
C VAL B 289 9.45 -36.73 -32.29
N PRO B 290 9.62 -37.32 -31.11
CA PRO B 290 8.45 -37.64 -30.27
C PRO B 290 7.77 -36.38 -29.78
N ALA B 291 6.54 -36.17 -30.24
CA ALA B 291 5.81 -34.94 -29.98
C ALA B 291 4.39 -35.18 -29.48
N ALA B 292 4.11 -36.36 -28.93
CA ALA B 292 2.79 -36.64 -28.41
C ALA B 292 2.78 -36.90 -26.91
N LEU B 293 3.49 -37.91 -26.43
CA LEU B 293 3.28 -38.43 -25.09
C LEU B 293 4.62 -38.79 -24.47
N GLY B 294 4.61 -39.03 -23.17
CA GLY B 294 5.82 -39.40 -22.49
C GLY B 294 6.08 -40.90 -22.54
N GLY B 295 7.34 -41.26 -22.34
CA GLY B 295 7.69 -42.67 -22.27
C GLY B 295 7.44 -43.45 -23.53
N VAL B 296 7.22 -42.78 -24.66
CA VAL B 296 6.93 -43.55 -25.85
C VAL B 296 8.18 -44.27 -26.34
N ILE B 297 9.36 -43.73 -26.02
CA ILE B 297 10.61 -44.43 -26.27
C ILE B 297 11.03 -45.02 -24.93
N ASN B 298 11.15 -46.34 -24.87
CA ASN B 298 11.26 -46.99 -23.59
C ASN B 298 12.16 -48.21 -23.71
N ARG B 299 12.13 -49.03 -22.67
CA ARG B 299 12.97 -50.20 -22.60
C ARG B 299 12.68 -51.18 -23.73
N GLU B 300 11.42 -51.23 -24.20
CA GLU B 300 11.01 -52.20 -25.22
C GLU B 300 11.37 -51.82 -26.65
N ASN B 301 11.59 -50.55 -26.96
CA ASN B 301 11.79 -50.19 -28.35
C ASN B 301 13.04 -49.35 -28.58
N ALA B 302 13.88 -49.17 -27.56
CA ALA B 302 15.00 -48.25 -27.69
C ALA B 302 16.04 -48.78 -28.66
N ASN B 303 16.32 -50.09 -28.62
CA ASN B 303 17.31 -50.64 -29.51
C ASN B 303 16.88 -50.55 -30.96
N GLU B 304 15.58 -50.44 -31.20
CA GLU B 304 15.03 -50.46 -32.55
C GLU B 304 14.93 -49.07 -33.14
N ILE B 305 15.41 -48.04 -32.44
CA ILE B 305 15.43 -46.70 -33.03
C ILE B 305 16.55 -46.62 -34.06
N LYS B 306 16.22 -46.14 -35.26
CA LYS B 306 17.19 -46.01 -36.33
C LYS B 306 17.70 -44.60 -36.49
N ALA B 307 17.06 -43.63 -35.85
CA ALA B 307 17.48 -42.24 -35.98
C ALA B 307 18.76 -42.02 -35.19
N LYS B 308 19.64 -41.20 -35.73
CA LYS B 308 20.82 -40.84 -34.98
C LYS B 308 20.55 -39.69 -34.02
N PHE B 309 19.43 -39.00 -34.15
CA PHE B 309 19.06 -37.89 -33.29
C PHE B 309 17.60 -38.03 -32.89
N ILE B 310 17.32 -37.82 -31.61
CA ILE B 310 15.95 -37.78 -31.10
C ILE B 310 15.73 -36.39 -30.49
N ILE B 311 14.72 -35.70 -31.01
CA ILE B 311 14.39 -34.34 -30.58
C ILE B 311 13.18 -34.45 -29.66
N GLU B 312 13.39 -34.30 -28.35
CA GLU B 312 12.33 -34.47 -27.36
C GLU B 312 11.42 -33.24 -27.34
N ALA B 313 10.46 -33.21 -28.28
CA ALA B 313 9.50 -32.11 -28.29
C ALA B 313 8.46 -32.29 -27.21
N ALA B 314 7.97 -33.51 -27.01
CA ALA B 314 7.12 -33.81 -25.87
C ALA B 314 7.93 -33.76 -24.58
N ASN B 315 7.25 -33.91 -23.45
CA ASN B 315 7.91 -33.99 -22.15
C ASN B 315 8.11 -35.45 -21.76
N HIS B 316 9.29 -35.75 -21.23
CA HIS B 316 9.66 -37.10 -20.80
C HIS B 316 9.37 -38.20 -21.83
N PRO B 317 9.75 -37.99 -23.11
CA PRO B 317 9.50 -39.05 -24.09
C PRO B 317 10.42 -40.25 -23.94
N THR B 318 11.54 -40.11 -23.22
CA THR B 318 12.55 -41.15 -23.07
C THR B 318 12.71 -41.51 -21.60
N ASP B 319 12.43 -42.78 -21.27
CA ASP B 319 12.63 -43.26 -19.92
C ASP B 319 14.13 -43.40 -19.65
N PRO B 320 14.52 -43.36 -18.37
CA PRO B 320 15.94 -43.54 -18.04
C PRO B 320 16.51 -44.77 -18.72
N ASP B 321 15.70 -45.84 -18.81
CA ASP B 321 16.14 -47.08 -19.44
C ASP B 321 16.57 -46.83 -20.87
N ALA B 322 15.72 -46.17 -21.65
CA ALA B 322 16.05 -45.97 -23.05
C ALA B 322 17.21 -44.99 -23.19
N ASP B 323 17.36 -44.04 -22.27
CA ASP B 323 18.47 -43.08 -22.34
C ASP B 323 19.81 -43.78 -22.49
N GLU B 324 20.06 -44.81 -21.66
CA GLU B 324 21.36 -45.46 -21.73
C GLU B 324 21.50 -46.34 -22.96
N ILE B 325 20.43 -47.04 -23.37
CA ILE B 325 20.51 -47.86 -24.57
C ILE B 325 20.81 -46.98 -25.78
N LEU B 326 20.08 -45.88 -25.91
CA LEU B 326 20.30 -45.00 -27.06
C LEU B 326 21.60 -44.24 -26.93
N SER B 327 22.03 -43.96 -25.70
CA SER B 327 23.34 -43.35 -25.51
C SER B 327 24.45 -44.24 -26.04
N LYS B 328 24.40 -45.52 -25.70
CA LYS B 328 25.47 -46.42 -26.10
C LYS B 328 25.40 -46.74 -27.57
N LYS B 329 24.20 -46.83 -28.14
CA LYS B 329 24.12 -47.01 -29.59
C LYS B 329 24.56 -45.76 -30.35
N GLY B 330 24.91 -44.68 -29.66
CA GLY B 330 25.38 -43.48 -30.30
C GLY B 330 24.30 -42.51 -30.72
N VAL B 331 23.11 -42.63 -30.17
CA VAL B 331 22.03 -41.70 -30.48
C VAL B 331 22.16 -40.47 -29.61
N VAL B 332 22.17 -39.30 -30.24
CA VAL B 332 22.18 -38.04 -29.51
C VAL B 332 20.73 -37.62 -29.30
N ILE B 333 20.38 -37.29 -28.06
CA ILE B 333 19.02 -36.96 -27.70
C ILE B 333 18.98 -35.52 -27.22
N LEU B 334 18.20 -34.69 -27.91
CA LEU B 334 17.99 -33.31 -27.47
C LEU B 334 16.90 -33.35 -26.41
N PRO B 335 17.25 -33.12 -25.15
CA PRO B 335 16.30 -33.39 -24.07
C PRO B 335 15.18 -32.37 -24.01
N ASP B 336 14.02 -32.84 -23.52
CA ASP B 336 12.80 -32.02 -23.47
C ASP B 336 13.04 -30.70 -22.77
N ILE B 337 13.80 -30.72 -21.66
CA ILE B 337 14.01 -29.53 -20.85
C ILE B 337 14.54 -28.37 -21.69
N TYR B 338 15.29 -28.67 -22.75
CA TYR B 338 15.75 -27.67 -23.70
C TYR B 338 14.93 -27.60 -24.98
N ALA B 339 14.55 -28.77 -25.53
CA ALA B 339 14.03 -28.81 -26.90
C ALA B 339 12.72 -28.06 -27.04
N ASN B 340 11.84 -28.14 -26.03
CA ASN B 340 10.55 -27.47 -26.11
C ASN B 340 10.51 -26.20 -25.28
N SER B 341 11.67 -25.64 -24.93
CA SER B 341 11.71 -24.43 -24.11
C SER B 341 11.31 -23.18 -24.89
N GLY B 342 11.10 -23.29 -26.20
CA GLY B 342 10.66 -22.13 -26.96
C GLY B 342 9.36 -21.56 -26.42
N GLY B 343 8.47 -22.43 -25.96
CA GLY B 343 7.24 -22.00 -25.35
C GLY B 343 7.47 -21.11 -24.14
N VAL B 344 8.13 -21.65 -23.11
CA VAL B 344 8.35 -20.86 -21.90
C VAL B 344 9.18 -19.62 -22.21
N THR B 345 10.08 -19.70 -23.19
CA THR B 345 10.88 -18.54 -23.56
C THR B 345 9.98 -17.44 -24.11
N VAL B 346 9.07 -17.81 -25.02
CA VAL B 346 8.21 -16.78 -25.58
C VAL B 346 7.20 -16.29 -24.55
N SER B 347 6.83 -17.13 -23.58
CA SER B 347 5.96 -16.62 -22.51
C SER B 347 6.69 -15.55 -21.71
N TYR B 348 8.00 -15.74 -21.51
CA TYR B 348 8.81 -14.66 -20.97
C TYR B 348 8.73 -13.43 -21.87
N PHE B 349 8.78 -13.63 -23.19
CA PHE B 349 8.69 -12.48 -24.08
C PHE B 349 7.34 -11.78 -23.97
N GLU B 350 6.25 -12.55 -23.85
CA GLU B 350 4.94 -11.94 -23.64
C GLU B 350 4.94 -11.06 -22.41
N TRP B 351 5.50 -11.58 -21.32
CA TRP B 351 5.59 -10.82 -20.08
C TRP B 351 6.44 -9.57 -20.25
N VAL B 352 7.61 -9.71 -20.88
CA VAL B 352 8.47 -8.56 -21.14
C VAL B 352 7.71 -7.50 -21.91
N GLN B 353 6.96 -7.90 -22.93
CA GLN B 353 6.20 -6.93 -23.70
C GLN B 353 5.17 -6.24 -22.82
N ASN B 354 4.54 -6.97 -21.92
CA ASN B 354 3.55 -6.35 -21.06
C ASN B 354 4.23 -5.42 -20.06
N ILE B 355 5.38 -5.84 -19.53
CA ILE B 355 6.16 -4.97 -18.64
C ILE B 355 6.55 -3.69 -19.36
N GLN B 356 6.91 -3.78 -20.63
CA GLN B 356 7.37 -2.59 -21.33
C GLN B 356 6.24 -1.76 -21.93
N GLY B 357 4.99 -2.17 -21.75
CA GLY B 357 3.85 -1.44 -22.29
C GLY B 357 3.81 -1.29 -23.80
N PHE B 358 4.43 -2.23 -24.53
CA PHE B 358 4.63 -2.07 -25.98
C PHE B 358 4.89 -3.43 -26.61
N MET B 359 4.00 -3.87 -27.49
CA MET B 359 4.11 -5.22 -28.07
C MET B 359 5.17 -5.28 -29.17
N TRP B 360 5.73 -6.46 -29.35
CA TRP B 360 6.72 -6.69 -30.39
C TRP B 360 6.09 -7.22 -31.67
N GLU B 361 6.67 -6.84 -32.80
CA GLU B 361 6.38 -7.50 -34.07
C GLU B 361 6.76 -8.96 -33.99
N GLU B 362 6.09 -9.80 -34.78
CA GLU B 362 6.34 -11.24 -34.67
C GLU B 362 7.78 -11.55 -35.05
N GLU B 363 8.32 -10.84 -36.05
CA GLU B 363 9.70 -11.06 -36.44
C GLU B 363 10.66 -10.84 -35.27
N LYS B 364 10.38 -9.85 -34.43
CA LYS B 364 11.22 -9.63 -33.26
C LYS B 364 11.09 -10.77 -32.27
N VAL B 365 9.85 -11.20 -32.02
CA VAL B 365 9.63 -12.34 -31.13
C VAL B 365 10.44 -13.53 -31.57
N ASN B 366 10.32 -13.89 -32.85
CA ASN B 366 11.03 -15.07 -33.35
C ASN B 366 12.53 -14.83 -33.35
N ASP B 367 12.96 -13.62 -33.67
CA ASP B 367 14.39 -13.33 -33.70
C ASP B 367 15.01 -13.39 -32.30
N GLU B 368 14.32 -12.87 -31.29
CA GLU B 368 14.84 -13.00 -29.94
C GLU B 368 14.88 -14.46 -29.52
N LEU B 369 13.86 -15.22 -29.91
CA LEU B 369 13.81 -16.64 -29.60
C LEU B 369 15.02 -17.37 -30.18
N LYS B 370 15.35 -17.10 -31.44
CA LYS B 370 16.55 -17.73 -32.01
C LYS B 370 17.79 -17.37 -31.19
N THR B 371 17.89 -16.12 -30.78
CA THR B 371 19.02 -15.67 -29.98
C THR B 371 19.06 -16.39 -28.65
N TYR B 372 17.90 -16.45 -27.97
CA TYR B 372 17.88 -17.05 -26.65
C TYR B 372 18.17 -18.54 -26.70
N MET B 373 17.64 -19.25 -27.70
CA MET B 373 17.82 -20.69 -27.71
C MET B 373 19.19 -21.11 -28.22
N THR B 374 19.77 -20.37 -29.16
CA THR B 374 21.14 -20.66 -29.56
C THR B 374 22.10 -20.38 -28.40
N ARG B 375 21.97 -19.21 -27.78
CA ARG B 375 22.89 -18.90 -26.70
C ARG B 375 22.75 -19.93 -25.56
N SER B 376 21.52 -20.34 -25.24
CA SER B 376 21.38 -21.36 -24.21
C SER B 376 21.93 -22.69 -24.68
N PHE B 377 21.83 -23.00 -25.97
CA PHE B 377 22.46 -24.23 -26.45
C PHE B 377 23.97 -24.17 -26.30
N LYS B 378 24.54 -22.99 -26.57
CA LYS B 378 25.97 -22.81 -26.40
C LYS B 378 26.40 -23.14 -24.98
N ASP B 379 25.70 -22.57 -23.99
CA ASP B 379 26.02 -22.83 -22.60
C ASP B 379 25.75 -24.28 -22.23
N LEU B 380 24.67 -24.85 -22.75
CA LEU B 380 24.36 -26.25 -22.50
C LEU B 380 25.49 -27.15 -23.01
N LYS B 381 25.95 -26.86 -24.22
CA LYS B 381 27.07 -27.57 -24.81
C LYS B 381 28.32 -27.47 -23.96
N GLU B 382 28.62 -26.26 -23.48
CA GLU B 382 29.85 -26.05 -22.74
C GLU B 382 29.81 -26.76 -21.40
N MET B 383 28.62 -26.91 -20.81
CA MET B 383 28.53 -27.65 -19.55
C MET B 383 28.82 -29.14 -19.75
N CYS B 384 28.32 -29.74 -20.84
CA CYS B 384 28.56 -31.15 -21.10
C CYS B 384 30.06 -31.43 -21.24
N LYS B 385 30.76 -30.57 -21.97
CA LYS B 385 32.20 -30.69 -22.08
C LYS B 385 32.88 -30.54 -20.72
N THR B 386 32.34 -29.67 -19.86
CA THR B 386 32.93 -29.48 -18.54
C THR B 386 32.82 -30.74 -17.70
N HIS B 387 31.69 -31.42 -17.75
CA HIS B 387 31.43 -32.57 -16.90
C HIS B 387 31.42 -33.89 -17.67
N SER B 388 31.73 -33.85 -18.96
CA SER B 388 31.81 -35.06 -19.79
C SER B 388 30.52 -35.86 -19.69
N CYS B 389 29.40 -35.17 -19.85
CA CYS B 389 28.09 -35.78 -19.66
C CYS B 389 27.25 -35.57 -20.91
N ASP B 390 26.12 -36.26 -20.97
CA ASP B 390 25.23 -36.13 -22.12
C ASP B 390 24.38 -34.86 -21.97
N LEU B 391 23.59 -34.57 -23.00
CA LEU B 391 22.87 -33.30 -23.03
C LEU B 391 21.89 -33.17 -21.87
N ARG B 392 21.14 -34.23 -21.56
CA ARG B 392 20.16 -34.11 -20.50
C ARG B 392 20.84 -33.78 -19.18
N MET B 393 21.91 -34.50 -18.86
CA MET B 393 22.63 -34.22 -17.62
C MET B 393 23.32 -32.86 -17.67
N GLY B 394 23.82 -32.49 -18.85
CA GLY B 394 24.37 -31.15 -19.00
C GLY B 394 23.35 -30.08 -18.68
N ALA B 395 22.09 -30.32 -19.06
CA ALA B 395 21.04 -29.32 -18.82
C ALA B 395 20.72 -29.20 -17.35
N PHE B 396 20.55 -30.33 -16.65
CA PHE B 396 20.25 -30.26 -15.22
C PHE B 396 21.38 -29.62 -14.43
N THR B 397 22.62 -30.03 -14.71
CA THR B 397 23.75 -29.45 -13.98
C THR B 397 23.82 -27.95 -14.26
N LEU B 398 23.56 -27.55 -15.50
CA LEU B 398 23.55 -26.13 -15.83
C LEU B 398 22.43 -25.41 -15.08
N GLY B 399 21.24 -26.01 -15.05
CA GLY B 399 20.12 -25.35 -14.39
C GLY B 399 20.31 -25.26 -12.89
N VAL B 400 20.75 -26.36 -12.27
CA VAL B 400 20.96 -26.37 -10.83
C VAL B 400 22.10 -25.45 -10.44
N ASN B 401 23.13 -25.36 -11.29
CA ASN B 401 24.25 -24.47 -10.98
C ASN B 401 23.79 -23.02 -10.95
N ARG B 402 22.98 -22.62 -11.94
CA ARG B 402 22.56 -21.22 -12.01
C ARG B 402 21.72 -20.84 -10.80
N VAL B 403 20.76 -21.70 -10.41
CA VAL B 403 19.94 -21.42 -9.24
C VAL B 403 20.82 -21.36 -8.00
N ALA B 404 21.75 -22.31 -7.87
CA ALA B 404 22.62 -22.33 -6.71
C ALA B 404 23.43 -21.05 -6.63
N GLN B 405 23.88 -20.54 -7.78
CA GLN B 405 24.66 -19.32 -7.80
C GLN B 405 23.85 -18.15 -7.26
N ALA B 406 22.64 -17.97 -7.79
CA ALA B 406 21.76 -16.92 -7.32
C ALA B 406 21.41 -17.09 -5.86
N THR B 407 21.10 -18.32 -5.44
CA THR B 407 20.79 -18.56 -4.03
C THR B 407 21.95 -18.15 -3.12
N ILE B 408 23.17 -18.51 -3.50
CA ILE B 408 24.34 -18.20 -2.67
C ILE B 408 24.63 -16.70 -2.69
N LEU B 409 24.54 -16.06 -3.85
CA LEU B 409 24.75 -14.61 -3.92
C LEU B 409 23.75 -13.85 -3.06
N ARG B 410 22.51 -14.33 -2.95
CA ARG B 410 21.53 -13.60 -2.17
C ARG B 410 21.65 -13.87 -0.68
N GLY B 411 22.17 -15.02 -0.30
CA GLY B 411 22.54 -15.28 1.07
C GLY B 411 21.37 -15.69 1.94
N TRP B 412 21.70 -16.09 3.18
CA TRP B 412 20.71 -16.54 4.14
C TRP B 412 20.82 -15.74 5.42
N GLY B 413 21.07 -14.45 5.30
CA GLY B 413 21.07 -13.57 6.45
C GLY B 413 22.20 -13.81 7.42
N ALA B 414 23.42 -13.97 6.90
CA ALA B 414 24.63 -14.13 7.70
C ALA B 414 24.57 -15.37 8.58
N LEU C 7 -37.34 19.88 0.30
CA LEU C 7 -36.14 19.37 -0.35
C LEU C 7 -35.40 20.50 -1.06
N ALA C 8 -36.08 21.18 -1.99
CA ALA C 8 -35.49 22.41 -2.52
C ALA C 8 -35.34 23.47 -1.44
N ALA C 9 -36.06 23.30 -0.32
CA ALA C 9 -35.96 24.19 0.83
C ALA C 9 -34.66 24.03 1.59
N THR C 10 -33.95 22.92 1.41
CA THR C 10 -32.73 22.69 2.17
C THR C 10 -31.77 23.86 2.00
N ASN C 11 -31.54 24.29 0.76
CA ASN C 11 -30.65 25.43 0.57
C ASN C 11 -31.17 26.67 1.29
N ARG C 12 -32.49 26.84 1.36
CA ARG C 12 -33.03 28.03 2.01
C ARG C 12 -32.74 28.03 3.51
N ASN C 13 -32.97 26.89 4.17
CA ASN C 13 -32.59 26.79 5.57
C ASN C 13 -31.09 27.03 5.74
N PHE C 14 -30.28 26.48 4.83
CA PHE C 14 -28.84 26.65 4.91
C PHE C 14 -28.46 28.11 4.75
N LYS C 15 -28.93 28.74 3.67
CA LYS C 15 -28.60 30.14 3.43
C LYS C 15 -29.02 31.03 4.59
N LEU C 16 -30.15 30.70 5.24
CA LEU C 16 -30.57 31.47 6.40
C LEU C 16 -29.60 31.31 7.56
N ALA C 17 -29.22 30.07 7.88
CA ALA C 17 -28.25 29.88 8.94
C ALA C 17 -26.94 30.56 8.60
N ALA C 18 -26.49 30.43 7.34
CA ALA C 18 -25.28 31.13 6.90
C ALA C 18 -25.41 32.64 7.09
N ARG C 19 -26.63 33.16 6.99
CA ARG C 19 -26.84 34.58 7.25
C ARG C 19 -26.90 34.86 8.75
N LEU C 20 -27.49 33.94 9.53
CA LEU C 20 -27.56 34.14 10.97
C LEU C 20 -26.17 34.16 11.59
N LEU C 21 -25.37 33.14 11.26
CA LEU C 21 -23.93 33.23 11.47
C LEU C 21 -23.34 34.27 10.50
N GLY C 22 -22.11 34.67 10.74
CA GLY C 22 -21.58 35.69 9.87
C GLY C 22 -20.84 35.16 8.65
N LEU C 23 -21.25 34.00 8.13
CA LEU C 23 -20.43 33.25 7.18
C LEU C 23 -20.05 34.10 5.97
N ASP C 24 -18.75 34.09 5.68
CA ASP C 24 -18.28 34.68 4.43
C ASP C 24 -18.99 34.01 3.25
N SER C 25 -19.40 34.82 2.28
CA SER C 25 -20.20 34.31 1.17
C SER C 25 -19.46 33.24 0.38
N LYS C 26 -18.14 33.39 0.24
CA LYS C 26 -17.36 32.39 -0.47
C LYS C 26 -17.25 31.09 0.31
N LEU C 27 -17.09 31.17 1.62
CA LEU C 27 -17.09 29.95 2.43
C LEU C 27 -18.45 29.27 2.36
N GLU C 28 -19.52 30.07 2.37
CA GLU C 28 -20.86 29.52 2.22
C GLU C 28 -20.96 28.74 0.92
N LYS C 29 -20.39 29.27 -0.16
CA LYS C 29 -20.39 28.55 -1.43
C LYS C 29 -19.63 27.24 -1.33
N SER C 30 -18.49 27.23 -0.63
CA SER C 30 -17.71 26.01 -0.51
C SER C 30 -18.46 24.94 0.26
N LEU C 31 -19.14 25.34 1.34
CA LEU C 31 -19.90 24.39 2.11
C LEU C 31 -21.04 23.78 1.30
N LEU C 32 -21.58 24.53 0.31
CA LEU C 32 -22.64 24.01 -0.55
C LEU C 32 -22.10 22.99 -1.54
N ILE C 33 -20.94 23.25 -2.11
CA ILE C 33 -20.40 22.35 -3.13
C ILE C 33 -20.03 21.03 -2.46
N PRO C 34 -20.55 19.90 -2.93
CA PRO C 34 -20.17 18.62 -2.36
C PRO C 34 -18.70 18.32 -2.61
N PHE C 35 -18.12 17.57 -1.68
CA PHE C 35 -16.71 17.20 -1.77
C PHE C 35 -16.44 16.34 -3.00
N ARG C 36 -17.34 15.39 -3.28
CA ARG C 36 -17.18 14.43 -4.37
C ARG C 36 -18.53 13.92 -4.83
N GLU C 37 -18.68 13.73 -6.14
CA GLU C 37 -19.85 13.07 -6.69
C GLU C 37 -19.39 11.99 -7.65
N ILE C 38 -19.86 10.77 -7.43
CA ILE C 38 -19.45 9.62 -8.22
C ILE C 38 -20.70 8.92 -8.74
N LYS C 39 -20.72 8.64 -10.04
CA LYS C 39 -21.62 7.63 -10.58
C LYS C 39 -20.78 6.61 -11.32
N VAL C 40 -21.09 5.32 -11.11
CA VAL C 40 -20.34 4.21 -11.68
C VAL C 40 -21.30 3.27 -12.40
N GLU C 41 -20.78 2.60 -13.43
CA GLU C 41 -21.53 1.57 -14.13
C GLU C 41 -21.49 0.27 -13.33
N CYS C 42 -22.65 -0.30 -13.06
CA CYS C 42 -22.80 -1.58 -12.38
C CYS C 42 -23.52 -2.49 -13.37
N THR C 43 -22.79 -3.29 -14.11
CA THR C 43 -23.41 -4.23 -15.04
C THR C 43 -23.30 -5.63 -14.50
N ILE C 44 -24.42 -6.34 -14.48
CA ILE C 44 -24.46 -7.71 -13.97
C ILE C 44 -25.17 -8.63 -14.96
N PRO C 45 -24.85 -9.92 -14.96
CA PRO C 45 -25.68 -10.89 -15.67
C PRO C 45 -26.95 -11.14 -14.88
N LYS C 46 -28.09 -11.10 -15.55
CA LYS C 46 -29.31 -11.49 -14.90
C LYS C 46 -29.37 -13.00 -14.79
N ASP C 47 -30.32 -13.48 -13.97
CA ASP C 47 -30.42 -14.92 -13.76
C ASP C 47 -30.69 -15.65 -15.06
N ASP C 48 -31.40 -15.01 -16.00
CA ASP C 48 -31.64 -15.61 -17.31
C ASP C 48 -30.44 -15.50 -18.23
N GLY C 49 -29.28 -15.05 -17.73
CA GLY C 49 -28.09 -14.92 -18.52
C GLY C 49 -27.89 -13.56 -19.16
N THR C 50 -28.97 -12.87 -19.48
CA THR C 50 -28.87 -11.56 -20.13
C THR C 50 -28.20 -10.54 -19.21
N LEU C 51 -27.67 -9.49 -19.85
CA LEU C 51 -27.03 -8.40 -19.13
C LEU C 51 -28.07 -7.40 -18.62
N ALA C 52 -27.74 -6.75 -17.51
CA ALA C 52 -28.49 -5.60 -17.02
C ALA C 52 -27.48 -4.60 -16.51
N SER C 53 -27.62 -3.34 -16.92
CA SER C 53 -26.71 -2.29 -16.51
C SER C 53 -27.46 -1.28 -15.65
N PHE C 54 -26.90 -1.01 -14.48
CA PHE C 54 -27.43 -0.02 -13.55
C PHE C 54 -26.34 0.98 -13.24
N VAL C 55 -26.76 2.17 -12.80
CA VAL C 55 -25.86 3.19 -12.30
C VAL C 55 -25.95 3.23 -10.78
N GLY C 56 -24.83 3.04 -10.13
CA GLY C 56 -24.71 3.35 -8.73
C GLY C 56 -24.13 4.73 -8.60
N PHE C 57 -24.30 5.33 -7.43
CA PHE C 57 -23.84 6.70 -7.26
C PHE C 57 -23.60 6.94 -5.78
N ARG C 58 -22.85 8.01 -5.50
CA ARG C 58 -22.60 8.38 -4.11
C ARG C 58 -22.24 9.85 -4.11
N VAL C 59 -23.01 10.64 -3.36
CA VAL C 59 -22.63 12.02 -3.12
C VAL C 59 -21.88 12.06 -1.80
N GLN C 60 -20.65 12.54 -1.83
CA GLN C 60 -19.85 12.69 -0.64
C GLN C 60 -19.81 14.18 -0.35
N HIS C 61 -20.71 14.63 0.51
CA HIS C 61 -20.95 16.07 0.60
C HIS C 61 -19.85 16.78 1.38
N ASP C 62 -19.54 16.31 2.59
CA ASP C 62 -18.60 17.03 3.43
C ASP C 62 -17.89 16.10 4.40
N ASN C 63 -16.58 16.27 4.55
CA ASN C 63 -15.82 15.44 5.48
C ASN C 63 -14.89 16.25 6.39
N ALA C 64 -15.15 17.54 6.56
CA ALA C 64 -14.29 18.35 7.43
C ALA C 64 -14.26 17.78 8.84
N ARG C 65 -15.38 17.27 9.32
CA ARG C 65 -15.51 16.82 10.70
C ARG C 65 -15.31 15.32 10.89
N GLY C 66 -14.91 14.59 9.85
CA GLY C 66 -14.67 13.17 10.00
C GLY C 66 -15.20 12.38 8.81
N PRO C 67 -15.22 11.05 8.92
CA PRO C 67 -15.68 10.24 7.79
C PRO C 67 -17.13 10.55 7.48
N MET C 68 -17.50 10.34 6.21
CA MET C 68 -18.85 10.62 5.79
C MET C 68 -19.77 9.45 6.13
N LYS C 69 -21.04 9.75 6.32
CA LYS C 69 -22.03 8.78 6.76
C LYS C 69 -23.30 9.00 5.96
N GLY C 70 -23.86 7.93 5.40
CA GLY C 70 -25.07 8.07 4.62
C GLY C 70 -25.53 6.76 4.04
N GLY C 71 -26.84 6.69 3.78
CA GLY C 71 -27.45 5.46 3.36
C GLY C 71 -27.32 5.17 1.87
N ILE C 72 -27.59 3.91 1.53
CA ILE C 72 -27.62 3.42 0.16
C ILE C 72 -29.07 3.08 -0.18
N ARG C 73 -29.58 3.68 -1.25
CA ARG C 73 -30.97 3.55 -1.66
C ARG C 73 -31.05 2.67 -2.90
N TYR C 74 -31.85 1.60 -2.85
CA TYR C 74 -32.21 0.84 -4.04
C TYR C 74 -33.60 1.29 -4.46
N HIS C 75 -33.66 2.19 -5.44
CA HIS C 75 -34.95 2.70 -5.83
C HIS C 75 -34.85 3.13 -7.29
N PRO C 76 -35.91 2.93 -8.08
CA PRO C 76 -35.80 3.27 -9.50
C PRO C 76 -35.79 4.77 -9.77
N GLU C 77 -36.43 5.58 -8.92
CA GLU C 77 -36.46 7.02 -9.13
C GLU C 77 -35.29 7.67 -8.42
N VAL C 78 -34.44 8.36 -9.17
CA VAL C 78 -33.23 8.98 -8.65
C VAL C 78 -33.24 10.43 -9.08
N ASP C 79 -33.58 11.33 -8.15
CA ASP C 79 -33.50 12.75 -8.41
C ASP C 79 -32.16 13.25 -7.91
N PRO C 80 -31.29 13.76 -8.79
CA PRO C 80 -29.98 14.23 -8.31
C PRO C 80 -30.07 15.31 -7.26
N ASP C 81 -31.00 16.25 -7.42
CA ASP C 81 -31.17 17.31 -6.43
C ASP C 81 -31.58 16.73 -5.09
N GLU C 82 -32.56 15.83 -5.10
CA GLU C 82 -33.02 15.23 -3.86
C GLU C 82 -31.87 14.49 -3.19
N VAL C 83 -31.09 13.73 -3.96
CA VAL C 83 -29.94 13.03 -3.42
C VAL C 83 -28.96 14.04 -2.83
N ASN C 84 -28.71 15.13 -3.54
CA ASN C 84 -27.76 16.13 -3.06
C ASN C 84 -28.24 16.79 -1.78
N ALA C 85 -29.53 17.07 -1.70
CA ALA C 85 -30.11 17.65 -0.49
C ALA C 85 -29.96 16.72 0.70
N LEU C 86 -30.22 15.43 0.50
CA LEU C 86 -30.13 14.48 1.61
C LEU C 86 -28.70 14.37 2.12
N ALA C 87 -27.73 14.32 1.20
CA ALA C 87 -26.34 14.25 1.65
C ALA C 87 -25.98 15.50 2.44
N GLN C 88 -26.41 16.66 1.96
CA GLN C 88 -26.11 17.89 2.65
C GLN C 88 -26.76 17.93 4.02
N LEU C 89 -28.03 17.53 4.09
CA LEU C 89 -28.74 17.50 5.36
C LEU C 89 -28.02 16.62 6.37
N MET C 90 -27.47 15.49 5.90
CA MET C 90 -26.78 14.58 6.80
C MET C 90 -25.55 15.23 7.40
N THR C 91 -24.87 16.08 6.63
CA THR C 91 -23.75 16.84 7.18
C THR C 91 -24.21 17.68 8.36
N TRP C 92 -25.33 18.38 8.21
CA TRP C 92 -25.82 19.19 9.31
C TRP C 92 -26.31 18.31 10.44
N LYS C 93 -26.97 17.20 10.10
CA LYS C 93 -27.50 16.31 11.12
C LYS C 93 -26.38 15.77 12.00
N THR C 94 -25.30 15.30 11.38
CA THR C 94 -24.18 14.77 12.16
C THR C 94 -23.51 15.85 13.00
N ALA C 95 -23.52 17.11 12.54
CA ALA C 95 -22.91 18.17 13.35
C ALA C 95 -23.80 18.49 14.55
N VAL C 96 -25.12 18.51 14.34
CA VAL C 96 -26.06 18.70 15.44
C VAL C 96 -25.91 17.58 16.45
N ALA C 97 -25.71 16.35 15.98
CA ALA C 97 -25.55 15.23 16.89
C ALA C 97 -24.22 15.30 17.63
N LYS C 98 -23.28 16.09 17.14
CA LYS C 98 -21.93 16.16 17.69
C LYS C 98 -21.23 14.81 17.60
N ILE C 99 -21.47 14.11 16.49
CA ILE C 99 -20.73 12.90 16.19
C ILE C 99 -19.71 13.22 15.10
N PRO C 100 -18.55 12.60 15.10
CA PRO C 100 -17.45 13.03 14.21
C PRO C 100 -17.61 12.51 12.78
N TYR C 101 -18.71 12.91 12.15
CA TYR C 101 -19.02 12.51 10.79
C TYR C 101 -19.35 13.71 9.92
N GLY C 102 -19.16 13.51 8.61
CA GLY C 102 -19.75 14.34 7.58
C GLY C 102 -20.91 13.62 6.90
N GLY C 103 -21.46 14.30 5.89
CA GLY C 103 -22.64 13.80 5.20
C GLY C 103 -22.34 13.17 3.85
N ALA C 104 -23.04 12.06 3.56
CA ALA C 104 -22.99 11.40 2.26
C ALA C 104 -24.33 10.74 2.02
N LYS C 105 -24.54 10.29 0.78
CA LYS C 105 -25.80 9.63 0.41
C LYS C 105 -25.61 8.94 -0.95
N GLY C 106 -26.10 7.72 -1.08
CA GLY C 106 -25.88 7.00 -2.31
C GLY C 106 -26.97 6.03 -2.72
N GLY C 107 -26.71 5.20 -3.71
CA GLY C 107 -27.67 4.19 -4.09
C GLY C 107 -27.40 3.63 -5.48
N ILE C 108 -28.33 2.78 -5.92
CA ILE C 108 -28.33 2.17 -7.24
C ILE C 108 -29.70 2.41 -7.86
N GLY C 109 -29.74 2.93 -9.07
CA GLY C 109 -31.02 3.07 -9.73
C GLY C 109 -31.56 1.73 -10.18
N CYS C 110 -32.54 1.20 -9.46
CA CYS C 110 -33.02 -0.14 -9.71
C CYS C 110 -34.28 -0.35 -8.90
N ASP C 111 -35.10 -1.32 -9.33
CA ASP C 111 -36.32 -1.62 -8.60
C ASP C 111 -36.17 -3.00 -7.97
N PRO C 112 -35.85 -3.09 -6.67
CA PRO C 112 -35.59 -4.40 -6.06
C PRO C 112 -36.76 -5.35 -6.15
N SER C 113 -37.98 -4.85 -6.28
CA SER C 113 -39.11 -5.72 -6.48
C SER C 113 -39.07 -6.43 -7.82
N LYS C 114 -38.18 -6.03 -8.73
CA LYS C 114 -38.08 -6.66 -10.03
C LYS C 114 -36.83 -7.53 -10.14
N LEU C 115 -36.13 -7.75 -9.04
CA LEU C 115 -34.88 -8.52 -9.03
C LEU C 115 -35.01 -9.68 -8.06
N SER C 116 -34.45 -10.81 -8.47
CA SER C 116 -34.41 -11.94 -7.56
C SER C 116 -33.41 -11.64 -6.44
N ILE C 117 -33.56 -12.39 -5.36
CA ILE C 117 -32.63 -12.24 -4.25
C ILE C 117 -31.22 -12.59 -4.71
N SER C 118 -31.10 -13.50 -5.67
CA SER C 118 -29.78 -13.83 -6.21
C SER C 118 -29.17 -12.65 -6.96
N GLU C 119 -29.97 -11.95 -7.76
CA GLU C 119 -29.48 -10.80 -8.50
C GLU C 119 -29.16 -9.62 -7.58
N LEU C 120 -29.91 -9.47 -6.49
CA LEU C 120 -29.66 -8.36 -5.58
C LEU C 120 -28.29 -8.49 -4.92
N GLU C 121 -27.90 -9.72 -4.55
CA GLU C 121 -26.55 -9.93 -4.05
C GLU C 121 -25.51 -9.68 -5.13
N ARG C 122 -25.74 -10.24 -6.33
CA ARG C 122 -24.84 -10.00 -7.45
C ARG C 122 -24.66 -8.49 -7.68
N LEU C 123 -25.78 -7.77 -7.72
CA LEU C 123 -25.72 -6.33 -7.94
C LEU C 123 -24.99 -5.61 -6.81
N THR C 124 -25.24 -6.00 -5.56
CA THR C 124 -24.59 -5.36 -4.42
C THR C 124 -23.08 -5.59 -4.42
N ARG C 125 -22.64 -6.78 -4.80
CA ARG C 125 -21.21 -7.05 -4.82
C ARG C 125 -20.51 -6.25 -5.91
N VAL C 126 -21.14 -6.11 -7.08
CA VAL C 126 -20.52 -5.31 -8.14
C VAL C 126 -20.40 -3.87 -7.70
N PHE C 127 -21.49 -3.33 -7.13
CA PHE C 127 -21.46 -1.96 -6.64
C PHE C 127 -20.32 -1.76 -5.66
N THR C 128 -20.17 -2.70 -4.72
CA THR C 128 -19.06 -2.61 -3.78
C THR C 128 -17.72 -2.66 -4.51
N GLN C 129 -17.57 -3.56 -5.48
CA GLN C 129 -16.32 -3.61 -6.24
C GLN C 129 -16.05 -2.27 -6.90
N LYS C 130 -17.10 -1.61 -7.37
CA LYS C 130 -16.95 -0.39 -8.15
C LYS C 130 -16.68 0.85 -7.30
N ILE C 131 -16.96 0.80 -6.00
CA ILE C 131 -16.77 1.96 -5.12
C ILE C 131 -15.84 1.67 -3.96
N HIS C 132 -15.25 0.47 -3.88
CA HIS C 132 -14.54 0.14 -2.67
C HIS C 132 -13.40 1.12 -2.41
N ASP C 133 -12.78 1.63 -3.47
CA ASP C 133 -11.69 2.60 -3.30
C ASP C 133 -12.19 3.99 -2.93
N LEU C 134 -13.50 4.22 -2.94
CA LEU C 134 -14.04 5.52 -2.63
C LEU C 134 -14.68 5.59 -1.25
N ILE C 135 -14.78 4.46 -0.55
CA ILE C 135 -15.32 4.45 0.81
C ILE C 135 -14.28 3.83 1.73
N GLY C 136 -14.61 3.69 3.00
CA GLY C 136 -13.69 3.07 3.92
C GLY C 136 -13.99 3.45 5.34
N ILE C 137 -13.46 2.64 6.26
CA ILE C 137 -13.74 2.77 7.68
C ILE C 137 -13.48 4.16 8.19
N HIS C 138 -12.53 4.88 7.58
CA HIS C 138 -12.22 6.23 8.01
C HIS C 138 -12.54 7.26 6.95
N THR C 139 -13.24 6.87 5.90
CA THR C 139 -13.55 7.74 4.77
C THR C 139 -15.04 7.96 4.61
N ASP C 140 -15.82 6.89 4.46
CA ASP C 140 -17.23 6.98 4.12
C ASP C 140 -17.83 5.64 4.51
N VAL C 141 -18.79 5.66 5.42
CA VAL C 141 -19.36 4.44 5.99
C VAL C 141 -20.83 4.39 5.63
N PRO C 142 -21.20 3.62 4.62
CA PRO C 142 -22.60 3.56 4.21
C PRO C 142 -23.46 2.86 5.26
N ALA C 143 -24.76 2.91 5.01
CA ALA C 143 -25.77 2.43 5.94
C ALA C 143 -26.99 2.05 5.13
N PRO C 144 -27.89 1.26 5.69
CA PRO C 144 -29.10 0.90 4.95
C PRO C 144 -29.96 2.12 4.75
N ASP C 145 -30.84 2.02 3.76
CA ASP C 145 -31.79 3.07 3.45
C ASP C 145 -32.94 2.41 2.71
N MET C 146 -33.79 3.21 2.08
CA MET C 146 -34.90 2.66 1.32
C MET C 146 -34.39 1.69 0.27
N GLY C 147 -34.92 0.47 0.30
CA GLY C 147 -34.54 -0.54 -0.66
C GLY C 147 -33.35 -1.39 -0.29
N THR C 148 -32.67 -1.06 0.81
CA THR C 148 -31.58 -1.89 1.33
C THR C 148 -31.82 -2.17 2.81
N GLY C 149 -31.12 -3.17 3.32
CA GLY C 149 -31.26 -3.56 4.71
C GLY C 149 -29.99 -4.20 5.26
N PRO C 150 -30.10 -4.83 6.44
CA PRO C 150 -28.90 -5.45 7.05
C PRO C 150 -28.25 -6.51 6.18
N GLN C 151 -29.05 -7.27 5.44
CA GLN C 151 -28.48 -8.25 4.55
C GLN C 151 -27.62 -7.58 3.47
N THR C 152 -28.12 -6.47 2.93
CA THR C 152 -27.33 -5.70 1.97
C THR C 152 -26.00 -5.29 2.59
N MET C 153 -26.04 -4.81 3.83
CA MET C 153 -24.81 -4.42 4.50
C MET C 153 -23.88 -5.61 4.67
N ALA C 154 -24.43 -6.79 4.98
CA ALA C 154 -23.61 -7.98 5.10
C ALA C 154 -22.89 -8.29 3.79
N TRP C 155 -23.59 -8.19 2.67
CA TRP C 155 -22.93 -8.41 1.39
C TRP C 155 -21.85 -7.37 1.12
N ILE C 156 -22.14 -6.11 1.44
CA ILE C 156 -21.15 -5.06 1.28
C ILE C 156 -19.92 -5.37 2.12
N LEU C 157 -20.15 -5.63 3.41
CA LEU C 157 -19.06 -5.98 4.30
C LEU C 157 -18.24 -7.15 3.74
N ASP C 158 -18.90 -8.20 3.27
CA ASP C 158 -18.17 -9.36 2.81
C ASP C 158 -17.32 -9.05 1.59
N GLU C 159 -17.90 -8.37 0.59
CA GLU C 159 -17.15 -8.08 -0.63
C GLU C 159 -16.05 -7.05 -0.37
N TYR C 160 -16.36 -6.00 0.39
CA TYR C 160 -15.34 -5.01 0.72
C TYR C 160 -14.17 -5.65 1.42
N SER C 161 -14.44 -6.62 2.29
CA SER C 161 -13.38 -7.22 3.07
C SER C 161 -12.40 -8.00 2.20
N LYS C 162 -12.80 -8.44 1.01
CA LYS C 162 -11.87 -9.12 0.12
C LYS C 162 -10.79 -8.17 -0.36
N PHE C 163 -11.11 -6.89 -0.45
CA PHE C 163 -10.17 -5.90 -0.96
C PHE C 163 -9.33 -5.26 0.13
N HIS C 164 -9.78 -5.31 1.38
CA HIS C 164 -9.12 -4.58 2.45
C HIS C 164 -9.06 -5.38 3.74
N GLY C 165 -9.27 -6.69 3.67
CA GLY C 165 -9.31 -7.47 4.89
C GLY C 165 -10.58 -7.24 5.67
N TYR C 166 -10.82 -8.04 6.70
CA TYR C 166 -12.03 -7.91 7.51
C TYR C 166 -12.20 -6.48 7.99
N SER C 167 -13.34 -5.86 7.66
CA SER C 167 -13.58 -4.44 7.94
C SER C 167 -15.02 -4.22 8.39
N PRO C 168 -15.36 -4.73 9.57
CA PRO C 168 -16.75 -4.55 10.06
C PRO C 168 -17.18 -3.09 10.17
N ALA C 169 -16.26 -2.15 10.35
CA ALA C 169 -16.64 -0.75 10.48
C ALA C 169 -16.94 -0.05 9.17
N VAL C 170 -16.90 -0.74 8.03
CA VAL C 170 -17.10 -0.05 6.76
C VAL C 170 -18.58 0.23 6.49
N VAL C 171 -19.50 -0.50 7.13
CA VAL C 171 -20.93 -0.22 7.05
C VAL C 171 -21.51 -0.36 8.44
N THR C 172 -22.56 0.39 8.71
CA THR C 172 -23.36 0.19 9.90
C THR C 172 -24.70 -0.39 9.50
N GLY C 173 -25.48 -0.80 10.50
CA GLY C 173 -26.71 -1.49 10.18
C GLY C 173 -26.56 -2.96 9.85
N LYS C 174 -25.43 -3.58 10.19
CA LYS C 174 -25.16 -5.00 9.94
C LYS C 174 -26.01 -5.88 10.87
N PRO C 175 -26.20 -7.15 10.54
CA PRO C 175 -26.77 -8.07 11.53
C PRO C 175 -25.94 -8.09 12.81
N ILE C 176 -26.61 -8.37 13.92
CA ILE C 176 -25.89 -8.38 15.18
C ILE C 176 -24.80 -9.43 15.14
N ASP C 177 -25.08 -10.55 14.48
CA ASP C 177 -24.12 -11.65 14.35
C ASP C 177 -22.87 -11.25 13.58
N LEU C 178 -22.91 -10.17 12.80
CA LEU C 178 -21.73 -9.72 12.07
C LEU C 178 -21.13 -8.46 12.65
N GLY C 179 -21.44 -8.13 13.89
CA GLY C 179 -20.89 -6.95 14.50
C GLY C 179 -21.82 -5.78 14.56
N GLY C 180 -23.12 -6.00 14.37
CA GLY C 180 -24.07 -4.92 14.55
C GLY C 180 -24.27 -4.58 16.01
N SER C 181 -24.80 -3.38 16.25
CA SER C 181 -24.95 -2.87 17.59
C SER C 181 -26.28 -3.31 18.19
N LEU C 182 -26.28 -3.62 19.48
CA LEU C 182 -27.55 -3.73 20.18
C LEU C 182 -28.22 -2.37 20.23
N GLY C 183 -29.55 -2.39 20.31
CA GLY C 183 -30.28 -1.14 20.35
C GLY C 183 -30.30 -0.39 19.03
N ARG C 184 -29.73 -0.96 17.97
CA ARG C 184 -29.78 -0.25 16.70
C ARG C 184 -31.20 -0.18 16.14
N ASP C 185 -32.01 -1.21 16.40
CA ASP C 185 -33.37 -1.23 15.86
C ASP C 185 -34.24 -0.15 16.46
N ALA C 186 -34.18 0.04 17.77
CA ALA C 186 -35.00 1.03 18.44
C ALA C 186 -34.41 2.43 18.41
N ALA C 187 -33.26 2.61 17.76
CA ALA C 187 -32.46 3.83 17.94
C ALA C 187 -33.24 5.09 17.56
N THR C 188 -33.75 5.15 16.33
CA THR C 188 -34.44 6.37 15.92
C THR C 188 -35.69 6.58 16.76
N GLY C 189 -36.48 5.53 16.97
CA GLY C 189 -37.65 5.65 17.82
C GLY C 189 -37.32 6.10 19.23
N ARG C 190 -36.26 5.54 19.81
CA ARG C 190 -35.88 5.96 21.15
C ARG C 190 -35.45 7.43 21.14
N GLY C 191 -34.72 7.83 20.09
CA GLY C 191 -34.34 9.24 19.97
C GLY C 191 -35.53 10.17 19.93
N VAL C 192 -36.59 9.79 19.22
CA VAL C 192 -37.78 10.64 19.17
C VAL C 192 -38.40 10.79 20.56
N MET C 193 -38.47 9.69 21.31
CA MET C 193 -39.03 9.74 22.66
C MET C 193 -38.15 10.57 23.60
N PHE C 194 -36.82 10.50 23.42
CA PHE C 194 -35.92 11.33 24.22
C PHE C 194 -36.17 12.81 23.94
N GLY C 195 -36.15 13.20 22.67
CA GLY C 195 -36.35 14.61 22.34
C GLY C 195 -37.72 15.11 22.72
N THR C 196 -38.73 14.25 22.63
CA THR C 196 -40.06 14.64 23.06
C THR C 196 -40.07 14.98 24.55
N GLU C 197 -39.39 14.19 25.37
CA GLU C 197 -39.36 14.51 26.80
C GLU C 197 -38.53 15.77 27.06
N ALA C 198 -37.38 15.89 26.39
CA ALA C 198 -36.54 17.08 26.57
C ALA C 198 -37.30 18.35 26.25
N LEU C 199 -38.00 18.37 25.11
CA LEU C 199 -38.77 19.55 24.69
C LEU C 199 -39.95 19.80 25.62
N LEU C 200 -40.68 18.75 26.01
CA LEU C 200 -41.81 18.93 26.93
C LEU C 200 -41.34 19.46 28.26
N ASN C 201 -40.23 18.92 28.77
CA ASN C 201 -39.69 19.40 30.03
C ASN C 201 -39.39 20.89 29.96
N GLU C 202 -39.01 21.37 28.77
CA GLU C 202 -38.80 22.80 28.60
C GLU C 202 -40.10 23.58 28.79
N HIS C 203 -41.26 22.92 28.67
CA HIS C 203 -42.54 23.56 28.89
C HIS C 203 -43.23 23.09 30.16
N GLY C 204 -42.51 22.39 31.04
CA GLY C 204 -43.11 21.91 32.26
C GLY C 204 -44.08 20.75 32.09
N LYS C 205 -44.00 20.02 30.98
CA LYS C 205 -44.88 18.89 30.76
C LYS C 205 -44.03 17.62 30.62
N THR C 206 -44.72 16.48 30.62
CA THR C 206 -44.08 15.19 30.40
C THR C 206 -44.92 14.37 29.44
N ILE C 207 -44.31 13.30 28.91
CA ILE C 207 -44.98 12.42 27.96
C ILE C 207 -46.26 11.87 28.56
N SER C 208 -46.22 11.51 29.84
CA SER C 208 -47.35 10.87 30.48
C SER C 208 -48.59 11.72 30.36
N GLY C 209 -49.65 11.15 29.77
CA GLY C 209 -50.92 11.82 29.60
C GLY C 209 -51.09 12.47 28.24
N GLN C 210 -50.00 12.93 27.63
CA GLN C 210 -50.09 13.66 26.37
C GLN C 210 -50.65 12.78 25.26
N ARG C 211 -51.30 13.42 24.30
CA ARG C 211 -51.95 12.75 23.19
C ARG C 211 -51.07 12.81 21.94
N PHE C 212 -50.78 11.65 21.36
CA PHE C 212 -49.90 11.56 20.20
C PHE C 212 -50.65 11.05 18.97
N VAL C 213 -50.38 11.69 17.83
CA VAL C 213 -50.75 11.18 16.51
C VAL C 213 -49.48 10.81 15.76
N ILE C 214 -49.43 9.57 15.27
CA ILE C 214 -48.25 9.01 14.63
C ILE C 214 -48.62 8.70 13.19
N GLN C 215 -48.18 9.57 12.27
CA GLN C 215 -48.46 9.41 10.85
C GLN C 215 -47.29 8.67 10.23
N GLY C 216 -47.55 7.47 9.74
CA GLY C 216 -46.51 6.57 9.33
C GLY C 216 -46.27 5.58 10.45
N PHE C 217 -46.18 4.31 10.12
CA PHE C 217 -45.97 3.27 11.12
C PHE C 217 -44.91 2.31 10.66
N GLY C 218 -43.84 2.84 10.09
CA GLY C 218 -42.70 2.02 9.71
C GLY C 218 -41.86 1.74 10.94
N ASN C 219 -40.59 1.40 10.71
CA ASN C 219 -39.73 1.08 11.84
C ASN C 219 -39.72 2.20 12.85
N VAL C 220 -39.53 3.44 12.39
CA VAL C 220 -39.39 4.55 13.31
C VAL C 220 -40.70 4.80 14.04
N GLY C 221 -41.79 4.93 13.29
CA GLY C 221 -43.07 5.24 13.90
C GLY C 221 -43.50 4.17 14.90
N SER C 222 -43.39 2.91 14.50
CA SER C 222 -43.75 1.81 15.38
C SER C 222 -42.93 1.81 16.67
N TRP C 223 -41.61 2.01 16.55
CA TRP C 223 -40.76 2.05 17.74
C TRP C 223 -41.09 3.22 18.65
N ALA C 224 -41.34 4.40 18.06
CA ALA C 224 -41.75 5.54 18.87
C ALA C 224 -43.01 5.22 19.66
N ALA C 225 -44.04 4.71 18.96
CA ALA C 225 -45.30 4.34 19.61
C ALA C 225 -45.08 3.40 20.78
N LYS C 226 -44.21 2.40 20.62
CA LYS C 226 -43.96 1.49 21.73
C LYS C 226 -43.35 2.24 22.90
N LEU C 227 -42.19 2.87 22.68
CA LEU C 227 -41.49 3.52 23.78
C LEU C 227 -42.28 4.69 24.35
N ILE C 228 -43.08 5.38 23.52
CA ILE C 228 -43.85 6.52 24.02
C ILE C 228 -45.04 6.05 24.85
N SER C 229 -45.80 5.08 24.34
CA SER C 229 -46.92 4.54 25.13
C SER C 229 -46.43 3.98 26.46
N GLU C 230 -45.23 3.41 26.46
CA GLU C 230 -44.67 2.86 27.70
C GLU C 230 -44.34 3.95 28.72
N LYS C 231 -44.19 5.20 28.28
CA LYS C 231 -43.99 6.33 29.17
C LYS C 231 -45.31 7.00 29.59
N GLY C 232 -46.45 6.42 29.22
CA GLY C 232 -47.72 7.05 29.48
C GLY C 232 -48.32 7.81 28.32
N GLY C 233 -47.74 7.70 27.13
CA GLY C 233 -48.30 8.38 25.97
C GLY C 233 -49.63 7.80 25.53
N LYS C 234 -50.49 8.69 25.06
CA LYS C 234 -51.79 8.33 24.49
C LYS C 234 -51.68 8.41 22.97
N ILE C 235 -51.53 7.26 22.31
CA ILE C 235 -51.52 7.22 20.85
C ILE C 235 -52.95 7.15 20.37
N VAL C 236 -53.43 8.26 19.82
CA VAL C 236 -54.83 8.36 19.44
C VAL C 236 -55.04 8.11 17.96
N ALA C 237 -53.98 8.12 17.15
CA ALA C 237 -54.13 7.91 15.72
C ALA C 237 -52.84 7.39 15.13
N VAL C 238 -52.97 6.41 14.22
CA VAL C 238 -51.85 5.81 13.51
C VAL C 238 -52.27 5.62 12.06
N SER C 239 -51.37 5.95 11.14
CA SER C 239 -51.57 5.71 9.72
C SER C 239 -50.38 4.95 9.17
N ASP C 240 -50.62 4.21 8.09
CA ASP C 240 -49.53 3.54 7.39
C ASP C 240 -49.91 3.42 5.92
N ILE C 241 -49.16 2.58 5.19
CA ILE C 241 -49.37 2.43 3.76
C ILE C 241 -50.73 1.82 3.47
N THR C 242 -51.29 1.07 4.42
CA THR C 242 -52.52 0.33 4.20
C THR C 242 -53.76 1.14 4.55
N GLY C 243 -53.61 2.24 5.27
CA GLY C 243 -54.74 3.04 5.67
C GLY C 243 -54.42 3.81 6.93
N ALA C 244 -55.47 4.35 7.55
CA ALA C 244 -55.34 5.16 8.75
C ALA C 244 -56.31 4.63 9.80
N ILE C 245 -55.84 4.61 11.04
CA ILE C 245 -56.60 4.08 12.18
C ILE C 245 -56.59 5.13 13.28
N LYS C 246 -57.73 5.27 13.95
CA LYS C 246 -57.90 6.30 14.97
C LYS C 246 -58.60 5.71 16.17
N ASN C 247 -58.29 6.23 17.36
CA ASN C 247 -59.01 5.88 18.58
C ASN C 247 -58.80 7.00 19.58
N LYS C 248 -59.87 7.77 19.84
CA LYS C 248 -59.75 8.92 20.74
C LYS C 248 -59.45 8.52 22.18
N ASP C 249 -59.78 7.30 22.57
CA ASP C 249 -59.56 6.82 23.93
C ASP C 249 -58.18 6.25 24.15
N GLY C 250 -57.38 6.14 23.09
CA GLY C 250 -56.03 5.61 23.13
C GLY C 250 -55.94 4.28 22.40
N ILE C 251 -55.02 4.16 21.44
CA ILE C 251 -54.81 2.90 20.73
C ILE C 251 -53.96 1.98 21.58
N ASP C 252 -54.41 0.73 21.75
CA ASP C 252 -53.60 -0.28 22.45
C ASP C 252 -52.44 -0.67 21.55
N ILE C 253 -51.26 -0.10 21.83
CA ILE C 253 -50.10 -0.25 20.95
C ILE C 253 -49.61 -1.70 20.92
N PRO C 254 -49.45 -2.40 22.05
CA PRO C 254 -49.07 -3.82 21.97
C PRO C 254 -49.96 -4.64 21.06
N ALA C 255 -51.29 -4.48 21.16
CA ALA C 255 -52.20 -5.21 20.29
C ALA C 255 -52.01 -4.82 18.83
N LEU C 256 -51.85 -3.52 18.56
CA LEU C 256 -51.66 -3.06 17.18
C LEU C 256 -50.39 -3.64 16.57
N LEU C 257 -49.31 -3.69 17.36
CA LEU C 257 -48.07 -4.28 16.89
C LEU C 257 -48.27 -5.73 16.49
N LYS C 258 -49.03 -6.48 17.30
CA LYS C 258 -49.35 -7.85 16.93
C LYS C 258 -50.22 -7.90 15.68
N HIS C 259 -51.18 -6.96 15.56
CA HIS C 259 -52.04 -6.95 14.38
C HIS C 259 -51.22 -6.73 13.11
N THR C 260 -50.33 -5.74 13.13
CA THR C 260 -49.52 -5.47 11.95
C THR C 260 -48.53 -6.61 11.75
N LYS C 261 -48.20 -7.33 12.82
CA LYS C 261 -47.35 -8.49 12.69
C LYS C 261 -48.03 -9.58 11.88
N GLU C 262 -49.29 -9.86 12.17
CA GLU C 262 -50.05 -10.88 11.45
C GLU C 262 -50.47 -10.41 10.06
N HIS C 263 -51.02 -9.21 9.95
CA HIS C 263 -51.68 -8.72 8.75
C HIS C 263 -50.78 -7.88 7.83
N ARG C 264 -49.71 -7.28 8.37
CA ARG C 264 -48.73 -6.53 7.58
C ARG C 264 -49.26 -5.13 7.31
N GLY C 265 -50.03 -4.58 8.25
CA GLY C 265 -50.58 -3.25 8.10
C GLY C 265 -51.61 -2.94 9.16
N VAL C 266 -51.92 -1.65 9.33
CA VAL C 266 -52.83 -1.21 10.37
C VAL C 266 -54.29 -1.22 9.95
N LYS C 267 -54.59 -1.66 8.72
CA LYS C 267 -55.91 -1.41 8.16
C LYS C 267 -57.05 -2.15 8.88
N GLY C 268 -56.85 -3.43 9.21
CA GLY C 268 -57.94 -4.20 9.77
C GLY C 268 -58.07 -4.27 11.28
N PHE C 269 -57.40 -3.39 12.01
CA PHE C 269 -57.25 -3.53 13.46
C PHE C 269 -58.55 -3.16 14.16
N ASP C 270 -59.21 -4.16 14.75
CA ASP C 270 -60.31 -3.92 15.66
C ASP C 270 -59.82 -3.24 16.94
N GLY C 271 -60.62 -2.32 17.45
CA GLY C 271 -60.19 -1.48 18.55
C GLY C 271 -59.72 -0.10 18.15
N ALA C 272 -60.03 0.32 16.93
CA ALA C 272 -59.74 1.68 16.47
C ALA C 272 -60.57 1.96 15.22
N ASP C 273 -61.30 3.09 15.22
CA ASP C 273 -62.06 3.39 14.01
C ASP C 273 -61.13 3.91 12.92
N PRO C 274 -61.33 3.47 11.68
CA PRO C 274 -60.51 3.99 10.58
C PRO C 274 -60.94 5.39 10.19
N ILE C 275 -59.98 6.18 9.71
CA ILE C 275 -60.27 7.51 9.24
C ILE C 275 -59.55 7.72 7.92
N ASP C 276 -59.89 8.82 7.26
CA ASP C 276 -59.36 9.16 5.95
C ASP C 276 -57.85 9.32 6.02
N PRO C 277 -57.07 8.55 5.25
CA PRO C 277 -55.60 8.63 5.36
C PRO C 277 -55.06 10.02 5.09
N ASN C 278 -55.81 10.86 4.40
CA ASN C 278 -55.38 12.22 4.12
C ASN C 278 -55.77 13.17 5.23
N SER C 279 -56.48 12.68 6.24
CA SER C 279 -56.90 13.48 7.38
C SER C 279 -56.06 13.26 8.63
N ILE C 280 -55.03 12.41 8.57
CA ILE C 280 -54.35 11.97 9.78
C ILE C 280 -53.58 13.11 10.44
N LEU C 281 -53.01 14.03 9.64
CA LEU C 281 -52.20 15.09 10.26
C LEU C 281 -53.05 16.12 11.00
N VAL C 282 -54.33 16.25 10.66
CA VAL C 282 -55.22 17.24 11.28
C VAL C 282 -56.06 16.61 12.39
N GLU C 283 -55.68 15.42 12.86
CA GLU C 283 -56.36 14.82 13.99
C GLU C 283 -56.18 15.67 15.23
N ASP C 284 -57.17 15.64 16.10
CA ASP C 284 -57.05 16.36 17.35
C ASP C 284 -56.15 15.60 18.31
N CYS C 285 -55.17 16.30 18.86
CA CYS C 285 -54.19 15.72 19.76
C CYS C 285 -53.37 16.84 20.39
N ASP C 286 -52.35 16.44 21.16
CA ASP C 286 -51.36 17.35 21.70
C ASP C 286 -50.07 17.37 20.89
N ILE C 287 -49.61 16.21 20.42
CA ILE C 287 -48.31 16.07 19.78
C ILE C 287 -48.47 15.26 18.50
N LEU C 288 -47.98 15.81 17.39
CA LEU C 288 -48.07 15.19 16.07
C LEU C 288 -46.68 14.74 15.61
N VAL C 289 -46.56 13.47 15.23
CA VAL C 289 -45.27 12.89 14.85
C VAL C 289 -45.32 12.44 13.39
N PRO C 290 -44.94 13.28 12.45
CA PRO C 290 -44.80 12.81 11.07
C PRO C 290 -43.64 11.83 10.95
N ALA C 291 -43.97 10.57 10.64
CA ALA C 291 -42.97 9.52 10.66
C ALA C 291 -42.96 8.72 9.38
N ALA C 292 -43.54 9.25 8.30
CA ALA C 292 -43.50 8.54 7.03
C ALA C 292 -42.75 9.30 5.95
N LEU C 293 -43.21 10.48 5.56
CA LEU C 293 -42.74 11.04 4.31
C LEU C 293 -42.59 12.55 4.41
N GLY C 294 -41.90 13.10 3.41
CA GLY C 294 -41.64 14.52 3.36
C GLY C 294 -42.75 15.31 2.69
N GLY C 295 -42.76 16.60 2.97
CA GLY C 295 -43.70 17.53 2.34
C GLY C 295 -45.14 17.22 2.69
N VAL C 296 -45.34 16.42 3.73
CA VAL C 296 -46.69 16.01 4.09
C VAL C 296 -47.42 17.16 4.76
N ILE C 297 -46.69 18.07 5.39
CA ILE C 297 -47.22 19.32 5.92
C ILE C 297 -46.72 20.45 5.03
N ASN C 298 -47.64 21.22 4.46
CA ASN C 298 -47.31 22.20 3.45
C ASN C 298 -48.27 23.37 3.51
N ARG C 299 -48.22 24.22 2.47
CA ARG C 299 -49.06 25.40 2.43
C ARG C 299 -50.54 25.05 2.44
N GLU C 300 -50.92 23.86 1.91
CA GLU C 300 -52.32 23.52 1.73
C GLU C 300 -53.01 23.08 3.02
N ASN C 301 -52.29 22.63 4.05
CA ASN C 301 -52.93 22.02 5.22
C ASN C 301 -52.46 22.53 6.59
N ALA C 302 -51.67 23.59 6.66
CA ALA C 302 -51.02 23.93 7.92
C ALA C 302 -51.98 24.50 8.96
N ASN C 303 -52.91 25.37 8.55
CA ASN C 303 -53.73 26.04 9.56
C ASN C 303 -54.64 25.08 10.34
N GLU C 304 -54.97 23.92 9.81
CA GLU C 304 -55.91 23.05 10.53
C GLU C 304 -55.25 22.08 11.50
N ILE C 305 -53.93 22.15 11.68
CA ILE C 305 -53.28 21.28 12.63
C ILE C 305 -53.63 21.72 14.05
N LYS C 306 -54.08 20.78 14.87
CA LYS C 306 -54.48 21.12 16.23
C LYS C 306 -53.44 20.79 17.29
N ALA C 307 -52.38 20.09 16.93
CA ALA C 307 -51.35 19.74 17.91
C ALA C 307 -50.54 20.98 18.27
N LYS C 308 -50.14 21.09 19.54
CA LYS C 308 -49.25 22.18 19.92
C LYS C 308 -47.78 21.88 19.68
N PHE C 309 -47.41 20.63 19.44
CA PHE C 309 -46.02 20.24 19.20
C PHE C 309 -45.95 19.29 18.01
N ILE C 310 -44.99 19.52 17.12
CA ILE C 310 -44.73 18.62 16.01
C ILE C 310 -43.32 18.09 16.15
N ILE C 311 -43.19 16.77 16.25
CA ILE C 311 -41.91 16.10 16.42
C ILE C 311 -41.59 15.46 15.07
N GLU C 312 -40.68 16.08 14.31
CA GLU C 312 -40.38 15.63 12.95
C GLU C 312 -39.54 14.36 12.92
N ALA C 313 -40.19 13.20 12.98
CA ALA C 313 -39.46 11.92 12.89
C ALA C 313 -39.03 11.60 11.47
N ALA C 314 -39.93 11.76 10.50
CA ALA C 314 -39.52 11.63 9.12
C ALA C 314 -38.64 12.82 8.73
N ASN C 315 -38.06 12.75 7.53
CA ASN C 315 -37.28 13.86 7.02
C ASN C 315 -38.12 14.76 6.13
N HIS C 316 -37.97 16.06 6.32
CA HIS C 316 -38.73 17.09 5.61
C HIS C 316 -40.25 16.94 5.63
N PRO C 317 -40.86 16.69 6.79
CA PRO C 317 -42.33 16.61 6.80
C PRO C 317 -43.02 17.97 6.68
N THR C 318 -42.34 19.06 7.00
CA THR C 318 -42.92 20.40 6.96
C THR C 318 -42.08 21.30 6.05
N ASP C 319 -42.69 21.76 4.94
CA ASP C 319 -41.99 22.73 4.11
C ASP C 319 -42.09 24.12 4.75
N PRO C 320 -41.19 25.03 4.40
CA PRO C 320 -41.20 26.36 5.04
C PRO C 320 -42.57 26.98 5.10
N ASP C 321 -43.41 26.74 4.08
CA ASP C 321 -44.73 27.36 4.04
C ASP C 321 -45.50 27.07 5.32
N ALA C 322 -45.54 25.81 5.72
CA ALA C 322 -46.26 25.46 6.94
C ALA C 322 -45.53 25.95 8.19
N ASP C 323 -44.18 26.02 8.15
CA ASP C 323 -43.42 26.53 9.30
C ASP C 323 -43.94 27.89 9.76
N GLU C 324 -44.17 28.81 8.82
CA GLU C 324 -44.61 30.14 9.22
C GLU C 324 -46.04 30.11 9.71
N ILE C 325 -46.88 29.27 9.10
CA ILE C 325 -48.25 29.15 9.57
C ILE C 325 -48.26 28.60 10.99
N LEU C 326 -47.46 27.57 11.26
CA LEU C 326 -47.45 26.97 12.59
C LEU C 326 -46.76 27.85 13.62
N SER C 327 -45.78 28.65 13.20
CA SER C 327 -45.15 29.61 14.11
C SER C 327 -46.16 30.63 14.63
N LYS C 328 -46.94 31.22 13.72
CA LYS C 328 -47.97 32.19 14.07
C LYS C 328 -49.20 31.52 14.66
N LYS C 329 -49.04 30.31 15.22
CA LYS C 329 -50.09 29.59 15.89
C LYS C 329 -49.63 29.00 17.21
N GLY C 330 -48.35 29.15 17.55
CA GLY C 330 -47.83 28.66 18.80
C GLY C 330 -47.42 27.22 18.77
N VAL C 331 -47.25 26.64 17.58
CA VAL C 331 -46.84 25.25 17.45
C VAL C 331 -45.31 25.20 17.47
N VAL C 332 -44.76 24.41 18.39
CA VAL C 332 -43.33 24.20 18.45
C VAL C 332 -43.00 22.97 17.63
N ILE C 333 -42.01 23.09 16.75
CA ILE C 333 -41.63 22.00 15.86
C ILE C 333 -40.21 21.61 16.18
N LEU C 334 -40.02 20.35 16.56
CA LEU C 334 -38.72 19.75 16.78
C LEU C 334 -38.20 19.31 15.43
N PRO C 335 -37.14 19.91 14.92
CA PRO C 335 -36.77 19.70 13.51
C PRO C 335 -36.18 18.32 13.25
N ASP C 336 -36.44 17.82 12.03
CA ASP C 336 -36.01 16.49 11.61
C ASP C 336 -34.52 16.29 11.83
N ILE C 337 -33.74 17.31 11.49
CA ILE C 337 -32.29 17.27 11.60
C ILE C 337 -31.87 16.90 13.02
N TYR C 338 -32.69 17.22 14.03
CA TYR C 338 -32.43 16.82 15.40
C TYR C 338 -33.28 15.65 15.88
N ALA C 339 -34.57 15.64 15.56
CA ALA C 339 -35.50 14.73 16.23
C ALA C 339 -35.22 13.28 15.87
N ASN C 340 -34.86 12.99 14.64
CA ASN C 340 -34.60 11.61 14.24
C ASN C 340 -33.11 11.29 14.20
N SER C 341 -32.28 12.11 14.85
CA SER C 341 -30.85 11.88 14.87
C SER C 341 -30.44 10.71 15.75
N GLY C 342 -31.38 10.08 16.47
CA GLY C 342 -31.05 8.92 17.27
C GLY C 342 -30.49 7.77 16.45
N GLY C 343 -31.04 7.58 15.25
CA GLY C 343 -30.55 6.54 14.35
C GLY C 343 -29.09 6.70 14.01
N VAL C 344 -28.74 7.85 13.41
CA VAL C 344 -27.36 8.11 13.00
C VAL C 344 -26.45 8.13 14.22
N THR C 345 -26.97 8.56 15.38
CA THR C 345 -26.15 8.55 16.59
C THR C 345 -25.82 7.13 17.02
N VAL C 346 -26.82 6.24 17.04
CA VAL C 346 -26.48 4.90 17.49
C VAL C 346 -25.63 4.19 16.47
N SER C 347 -25.83 4.49 15.18
CA SER C 347 -24.98 3.87 14.17
C SER C 347 -23.53 4.32 14.32
N TYR C 348 -23.31 5.57 14.73
CA TYR C 348 -21.98 6.00 15.12
C TYR C 348 -21.45 5.14 16.26
N PHE C 349 -22.30 4.81 17.23
CA PHE C 349 -21.83 3.95 18.31
C PHE C 349 -21.46 2.58 17.78
N GLU C 350 -22.22 2.08 16.80
CA GLU C 350 -21.88 0.81 16.16
C GLU C 350 -20.50 0.90 15.53
N TRP C 351 -20.24 1.98 14.82
CA TRP C 351 -18.94 2.17 14.22
C TRP C 351 -17.87 2.20 15.30
N VAL C 352 -18.13 2.92 16.39
CA VAL C 352 -17.16 2.97 17.48
C VAL C 352 -16.87 1.57 18.01
N GLN C 353 -17.93 0.78 18.21
CA GLN C 353 -17.71 -0.55 18.78
C GLN C 353 -16.83 -1.38 17.87
N ASN C 354 -17.00 -1.26 16.55
CA ASN C 354 -16.18 -2.04 15.63
C ASN C 354 -14.75 -1.53 15.59
N ILE C 355 -14.57 -0.21 15.63
CA ILE C 355 -13.23 0.36 15.71
C ILE C 355 -12.50 -0.17 16.93
N GLN C 356 -13.23 -0.30 18.04
CA GLN C 356 -12.67 -0.73 19.31
C GLN C 356 -12.60 -2.24 19.45
N GLY C 357 -13.08 -3.00 18.47
CA GLY C 357 -13.03 -4.45 18.54
C GLY C 357 -13.79 -5.05 19.71
N PHE C 358 -14.84 -4.38 20.20
CA PHE C 358 -15.47 -4.85 21.43
C PHE C 358 -16.87 -4.26 21.56
N MET C 359 -17.88 -5.13 21.53
CA MET C 359 -19.27 -4.67 21.52
C MET C 359 -19.68 -4.22 22.92
N TRP C 360 -20.63 -3.28 22.96
CA TRP C 360 -21.20 -2.77 24.20
C TRP C 360 -22.46 -3.53 24.58
N GLU C 361 -22.70 -3.61 25.89
CA GLU C 361 -24.01 -4.02 26.37
C GLU C 361 -25.06 -3.02 25.92
N GLU C 362 -26.30 -3.48 25.80
CA GLU C 362 -27.34 -2.61 25.26
C GLU C 362 -27.58 -1.41 26.16
N GLU C 363 -27.54 -1.61 27.48
CA GLU C 363 -27.77 -0.48 28.38
C GLU C 363 -26.75 0.63 28.13
N LYS C 364 -25.51 0.26 27.82
CA LYS C 364 -24.49 1.28 27.53
C LYS C 364 -24.83 2.03 26.25
N VAL C 365 -25.24 1.31 25.21
CA VAL C 365 -25.63 1.97 23.96
C VAL C 365 -26.73 2.99 24.23
N ASN C 366 -27.80 2.56 24.91
CA ASN C 366 -28.93 3.48 25.10
C ASN C 366 -28.55 4.62 26.02
N ASP C 367 -27.76 4.34 27.05
CA ASP C 367 -27.38 5.39 27.99
C ASP C 367 -26.53 6.45 27.30
N GLU C 368 -25.61 6.04 26.42
CA GLU C 368 -24.85 7.00 25.63
C GLU C 368 -25.75 7.79 24.70
N LEU C 369 -26.76 7.12 24.12
CA LEU C 369 -27.71 7.83 23.27
C LEU C 369 -28.40 8.94 24.05
N LYS C 370 -28.86 8.64 25.26
CA LYS C 370 -29.46 9.66 26.11
C LYS C 370 -28.49 10.80 26.37
N THR C 371 -27.23 10.47 26.66
CA THR C 371 -26.24 11.50 26.96
C THR C 371 -26.01 12.40 25.75
N TYR C 372 -25.81 11.81 24.57
CA TYR C 372 -25.49 12.60 23.38
C TYR C 372 -26.66 13.49 22.98
N MET C 373 -27.89 12.99 23.11
CA MET C 373 -29.05 13.76 22.70
C MET C 373 -29.42 14.83 23.72
N THR C 374 -29.12 14.58 24.99
CA THR C 374 -29.25 15.60 26.01
C THR C 374 -28.32 16.76 25.72
N ARG C 375 -27.05 16.45 25.41
CA ARG C 375 -26.08 17.49 25.11
C ARG C 375 -26.52 18.32 23.92
N SER C 376 -26.94 17.65 22.85
CA SER C 376 -27.28 18.35 21.62
C SER C 376 -28.54 19.19 21.78
N PHE C 377 -29.51 18.74 22.59
CA PHE C 377 -30.68 19.59 22.82
C PHE C 377 -30.28 20.87 23.56
N LYS C 378 -29.41 20.75 24.56
CA LYS C 378 -28.91 21.93 25.26
C LYS C 378 -28.17 22.88 24.33
N ASP C 379 -27.25 22.35 23.51
CA ASP C 379 -26.50 23.19 22.59
C ASP C 379 -27.40 23.84 21.56
N LEU C 380 -28.36 23.07 21.04
CA LEU C 380 -29.32 23.60 20.08
C LEU C 380 -30.15 24.69 20.72
N LYS C 381 -30.57 24.46 21.97
CA LYS C 381 -31.37 25.43 22.71
C LYS C 381 -30.63 26.75 22.86
N GLU C 382 -29.36 26.71 23.26
CA GLU C 382 -28.61 27.94 23.48
C GLU C 382 -28.38 28.68 22.17
N MET C 383 -28.37 27.96 21.05
CA MET C 383 -28.25 28.62 19.75
C MET C 383 -29.46 29.49 19.51
N CYS C 384 -30.64 28.99 19.87
CA CYS C 384 -31.87 29.75 19.71
C CYS C 384 -31.85 31.02 20.55
N LYS C 385 -31.40 30.93 21.80
CA LYS C 385 -31.30 32.13 22.62
C LYS C 385 -30.33 33.12 22.03
N THR C 386 -29.22 32.63 21.43
CA THR C 386 -28.23 33.53 20.86
C THR C 386 -28.79 34.29 19.66
N HIS C 387 -29.54 33.62 18.80
CA HIS C 387 -29.98 34.22 17.56
C HIS C 387 -31.47 34.50 17.53
N SER C 388 -32.18 34.27 18.63
CA SER C 388 -33.60 34.60 18.73
C SER C 388 -34.39 33.98 17.58
N CYS C 389 -34.22 32.69 17.40
CA CYS C 389 -34.83 31.99 16.27
C CYS C 389 -35.61 30.79 16.79
N ASP C 390 -36.31 30.12 15.87
CA ASP C 390 -37.08 28.91 16.18
C ASP C 390 -36.14 27.68 16.24
N LEU C 391 -36.72 26.54 16.61
CA LEU C 391 -35.92 25.33 16.80
C LEU C 391 -35.23 24.90 15.52
N ARG C 392 -35.93 24.95 14.38
CA ARG C 392 -35.31 24.50 13.14
C ARG C 392 -34.10 25.33 12.82
N MET C 393 -34.22 26.65 12.96
CA MET C 393 -33.08 27.51 12.68
C MET C 393 -31.97 27.30 13.71
N GLY C 394 -32.33 27.09 14.97
CA GLY C 394 -31.32 26.80 15.98
C GLY C 394 -30.49 25.58 15.62
N ALA C 395 -31.13 24.55 15.09
CA ALA C 395 -30.40 23.36 14.70
C ALA C 395 -29.51 23.64 13.48
N PHE C 396 -30.05 24.32 12.47
CA PHE C 396 -29.26 24.62 11.29
C PHE C 396 -28.06 25.49 11.64
N THR C 397 -28.26 26.52 12.46
CA THR C 397 -27.14 27.36 12.85
C THR C 397 -26.11 26.57 13.64
N LEU C 398 -26.56 25.68 14.53
CA LEU C 398 -25.62 24.87 15.29
C LEU C 398 -24.82 23.96 14.37
N GLY C 399 -25.50 23.28 13.46
CA GLY C 399 -24.83 22.33 12.58
C GLY C 399 -23.91 23.01 11.58
N VAL C 400 -24.41 24.07 10.95
CA VAL C 400 -23.59 24.76 9.96
C VAL C 400 -22.38 25.42 10.63
N ASN C 401 -22.54 25.90 11.87
CA ASN C 401 -21.42 26.50 12.58
C ASN C 401 -20.32 25.50 12.87
N ARG C 402 -20.66 24.30 13.35
CA ARG C 402 -19.63 23.32 13.66
C ARG C 402 -18.86 22.95 12.41
N VAL C 403 -19.54 22.74 11.29
CA VAL C 403 -18.88 22.42 10.03
C VAL C 403 -18.00 23.59 9.57
N ALA C 404 -18.53 24.80 9.66
CA ALA C 404 -17.75 25.96 9.23
C ALA C 404 -16.50 26.12 10.09
N GLN C 405 -16.62 25.91 11.40
CA GLN C 405 -15.47 26.05 12.29
C GLN C 405 -14.41 25.02 11.95
N ALA C 406 -14.81 23.76 11.80
CA ALA C 406 -13.85 22.71 11.44
C ALA C 406 -13.21 22.99 10.08
N THR C 407 -14.01 23.39 9.09
CA THR C 407 -13.46 23.68 7.76
C THR C 407 -12.38 24.75 7.84
N ILE C 408 -12.63 25.81 8.61
CA ILE C 408 -11.69 26.93 8.69
C ILE C 408 -10.42 26.51 9.42
N LEU C 409 -10.56 25.80 10.53
CA LEU C 409 -9.41 25.35 11.30
C LEU C 409 -8.47 24.51 10.44
N ARG C 410 -9.01 23.72 9.52
CA ARG C 410 -8.19 22.85 8.69
C ARG C 410 -7.54 23.60 7.53
N GLY C 411 -8.16 24.68 7.06
CA GLY C 411 -7.52 25.60 6.13
C GLY C 411 -7.58 25.18 4.67
N TRP C 412 -7.12 26.10 3.80
CA TRP C 412 -7.12 25.97 2.33
C TRP C 412 -5.73 26.27 1.78
N GLY C 413 -4.83 25.30 1.81
CA GLY C 413 -3.59 25.46 1.06
C GLY C 413 -2.71 26.58 1.56
N ALA C 414 -2.68 27.69 0.83
CA ALA C 414 -1.90 28.85 1.24
C ALA C 414 -2.79 29.88 1.94
N ASN D 5 -20.51 20.38 -33.70
CA ASN D 5 -21.77 20.17 -34.42
C ASN D 5 -21.87 18.74 -34.98
N ALA D 6 -20.87 18.34 -35.75
CA ALA D 6 -20.69 16.92 -36.03
C ALA D 6 -20.28 16.14 -34.79
N LEU D 7 -19.92 16.85 -33.71
CA LEU D 7 -19.71 16.18 -32.44
C LEU D 7 -21.00 15.59 -31.88
N ALA D 8 -22.13 16.27 -32.11
CA ALA D 8 -23.41 15.70 -31.71
C ALA D 8 -23.76 14.43 -32.47
N ALA D 9 -23.13 14.17 -33.61
CA ALA D 9 -23.34 12.93 -34.36
C ALA D 9 -22.72 11.71 -33.68
N THR D 10 -21.81 11.89 -32.71
CA THR D 10 -21.04 10.78 -32.14
C THR D 10 -21.91 9.63 -31.66
N ASN D 11 -22.88 9.90 -30.78
CA ASN D 11 -23.68 8.80 -30.24
C ASN D 11 -24.41 8.02 -31.33
N ARG D 12 -24.82 8.67 -32.41
CA ARG D 12 -25.50 7.94 -33.48
C ARG D 12 -24.54 7.05 -34.25
N ASN D 13 -23.37 7.61 -34.65
CA ASN D 13 -22.39 6.80 -35.38
C ASN D 13 -22.10 5.52 -34.61
N PHE D 14 -22.04 5.62 -33.29
CA PHE D 14 -21.89 4.42 -32.47
C PHE D 14 -23.10 3.50 -32.66
N LYS D 15 -24.31 4.04 -32.48
CA LYS D 15 -25.50 3.21 -32.62
C LYS D 15 -25.56 2.53 -33.98
N LEU D 16 -25.09 3.21 -35.02
CA LEU D 16 -24.99 2.60 -36.34
C LEU D 16 -23.93 1.51 -36.34
N ALA D 17 -22.74 1.82 -35.81
CA ALA D 17 -21.66 0.84 -35.75
C ALA D 17 -22.06 -0.38 -34.94
N ALA D 18 -22.71 -0.16 -33.80
CA ALA D 18 -23.18 -1.29 -33.00
C ALA D 18 -24.15 -2.16 -33.79
N ARG D 19 -24.91 -1.56 -34.70
CA ARG D 19 -25.84 -2.30 -35.54
C ARG D 19 -25.15 -2.96 -36.74
N LEU D 20 -24.10 -2.35 -37.27
CA LEU D 20 -23.36 -2.99 -38.37
C LEU D 20 -22.76 -4.30 -37.90
N LEU D 21 -22.08 -4.28 -36.77
CA LEU D 21 -21.78 -5.49 -36.04
C LEU D 21 -23.06 -6.08 -35.47
N GLY D 22 -22.98 -7.29 -34.96
CA GLY D 22 -24.21 -7.86 -34.47
C GLY D 22 -24.51 -7.59 -33.01
N LEU D 23 -24.08 -6.44 -32.48
CA LEU D 23 -24.04 -6.23 -31.04
C LEU D 23 -25.40 -6.42 -30.38
N ASP D 24 -25.42 -7.23 -29.32
CA ASP D 24 -26.61 -7.31 -28.49
C ASP D 24 -26.93 -5.94 -27.91
N SER D 25 -28.22 -5.63 -27.86
CA SER D 25 -28.62 -4.29 -27.41
C SER D 25 -28.17 -4.04 -25.98
N LYS D 26 -28.20 -5.05 -25.12
CA LYS D 26 -27.77 -4.83 -23.74
C LYS D 26 -26.27 -4.58 -23.67
N LEU D 27 -25.49 -5.29 -24.47
CA LEU D 27 -24.06 -5.02 -24.53
C LEU D 27 -23.81 -3.61 -25.07
N GLU D 28 -24.57 -3.21 -26.08
CA GLU D 28 -24.46 -1.86 -26.61
C GLU D 28 -24.73 -0.84 -25.53
N LYS D 29 -25.74 -1.08 -24.70
CA LYS D 29 -26.04 -0.15 -23.61
C LYS D 29 -24.87 -0.02 -22.67
N SER D 30 -24.19 -1.14 -22.37
CA SER D 30 -23.05 -1.08 -21.48
C SER D 30 -21.91 -0.27 -22.07
N LEU D 31 -21.65 -0.47 -23.37
CA LEU D 31 -20.58 0.27 -24.02
C LEU D 31 -20.87 1.75 -24.02
N LEU D 32 -22.14 2.13 -24.02
CA LEU D 32 -22.48 3.55 -23.99
C LEU D 32 -22.24 4.16 -22.60
N ILE D 33 -22.56 3.43 -21.54
CA ILE D 33 -22.45 3.95 -20.17
C ILE D 33 -20.98 4.09 -19.79
N PRO D 34 -20.55 5.27 -19.32
CA PRO D 34 -19.16 5.44 -18.88
C PRO D 34 -18.88 4.65 -17.61
N PHE D 35 -17.63 4.20 -17.51
CA PHE D 35 -17.20 3.40 -16.39
C PHE D 35 -17.31 4.18 -15.07
N ARG D 36 -16.95 5.46 -15.09
CA ARG D 36 -16.95 6.29 -13.89
C ARG D 36 -17.15 7.74 -14.29
N GLU D 37 -17.92 8.48 -13.49
CA GLU D 37 -18.07 9.92 -13.64
C GLU D 37 -17.83 10.59 -12.30
N ILE D 38 -16.88 11.54 -12.26
CA ILE D 38 -16.41 12.14 -11.02
C ILE D 38 -16.47 13.68 -11.09
N LYS D 39 -17.03 14.28 -10.04
CA LYS D 39 -16.97 15.71 -9.80
C LYS D 39 -16.31 15.96 -8.46
N VAL D 40 -15.33 16.89 -8.41
CA VAL D 40 -14.65 17.24 -7.16
C VAL D 40 -14.63 18.75 -7.00
N GLU D 41 -14.68 19.20 -5.75
CA GLU D 41 -14.55 20.62 -5.44
C GLU D 41 -13.08 21.01 -5.44
N CYS D 42 -12.77 22.08 -6.15
CA CYS D 42 -11.42 22.65 -6.18
C CYS D 42 -11.53 24.07 -5.64
N THR D 43 -11.27 24.25 -4.35
CA THR D 43 -11.32 25.57 -3.75
C THR D 43 -9.91 26.05 -3.45
N ILE D 44 -9.59 27.26 -3.91
CA ILE D 44 -8.26 27.80 -3.67
C ILE D 44 -8.39 29.20 -3.13
N PRO D 45 -7.42 29.67 -2.35
CA PRO D 45 -7.33 31.09 -2.08
C PRO D 45 -6.79 31.78 -3.34
N LYS D 46 -7.46 32.84 -3.74
CA LYS D 46 -6.90 33.62 -4.84
C LYS D 46 -5.74 34.47 -4.32
N ASP D 47 -5.05 35.13 -5.26
CA ASP D 47 -3.91 35.98 -4.90
C ASP D 47 -4.32 37.05 -3.88
N ASP D 48 -5.57 37.52 -3.93
CA ASP D 48 -6.09 38.52 -3.00
C ASP D 48 -6.56 37.93 -1.67
N GLY D 49 -6.31 36.65 -1.40
CA GLY D 49 -6.66 36.04 -0.14
C GLY D 49 -8.03 35.39 -0.09
N THR D 50 -9.00 35.92 -0.82
CA THR D 50 -10.35 35.36 -0.79
C THR D 50 -10.40 33.99 -1.46
N LEU D 51 -11.42 33.22 -1.09
CA LEU D 51 -11.60 31.88 -1.63
C LEU D 51 -12.22 31.91 -3.02
N ALA D 52 -11.91 30.89 -3.81
CA ALA D 52 -12.57 30.66 -5.08
C ALA D 52 -12.79 29.16 -5.24
N SER D 53 -14.00 28.77 -5.59
CA SER D 53 -14.36 27.36 -5.72
C SER D 53 -14.66 27.02 -7.17
N PHE D 54 -14.02 25.97 -7.67
CA PHE D 54 -14.27 25.48 -9.01
C PHE D 54 -14.59 23.99 -8.94
N VAL D 55 -15.32 23.50 -9.94
CA VAL D 55 -15.60 22.08 -10.06
C VAL D 55 -14.64 21.48 -11.08
N GLY D 56 -13.87 20.52 -10.63
CA GLY D 56 -13.12 19.69 -11.53
C GLY D 56 -13.93 18.45 -11.80
N PHE D 57 -13.58 17.78 -12.89
CA PHE D 57 -14.35 16.62 -13.29
C PHE D 57 -13.46 15.73 -14.15
N ARG D 58 -13.89 14.49 -14.28
CA ARG D 58 -13.21 13.51 -15.12
C ARG D 58 -14.23 12.44 -15.44
N VAL D 59 -14.55 12.28 -16.71
CA VAL D 59 -15.35 11.17 -17.19
C VAL D 59 -14.40 10.08 -17.63
N GLN D 60 -14.51 8.92 -17.03
CA GLN D 60 -13.68 7.79 -17.40
C GLN D 60 -14.61 6.82 -18.13
N HIS D 61 -14.57 6.88 -19.46
CA HIS D 61 -15.61 6.22 -20.23
C HIS D 61 -15.42 4.72 -20.27
N ASP D 62 -14.24 4.26 -20.69
CA ASP D 62 -14.02 2.84 -20.88
C ASP D 62 -12.55 2.49 -20.71
N ASN D 63 -12.27 1.37 -20.04
CA ASN D 63 -10.90 0.93 -19.82
C ASN D 63 -10.71 -0.54 -20.16
N ALA D 64 -11.61 -1.12 -20.95
CA ALA D 64 -11.51 -2.54 -21.29
C ALA D 64 -10.18 -2.87 -21.94
N ARG D 65 -9.69 -2.00 -22.82
CA ARG D 65 -8.48 -2.30 -23.59
C ARG D 65 -7.23 -1.71 -22.96
N GLY D 66 -7.31 -1.14 -21.76
CA GLY D 66 -6.15 -0.57 -21.12
C GLY D 66 -6.44 0.73 -20.43
N PRO D 67 -5.39 1.44 -20.03
CA PRO D 67 -5.59 2.69 -19.26
C PRO D 67 -6.33 3.73 -20.04
N MET D 68 -7.03 4.60 -19.33
CA MET D 68 -7.75 5.62 -20.07
C MET D 68 -6.83 6.80 -20.39
N LYS D 69 -7.20 7.53 -21.45
CA LYS D 69 -6.43 8.63 -21.98
C LYS D 69 -7.39 9.74 -22.34
N GLY D 70 -7.06 10.98 -21.98
CA GLY D 70 -7.94 12.09 -22.30
C GLY D 70 -7.42 13.41 -21.77
N GLY D 71 -7.87 14.49 -22.42
CA GLY D 71 -7.38 15.80 -22.11
C GLY D 71 -8.08 16.45 -20.92
N ILE D 72 -7.41 17.46 -20.39
CA ILE D 72 -7.93 18.30 -19.32
C ILE D 72 -8.20 19.67 -19.93
N ARG D 73 -9.44 20.13 -19.88
CA ARG D 73 -9.81 21.42 -20.46
C ARG D 73 -10.09 22.39 -19.33
N TYR D 74 -9.37 23.51 -19.32
CA TYR D 74 -9.68 24.63 -18.43
C TYR D 74 -10.53 25.60 -19.24
N HIS D 75 -11.85 25.51 -19.07
CA HIS D 75 -12.77 26.30 -19.88
C HIS D 75 -14.05 26.52 -19.09
N PRO D 76 -14.66 27.70 -19.19
CA PRO D 76 -15.87 27.95 -18.41
C PRO D 76 -17.10 27.22 -18.93
N GLU D 77 -17.19 26.92 -20.22
CA GLU D 77 -18.34 26.20 -20.76
C GLU D 77 -18.06 24.71 -20.66
N VAL D 78 -18.89 24.00 -19.87
CA VAL D 78 -18.76 22.56 -19.69
C VAL D 78 -20.14 21.92 -19.85
N ASP D 79 -20.36 21.27 -21.00
CA ASP D 79 -21.58 20.51 -21.26
C ASP D 79 -21.35 19.05 -20.91
N PRO D 80 -22.11 18.46 -19.97
CA PRO D 80 -21.88 17.05 -19.62
C PRO D 80 -22.00 16.12 -20.81
N ASP D 81 -22.95 16.38 -21.71
CA ASP D 81 -23.11 15.56 -22.90
C ASP D 81 -21.89 15.68 -23.81
N GLU D 82 -21.38 16.89 -24.01
CA GLU D 82 -20.17 17.04 -24.81
C GLU D 82 -19.02 16.27 -24.19
N VAL D 83 -18.82 16.44 -22.89
CA VAL D 83 -17.69 15.79 -22.21
C VAL D 83 -17.78 14.28 -22.37
N ASN D 84 -18.97 13.71 -22.18
CA ASN D 84 -19.10 12.26 -22.34
C ASN D 84 -18.82 11.83 -23.77
N ALA D 85 -19.31 12.59 -24.75
CA ALA D 85 -19.07 12.22 -26.14
C ALA D 85 -17.58 12.21 -26.46
N LEU D 86 -16.85 13.22 -26.00
CA LEU D 86 -15.42 13.28 -26.27
C LEU D 86 -14.70 12.09 -25.65
N ALA D 87 -15.09 11.73 -24.42
CA ALA D 87 -14.49 10.57 -23.78
C ALA D 87 -14.81 9.29 -24.55
N GLN D 88 -16.05 9.16 -25.03
CA GLN D 88 -16.42 7.98 -25.78
C GLN D 88 -15.66 7.91 -27.10
N LEU D 89 -15.56 9.05 -27.79
CA LEU D 89 -14.80 9.11 -29.03
C LEU D 89 -13.36 8.67 -28.82
N MET D 90 -12.74 9.06 -27.71
CA MET D 90 -11.37 8.64 -27.45
C MET D 90 -11.30 7.13 -27.28
N THR D 91 -12.33 6.53 -26.67
CA THR D 91 -12.37 5.09 -26.56
C THR D 91 -12.32 4.46 -27.94
N TRP D 92 -13.14 4.98 -28.87
CA TRP D 92 -13.11 4.46 -30.23
C TRP D 92 -11.83 4.86 -30.95
N LYS D 93 -11.37 6.09 -30.74
CA LYS D 93 -10.18 6.57 -31.45
C LYS D 93 -8.97 5.73 -31.10
N THR D 94 -8.74 5.50 -29.81
CA THR D 94 -7.61 4.69 -29.42
C THR D 94 -7.74 3.28 -29.96
N ALA D 95 -8.97 2.78 -30.12
CA ALA D 95 -9.15 1.43 -30.66
C ALA D 95 -8.84 1.39 -32.15
N VAL D 96 -9.26 2.40 -32.91
CA VAL D 96 -8.86 2.46 -34.31
C VAL D 96 -7.35 2.53 -34.43
N ALA D 97 -6.71 3.29 -33.53
CA ALA D 97 -5.26 3.43 -33.57
C ALA D 97 -4.53 2.15 -33.13
N LYS D 98 -5.24 1.22 -32.47
CA LYS D 98 -4.64 0.01 -31.92
C LYS D 98 -3.58 0.36 -30.89
N ILE D 99 -3.85 1.40 -30.10
CA ILE D 99 -2.99 1.69 -28.97
C ILE D 99 -3.75 1.24 -27.73
N PRO D 100 -3.07 0.70 -26.73
CA PRO D 100 -3.75 0.03 -25.61
C PRO D 100 -4.30 0.99 -24.56
N TYR D 101 -5.24 1.85 -24.98
CA TYR D 101 -5.88 2.79 -24.07
C TYR D 101 -7.38 2.70 -24.19
N GLY D 102 -8.05 3.16 -23.13
CA GLY D 102 -9.45 3.52 -23.19
C GLY D 102 -9.61 5.04 -23.23
N GLY D 103 -10.85 5.47 -23.29
CA GLY D 103 -11.18 6.89 -23.44
C GLY D 103 -11.60 7.54 -22.14
N ALA D 104 -11.12 8.77 -21.94
CA ALA D 104 -11.51 9.59 -20.78
C ALA D 104 -11.47 11.06 -21.19
N LYS D 105 -12.06 11.91 -20.35
CA LYS D 105 -12.04 13.35 -20.62
C LYS D 105 -12.39 14.12 -19.36
N GLY D 106 -11.64 15.18 -19.08
CA GLY D 106 -11.87 15.94 -17.87
C GLY D 106 -11.54 17.42 -17.99
N GLY D 107 -11.54 18.11 -16.86
CA GLY D 107 -11.18 19.51 -16.87
C GLY D 107 -11.67 20.21 -15.62
N ILE D 108 -11.49 21.51 -15.62
CA ILE D 108 -11.99 22.36 -14.55
C ILE D 108 -12.80 23.46 -15.20
N GLY D 109 -14.06 23.58 -14.79
CA GLY D 109 -14.87 24.66 -15.30
C GLY D 109 -14.31 25.91 -14.70
N CYS D 110 -13.60 26.70 -15.52
CA CYS D 110 -12.90 27.89 -15.07
C CYS D 110 -12.41 28.64 -16.30
N ASP D 111 -12.14 29.93 -16.13
CA ASP D 111 -11.62 30.77 -17.22
C ASP D 111 -10.17 31.16 -16.95
N PRO D 112 -9.20 30.51 -17.57
CA PRO D 112 -7.79 30.84 -17.31
C PRO D 112 -7.40 32.26 -17.67
N SER D 113 -8.11 32.90 -18.60
CA SER D 113 -7.81 34.29 -18.92
C SER D 113 -8.07 35.22 -17.74
N LYS D 114 -8.74 34.75 -16.69
CA LYS D 114 -9.04 35.55 -15.51
C LYS D 114 -8.26 35.11 -14.28
N LEU D 115 -7.21 34.30 -14.48
CA LEU D 115 -6.41 33.81 -13.37
C LEU D 115 -4.94 34.16 -13.58
N SER D 116 -4.26 34.50 -12.51
CA SER D 116 -2.82 34.67 -12.57
C SER D 116 -2.15 33.31 -12.73
N ILE D 117 -0.90 33.34 -13.19
CA ILE D 117 -0.15 32.10 -13.33
C ILE D 117 0.04 31.44 -11.98
N SER D 118 0.14 32.24 -10.92
CA SER D 118 0.22 31.70 -9.57
C SER D 118 -1.09 31.01 -9.18
N GLU D 119 -2.22 31.64 -9.50
CA GLU D 119 -3.50 31.00 -9.22
C GLU D 119 -3.70 29.77 -10.09
N LEU D 120 -3.26 29.83 -11.34
CA LEU D 120 -3.43 28.68 -12.24
C LEU D 120 -2.65 27.48 -11.72
N GLU D 121 -1.45 27.72 -11.20
CA GLU D 121 -0.70 26.63 -10.58
C GLU D 121 -1.41 26.14 -9.32
N ARG D 122 -1.84 27.07 -8.47
CA ARG D 122 -2.53 26.69 -7.24
C ARG D 122 -3.76 25.82 -7.55
N LEU D 123 -4.58 26.25 -8.50
CA LEU D 123 -5.74 25.50 -8.89
C LEU D 123 -5.37 24.12 -9.44
N THR D 124 -4.32 24.06 -10.27
CA THR D 124 -3.94 22.80 -10.90
C THR D 124 -3.52 21.76 -9.86
N ARG D 125 -2.75 22.20 -8.85
CA ARG D 125 -2.27 21.25 -7.84
C ARG D 125 -3.42 20.75 -6.97
N VAL D 126 -4.36 21.62 -6.63
CA VAL D 126 -5.51 21.19 -5.84
C VAL D 126 -6.32 20.17 -6.63
N PHE D 127 -6.59 20.47 -7.90
CA PHE D 127 -7.26 19.52 -8.76
C PHE D 127 -6.53 18.20 -8.76
N THR D 128 -5.19 18.24 -8.88
CA THR D 128 -4.40 17.03 -8.81
C THR D 128 -4.58 16.34 -7.48
N GLN D 129 -4.58 17.11 -6.38
CA GLN D 129 -4.79 16.49 -5.08
C GLN D 129 -6.15 15.81 -5.00
N LYS D 130 -7.15 16.36 -5.67
CA LYS D 130 -8.50 15.82 -5.51
C LYS D 130 -8.78 14.58 -6.35
N ILE D 131 -7.96 14.28 -7.36
CA ILE D 131 -8.20 13.15 -8.24
C ILE D 131 -7.03 12.20 -8.34
N HIS D 132 -5.94 12.43 -7.60
CA HIS D 132 -4.75 11.61 -7.80
C HIS D 132 -5.05 10.14 -7.56
N ASP D 133 -5.96 9.83 -6.64
CA ASP D 133 -6.34 8.45 -6.39
C ASP D 133 -7.26 7.89 -7.46
N LEU D 134 -7.71 8.71 -8.39
CA LEU D 134 -8.59 8.23 -9.43
C LEU D 134 -7.88 8.07 -10.76
N ILE D 135 -6.62 8.48 -10.84
CA ILE D 135 -5.82 8.35 -12.04
C ILE D 135 -4.55 7.60 -11.73
N GLY D 136 -3.66 7.46 -12.70
CA GLY D 136 -2.43 6.75 -12.41
C GLY D 136 -1.77 6.18 -13.64
N ILE D 137 -0.50 5.82 -13.44
CA ILE D 137 0.36 5.31 -14.50
C ILE D 137 -0.35 4.23 -15.30
N HIS D 138 -1.17 3.42 -14.63
CA HIS D 138 -1.86 2.30 -15.25
C HIS D 138 -3.37 2.43 -15.16
N THR D 139 -3.88 3.62 -14.85
CA THR D 139 -5.32 3.86 -14.73
C THR D 139 -5.83 4.88 -15.73
N ASP D 140 -5.26 6.09 -15.73
CA ASP D 140 -5.80 7.19 -16.51
C ASP D 140 -4.67 8.22 -16.66
N VAL D 141 -4.31 8.54 -17.90
CA VAL D 141 -3.17 9.39 -18.20
C VAL D 141 -3.70 10.65 -18.87
N PRO D 142 -3.86 11.74 -18.13
CA PRO D 142 -4.35 12.97 -18.74
C PRO D 142 -3.31 13.59 -19.69
N ALA D 143 -3.77 14.60 -20.44
CA ALA D 143 -2.99 15.22 -21.51
C ALA D 143 -3.52 16.63 -21.71
N PRO D 144 -2.75 17.50 -22.37
CA PRO D 144 -3.21 18.88 -22.55
C PRO D 144 -4.43 18.95 -23.43
N ASP D 145 -5.14 20.05 -23.31
CA ASP D 145 -6.35 20.32 -24.05
C ASP D 145 -6.59 21.82 -24.03
N MET D 146 -7.80 22.22 -24.41
CA MET D 146 -8.18 23.61 -24.42
C MET D 146 -7.90 24.21 -23.05
N GLY D 147 -7.05 25.23 -23.03
CA GLY D 147 -6.74 25.90 -21.79
C GLY D 147 -5.62 25.31 -20.97
N THR D 148 -5.04 24.19 -21.37
CA THR D 148 -3.90 23.63 -20.67
C THR D 148 -2.80 23.31 -21.66
N GLY D 149 -1.59 23.16 -21.13
CA GLY D 149 -0.43 22.92 -21.95
C GLY D 149 0.65 22.20 -21.19
N PRO D 150 1.86 22.17 -21.75
CA PRO D 150 2.95 21.41 -21.11
C PRO D 150 3.23 21.86 -19.68
N GLN D 151 3.14 23.16 -19.41
CA GLN D 151 3.38 23.63 -18.05
C GLN D 151 2.32 23.08 -17.08
N THR D 152 1.06 23.05 -17.50
CA THR D 152 0.03 22.44 -16.67
C THR D 152 0.39 21.00 -16.36
N MET D 153 0.89 20.26 -17.37
CA MET D 153 1.28 18.87 -17.15
C MET D 153 2.43 18.77 -16.16
N ALA D 154 3.39 19.70 -16.22
CA ALA D 154 4.49 19.67 -15.27
C ALA D 154 4.00 19.81 -13.85
N TRP D 155 3.06 20.73 -13.61
CA TRP D 155 2.55 20.90 -12.26
C TRP D 155 1.84 19.64 -11.78
N ILE D 156 1.03 19.02 -12.64
CA ILE D 156 0.37 17.77 -12.26
C ILE D 156 1.40 16.71 -11.91
N LEU D 157 2.37 16.50 -12.80
CA LEU D 157 3.44 15.55 -12.53
C LEU D 157 4.06 15.82 -11.17
N ASP D 158 4.38 17.09 -10.90
CA ASP D 158 5.06 17.42 -9.64
C ASP D 158 4.16 17.11 -8.45
N GLU D 159 2.90 17.54 -8.50
CA GLU D 159 2.02 17.33 -7.35
C GLU D 159 1.63 15.88 -7.21
N TYR D 160 1.31 15.21 -8.33
CA TYR D 160 1.01 13.79 -8.26
C TYR D 160 2.18 13.02 -7.68
N SER D 161 3.42 13.38 -8.07
CA SER D 161 4.58 12.63 -7.58
C SER D 161 4.77 12.76 -6.08
N LYS D 162 4.20 13.79 -5.45
CA LYS D 162 4.27 13.86 -4.00
C LYS D 162 3.49 12.73 -3.35
N PHE D 163 2.45 12.25 -4.00
CA PHE D 163 1.63 11.20 -3.43
C PHE D 163 2.09 9.80 -3.85
N HIS D 164 2.86 9.70 -4.94
CA HIS D 164 3.20 8.40 -5.48
C HIS D 164 4.65 8.29 -5.96
N GLY D 165 5.53 9.21 -5.58
CA GLY D 165 6.87 9.14 -6.12
C GLY D 165 6.94 9.58 -7.56
N TYR D 166 8.15 9.78 -8.07
CA TYR D 166 8.33 10.26 -9.44
C TYR D 166 7.53 9.40 -10.39
N SER D 167 6.68 10.04 -11.19
CA SER D 167 5.78 9.31 -12.08
C SER D 167 5.64 10.03 -13.41
N PRO D 168 6.73 10.16 -14.17
CA PRO D 168 6.65 10.89 -15.45
C PRO D 168 5.60 10.33 -16.40
N ALA D 169 5.23 9.07 -16.26
CA ALA D 169 4.23 8.52 -17.16
C ALA D 169 2.81 8.88 -16.81
N VAL D 170 2.56 9.70 -15.78
CA VAL D 170 1.17 9.96 -15.38
C VAL D 170 0.47 10.96 -16.30
N VAL D 171 1.21 11.80 -17.01
CA VAL D 171 0.64 12.72 -17.99
C VAL D 171 1.51 12.69 -19.24
N THR D 172 0.90 12.99 -20.38
CA THR D 172 1.64 13.20 -21.60
C THR D 172 1.56 14.68 -21.97
N GLY D 173 2.30 15.05 -23.02
CA GLY D 173 2.39 16.45 -23.36
C GLY D 173 3.32 17.23 -22.48
N LYS D 174 4.22 16.55 -21.79
CA LYS D 174 5.16 17.19 -20.91
C LYS D 174 6.20 17.94 -21.73
N PRO D 175 6.88 18.91 -21.09
CA PRO D 175 8.09 19.47 -21.69
C PRO D 175 9.10 18.36 -21.96
N ILE D 176 9.95 18.58 -22.96
CA ILE D 176 10.93 17.55 -23.29
C ILE D 176 11.87 17.32 -22.11
N ASP D 177 12.20 18.37 -21.35
CA ASP D 177 13.07 18.22 -20.19
C ASP D 177 12.47 17.35 -19.10
N LEU D 178 11.15 17.16 -19.07
CA LEU D 178 10.53 16.35 -18.02
C LEU D 178 10.06 15.01 -18.54
N GLY D 179 10.58 14.57 -19.68
CA GLY D 179 10.24 13.29 -20.24
C GLY D 179 9.27 13.30 -21.39
N GLY D 180 9.03 14.46 -22.01
CA GLY D 180 8.23 14.51 -23.21
C GLY D 180 8.97 13.90 -24.37
N SER D 181 8.21 13.51 -25.39
CA SER D 181 8.78 12.75 -26.49
C SER D 181 9.33 13.68 -27.56
N LEU D 182 10.41 13.24 -28.19
CA LEU D 182 10.85 13.87 -29.43
C LEU D 182 9.85 13.61 -30.54
N GLY D 183 9.76 14.55 -31.48
CA GLY D 183 8.84 14.39 -32.59
C GLY D 183 7.37 14.50 -32.26
N ARG D 184 7.01 14.78 -31.02
CA ARG D 184 5.60 14.93 -30.68
C ARG D 184 4.98 16.13 -31.38
N ASP D 185 5.78 17.16 -31.69
CA ASP D 185 5.25 18.34 -32.35
C ASP D 185 4.79 18.04 -33.77
N ALA D 186 5.56 17.26 -34.52
CA ALA D 186 5.19 16.93 -35.88
C ALA D 186 4.22 15.75 -35.96
N ALA D 187 3.80 15.21 -34.82
CA ALA D 187 3.12 13.91 -34.80
C ALA D 187 1.85 13.94 -35.66
N THR D 188 0.93 14.85 -35.36
CA THR D 188 -0.31 14.90 -36.12
C THR D 188 -0.04 15.21 -37.58
N GLY D 189 0.84 16.18 -37.86
CA GLY D 189 1.17 16.49 -39.23
C GLY D 189 1.78 15.33 -39.97
N ARG D 190 2.72 14.63 -39.33
CA ARG D 190 3.31 13.47 -39.99
C ARG D 190 2.27 12.39 -40.22
N GLY D 191 1.38 12.17 -39.24
CA GLY D 191 0.33 11.18 -39.40
C GLY D 191 -0.58 11.43 -40.58
N VAL D 192 -0.95 12.69 -40.81
CA VAL D 192 -1.81 12.99 -41.94
C VAL D 192 -1.09 12.69 -43.26
N MET D 193 0.20 13.00 -43.34
CA MET D 193 0.93 12.67 -44.56
C MET D 193 1.02 11.16 -44.76
N PHE D 194 1.21 10.42 -43.66
CA PHE D 194 1.23 8.96 -43.74
C PHE D 194 -0.10 8.41 -44.25
N GLY D 195 -1.20 8.82 -43.61
CA GLY D 195 -2.49 8.28 -44.00
C GLY D 195 -2.89 8.67 -45.40
N THR D 196 -2.51 9.88 -45.82
CA THR D 196 -2.79 10.29 -47.19
C THR D 196 -2.08 9.38 -48.17
N GLU D 197 -0.83 9.03 -47.89
CA GLU D 197 -0.11 8.14 -48.80
C GLU D 197 -0.72 6.74 -48.78
N ALA D 198 -1.10 6.24 -47.60
CA ALA D 198 -1.77 4.95 -47.53
C ALA D 198 -3.06 4.96 -48.35
N LEU D 199 -3.85 6.03 -48.22
CA LEU D 199 -5.09 6.13 -48.97
C LEU D 199 -4.83 6.25 -50.47
N LEU D 200 -3.85 7.07 -50.85
CA LEU D 200 -3.54 7.24 -52.26
C LEU D 200 -3.02 5.95 -52.88
N ASN D 201 -2.17 5.22 -52.14
CA ASN D 201 -1.64 3.97 -52.65
C ASN D 201 -2.76 2.98 -52.96
N GLU D 202 -3.84 3.01 -52.19
CA GLU D 202 -4.98 2.17 -52.47
C GLU D 202 -5.64 2.53 -53.79
N HIS D 203 -5.37 3.73 -54.29
CA HIS D 203 -5.90 4.18 -55.57
C HIS D 203 -4.83 4.20 -56.65
N GLY D 204 -3.70 3.55 -56.41
CA GLY D 204 -2.63 3.52 -57.38
C GLY D 204 -1.93 4.84 -57.56
N LYS D 205 -2.07 5.75 -56.61
CA LYS D 205 -1.48 7.08 -56.67
C LYS D 205 -0.48 7.23 -55.54
N THR D 206 0.32 8.29 -55.64
CA THR D 206 1.26 8.65 -54.59
C THR D 206 1.22 10.16 -54.40
N ILE D 207 1.74 10.59 -53.25
CA ILE D 207 1.76 12.01 -52.90
C ILE D 207 2.49 12.81 -53.99
N SER D 208 3.58 12.24 -54.51
CA SER D 208 4.40 12.95 -55.48
C SER D 208 3.57 13.39 -56.67
N GLY D 209 3.60 14.70 -56.95
CA GLY D 209 2.89 15.30 -58.04
C GLY D 209 1.54 15.89 -57.66
N GLN D 210 0.87 15.28 -56.67
CA GLN D 210 -0.49 15.68 -56.33
C GLN D 210 -0.54 17.13 -55.84
N ARG D 211 -1.69 17.77 -56.07
CA ARG D 211 -1.93 19.16 -55.71
C ARG D 211 -2.73 19.23 -54.42
N PHE D 212 -2.23 19.96 -53.43
CA PHE D 212 -2.85 20.02 -52.12
C PHE D 212 -3.37 21.42 -51.82
N VAL D 213 -4.55 21.49 -51.22
CA VAL D 213 -5.05 22.70 -50.58
C VAL D 213 -5.16 22.42 -49.10
N ILE D 214 -4.51 23.25 -48.29
CA ILE D 214 -4.44 23.07 -46.84
C ILE D 214 -5.05 24.29 -46.17
N GLN D 215 -6.23 24.12 -45.58
CA GLN D 215 -6.92 25.19 -44.88
C GLN D 215 -6.49 25.18 -43.42
N GLY D 216 -5.85 26.25 -42.99
CA GLY D 216 -5.27 26.29 -41.67
C GLY D 216 -3.78 25.99 -41.74
N PHE D 217 -2.97 26.79 -41.06
CA PHE D 217 -1.53 26.62 -41.11
C PHE D 217 -0.95 26.65 -39.72
N GLY D 218 -1.64 25.98 -38.80
CA GLY D 218 -1.16 25.83 -37.44
C GLY D 218 -0.15 24.71 -37.33
N ASN D 219 -0.04 24.19 -36.11
CA ASN D 219 0.88 23.10 -35.86
C ASN D 219 0.64 21.96 -36.84
N VAL D 220 -0.62 21.55 -37.00
CA VAL D 220 -0.93 20.45 -37.91
C VAL D 220 -0.76 20.90 -39.36
N GLY D 221 -1.35 22.03 -39.73
CA GLY D 221 -1.32 22.44 -41.12
C GLY D 221 0.10 22.67 -41.64
N SER D 222 0.91 23.42 -40.89
CA SER D 222 2.27 23.70 -41.32
C SER D 222 3.09 22.42 -41.43
N TRP D 223 3.03 21.57 -40.41
CA TRP D 223 3.79 20.33 -40.43
C TRP D 223 3.33 19.43 -41.58
N ALA D 224 2.03 19.36 -41.81
CA ALA D 224 1.51 18.58 -42.93
C ALA D 224 2.11 19.06 -44.24
N ALA D 225 1.98 20.36 -44.53
CA ALA D 225 2.52 20.93 -45.75
C ALA D 225 4.00 20.64 -45.91
N LYS D 226 4.76 20.78 -44.82
CA LYS D 226 6.20 20.58 -44.89
C LYS D 226 6.53 19.16 -45.34
N LEU D 227 6.02 18.16 -44.62
CA LEU D 227 6.33 16.78 -44.95
C LEU D 227 5.72 16.36 -46.29
N ILE D 228 4.59 16.95 -46.66
CA ILE D 228 3.94 16.60 -47.92
C ILE D 228 4.74 17.15 -49.10
N SER D 229 5.15 18.42 -49.02
CA SER D 229 5.99 18.95 -50.09
C SER D 229 7.28 18.16 -50.21
N GLU D 230 7.82 17.68 -49.09
CA GLU D 230 9.03 16.89 -49.14
C GLU D 230 8.81 15.53 -49.79
N LYS D 231 7.58 15.06 -49.87
CA LYS D 231 7.26 13.82 -50.55
C LYS D 231 6.90 14.05 -52.02
N GLY D 232 7.09 15.27 -52.51
CA GLY D 232 6.73 15.64 -53.86
C GLY D 232 5.38 16.31 -53.99
N GLY D 233 4.68 16.56 -52.89
CA GLY D 233 3.41 17.25 -52.98
C GLY D 233 3.60 18.70 -53.38
N LYS D 234 2.67 19.20 -54.18
CA LYS D 234 2.64 20.60 -54.57
C LYS D 234 1.54 21.30 -53.76
N ILE D 235 1.94 22.08 -52.76
CA ILE D 235 1.00 22.79 -51.92
C ILE D 235 0.59 24.05 -52.68
N VAL D 236 -0.64 24.09 -53.18
CA VAL D 236 -1.03 25.15 -54.09
C VAL D 236 -1.78 26.31 -53.43
N ALA D 237 -2.35 26.11 -52.24
CA ALA D 237 -3.03 27.21 -51.57
C ALA D 237 -3.09 26.91 -50.09
N VAL D 238 -2.85 27.95 -49.29
CA VAL D 238 -2.84 27.83 -47.83
C VAL D 238 -3.50 29.04 -47.22
N SER D 239 -4.29 28.82 -46.17
CA SER D 239 -4.91 29.89 -45.40
C SER D 239 -4.52 29.75 -43.93
N ASP D 240 -4.49 30.88 -43.23
CA ASP D 240 -4.28 30.88 -41.77
C ASP D 240 -4.99 32.11 -41.20
N ILE D 241 -4.64 32.47 -39.97
CA ILE D 241 -5.31 33.60 -39.31
C ILE D 241 -5.06 34.92 -40.01
N THR D 242 -3.97 35.03 -40.78
CA THR D 242 -3.67 36.30 -41.42
C THR D 242 -4.22 36.39 -42.83
N GLY D 243 -4.57 35.28 -43.45
CA GLY D 243 -5.10 35.31 -44.81
C GLY D 243 -4.79 34.01 -45.52
N ALA D 244 -4.99 34.04 -46.84
CA ALA D 244 -4.79 32.88 -47.70
C ALA D 244 -3.94 33.26 -48.90
N ILE D 245 -3.07 32.34 -49.32
CA ILE D 245 -2.16 32.57 -50.45
C ILE D 245 -2.24 31.38 -51.39
N LYS D 246 -2.04 31.65 -52.69
CA LYS D 246 -2.15 30.64 -53.73
C LYS D 246 -0.94 30.71 -54.66
N ASN D 247 -0.59 29.55 -55.23
CA ASN D 247 0.46 29.47 -56.26
C ASN D 247 0.28 28.18 -57.04
N LYS D 248 -0.06 28.30 -58.33
CA LYS D 248 -0.35 27.14 -59.16
C LYS D 248 0.85 26.23 -59.32
N ASP D 249 2.07 26.74 -59.17
CA ASP D 249 3.29 25.94 -59.32
C ASP D 249 3.66 25.20 -58.04
N GLY D 250 3.00 25.51 -56.93
CA GLY D 250 3.35 24.92 -55.65
C GLY D 250 3.97 25.99 -54.78
N ILE D 251 3.48 26.18 -53.57
CA ILE D 251 4.08 27.16 -52.67
C ILE D 251 5.34 26.55 -52.06
N ASP D 252 6.44 27.31 -52.10
CA ASP D 252 7.71 26.88 -51.51
C ASP D 252 7.52 26.87 -50.00
N ILE D 253 7.26 25.68 -49.46
CA ILE D 253 6.88 25.55 -48.06
C ILE D 253 8.04 25.92 -47.14
N PRO D 254 9.27 25.44 -47.38
CA PRO D 254 10.40 25.91 -46.54
C PRO D 254 10.51 27.42 -46.51
N ALA D 255 10.41 28.08 -47.68
CA ALA D 255 10.45 29.54 -47.71
C ALA D 255 9.26 30.14 -46.99
N LEU D 256 8.07 29.56 -47.17
CA LEU D 256 6.90 30.05 -46.47
C LEU D 256 7.08 29.94 -44.97
N LEU D 257 7.63 28.81 -44.51
CA LEU D 257 7.86 28.62 -43.08
C LEU D 257 8.77 29.72 -42.53
N LYS D 258 9.81 30.07 -43.28
CA LYS D 258 10.65 31.17 -42.82
C LYS D 258 9.86 32.47 -42.75
N HIS D 259 9.02 32.72 -43.76
CA HIS D 259 8.24 33.96 -43.77
C HIS D 259 7.27 34.04 -42.60
N THR D 260 6.59 32.94 -42.30
CA THR D 260 5.57 32.95 -41.24
C THR D 260 6.18 33.05 -39.84
N LYS D 261 7.38 32.49 -39.64
CA LYS D 261 7.99 32.55 -38.31
C LYS D 261 8.37 33.97 -37.93
N GLU D 262 8.94 34.72 -38.85
CA GLU D 262 9.24 36.13 -38.57
C GLU D 262 7.97 36.97 -38.52
N HIS D 263 7.11 36.83 -39.53
CA HIS D 263 5.97 37.72 -39.74
C HIS D 263 4.67 37.19 -39.16
N ARG D 264 4.74 36.19 -38.26
CA ARG D 264 3.61 35.65 -37.51
C ARG D 264 2.37 35.41 -38.38
N GLY D 265 2.57 35.00 -39.63
CA GLY D 265 1.46 34.72 -40.51
C GLY D 265 1.91 34.54 -41.95
N VAL D 266 1.04 33.95 -42.78
CA VAL D 266 1.41 33.68 -44.16
C VAL D 266 1.12 34.87 -45.08
N LYS D 267 0.50 35.92 -44.56
CA LYS D 267 0.09 37.04 -45.39
C LYS D 267 1.33 37.83 -45.80
N GLY D 268 1.25 38.46 -46.97
CA GLY D 268 2.41 39.19 -47.46
C GLY D 268 3.56 38.37 -47.99
N PHE D 269 3.34 37.08 -48.25
CA PHE D 269 4.42 36.17 -48.62
C PHE D 269 4.82 36.40 -50.07
N ASP D 270 6.05 36.87 -50.27
CA ASP D 270 6.62 36.89 -51.62
C ASP D 270 6.74 35.46 -52.11
N GLY D 271 6.38 35.23 -53.36
CA GLY D 271 6.35 33.88 -53.88
C GLY D 271 5.00 33.22 -53.83
N ALA D 272 3.95 33.96 -53.54
CA ALA D 272 2.57 33.47 -53.62
C ALA D 272 1.62 34.65 -53.60
N ASP D 273 0.77 34.74 -54.58
CA ASP D 273 -0.21 35.81 -54.54
C ASP D 273 -1.37 35.41 -53.63
N PRO D 274 -1.90 36.33 -52.83
CA PRO D 274 -3.02 36.00 -51.94
C PRO D 274 -4.37 35.90 -52.62
N ILE D 275 -5.24 35.11 -52.00
CA ILE D 275 -6.63 34.94 -52.39
C ILE D 275 -7.50 35.00 -51.13
N ASP D 276 -8.81 35.06 -51.37
CA ASP D 276 -9.80 35.24 -50.30
C ASP D 276 -9.78 34.06 -49.33
N PRO D 277 -9.59 34.30 -48.03
CA PRO D 277 -9.62 33.18 -47.07
C PRO D 277 -10.91 32.39 -47.07
N ASN D 278 -12.01 32.95 -47.55
CA ASN D 278 -13.26 32.22 -47.63
C ASN D 278 -13.43 31.48 -48.95
N SER D 279 -12.46 31.59 -49.85
CA SER D 279 -12.45 30.87 -51.11
C SER D 279 -11.55 29.64 -51.05
N ILE D 280 -10.94 29.36 -49.90
CA ILE D 280 -9.84 28.40 -49.83
C ILE D 280 -10.32 26.97 -50.09
N LEU D 281 -11.49 26.59 -49.55
CA LEU D 281 -11.95 25.21 -49.70
C LEU D 281 -12.44 24.91 -51.11
N VAL D 282 -12.79 25.92 -51.89
CA VAL D 282 -13.36 25.73 -53.21
C VAL D 282 -12.31 25.85 -54.31
N GLU D 283 -11.02 25.94 -53.94
CA GLU D 283 -9.95 25.95 -54.92
C GLU D 283 -9.82 24.57 -55.57
N ASP D 284 -9.42 24.57 -56.84
CA ASP D 284 -9.22 23.33 -57.59
C ASP D 284 -7.91 22.68 -57.17
N CYS D 285 -7.97 21.38 -56.93
CA CYS D 285 -6.80 20.62 -56.50
C CYS D 285 -7.16 19.14 -56.57
N ASP D 286 -6.25 18.28 -56.12
CA ASP D 286 -6.53 16.85 -56.03
C ASP D 286 -6.96 16.42 -54.64
N ILE D 287 -6.33 16.98 -53.60
CA ILE D 287 -6.51 16.55 -52.23
C ILE D 287 -6.73 17.79 -51.38
N LEU D 288 -7.81 17.79 -50.61
CA LEU D 288 -8.18 18.92 -49.76
C LEU D 288 -7.99 18.54 -48.30
N VAL D 289 -7.24 19.35 -47.57
CA VAL D 289 -6.92 19.03 -46.17
C VAL D 289 -7.47 20.11 -45.26
N PRO D 290 -8.69 19.99 -44.79
CA PRO D 290 -9.18 20.91 -43.77
C PRO D 290 -8.41 20.73 -42.47
N ALA D 291 -7.64 21.74 -42.07
CA ALA D 291 -6.74 21.57 -40.93
C ALA D 291 -6.87 22.69 -39.91
N ALA D 292 -7.97 23.43 -39.91
CA ALA D 292 -8.16 24.49 -38.93
C ALA D 292 -9.34 24.24 -38.00
N LEU D 293 -10.56 24.13 -38.52
CA LEU D 293 -11.75 24.21 -37.70
C LEU D 293 -12.76 23.17 -38.12
N GLY D 294 -13.74 22.95 -37.25
CA GLY D 294 -14.76 21.97 -37.54
C GLY D 294 -15.88 22.57 -38.35
N GLY D 295 -16.64 21.70 -39.00
CA GLY D 295 -17.83 22.11 -39.74
C GLY D 295 -17.57 23.00 -40.92
N VAL D 296 -16.32 23.07 -41.39
CA VAL D 296 -16.02 23.97 -42.48
C VAL D 296 -16.56 23.46 -43.81
N ILE D 297 -16.75 22.15 -43.95
CA ILE D 297 -17.38 21.55 -45.13
C ILE D 297 -18.82 21.17 -44.78
N ASN D 298 -19.79 21.67 -45.54
CA ASN D 298 -21.20 21.49 -45.22
C ASN D 298 -22.01 21.40 -46.51
N ARG D 299 -23.35 21.38 -46.35
CA ARG D 299 -24.23 21.26 -47.51
C ARG D 299 -24.10 22.48 -48.41
N GLU D 300 -23.72 23.62 -47.86
CA GLU D 300 -23.63 24.85 -48.64
C GLU D 300 -22.47 24.82 -49.62
N ASN D 301 -21.43 24.01 -49.38
CA ASN D 301 -20.25 24.01 -50.23
C ASN D 301 -19.82 22.62 -50.67
N ALA D 302 -20.67 21.60 -50.53
CA ALA D 302 -20.21 20.24 -50.77
C ALA D 302 -19.94 20.00 -52.25
N ASN D 303 -20.87 20.39 -53.13
CA ASN D 303 -20.64 20.20 -54.55
C ASN D 303 -19.52 21.09 -55.08
N GLU D 304 -19.18 22.14 -54.36
CA GLU D 304 -18.22 23.13 -54.83
C GLU D 304 -16.78 22.71 -54.52
N ILE D 305 -16.61 21.58 -53.87
CA ILE D 305 -15.29 21.00 -53.63
C ILE D 305 -14.81 20.34 -54.91
N LYS D 306 -13.58 20.67 -55.30
CA LYS D 306 -13.03 20.13 -56.53
C LYS D 306 -12.10 18.94 -56.30
N ALA D 307 -11.71 18.68 -55.05
CA ALA D 307 -10.85 17.56 -54.72
C ALA D 307 -11.63 16.27 -54.65
N LYS D 308 -11.02 15.18 -55.10
CA LYS D 308 -11.57 13.84 -54.94
C LYS D 308 -11.21 13.19 -53.61
N PHE D 309 -10.28 13.77 -52.86
CA PHE D 309 -9.85 13.25 -51.56
C PHE D 309 -9.87 14.38 -50.54
N ILE D 310 -10.49 14.12 -49.41
CA ILE D 310 -10.53 15.07 -48.30
C ILE D 310 -9.88 14.40 -47.10
N ILE D 311 -8.81 14.99 -46.60
CA ILE D 311 -8.06 14.42 -45.49
C ILE D 311 -8.50 15.21 -44.26
N GLU D 312 -9.34 14.61 -43.42
CA GLU D 312 -9.89 15.34 -42.28
C GLU D 312 -8.81 15.47 -41.22
N ALA D 313 -7.95 16.47 -41.38
CA ALA D 313 -6.91 16.74 -40.39
C ALA D 313 -7.48 17.41 -39.16
N ALA D 314 -8.30 18.43 -39.35
CA ALA D 314 -9.02 18.98 -38.22
C ALA D 314 -10.04 17.95 -37.73
N ASN D 315 -10.67 18.25 -36.60
CA ASN D 315 -11.70 17.38 -36.07
C ASN D 315 -13.08 17.86 -36.49
N HIS D 316 -13.91 16.90 -36.90
CA HIS D 316 -15.28 17.15 -37.36
C HIS D 316 -15.37 18.27 -38.40
N PRO D 317 -14.49 18.27 -39.42
CA PRO D 317 -14.61 19.33 -40.43
C PRO D 317 -15.79 19.15 -41.36
N THR D 318 -16.36 17.95 -41.47
CA THR D 318 -17.46 17.66 -42.38
C THR D 318 -18.64 17.10 -41.61
N ASP D 319 -19.77 17.80 -41.63
CA ASP D 319 -21.01 17.28 -41.05
C ASP D 319 -21.66 16.25 -41.94
N PRO D 320 -22.60 15.49 -41.39
CA PRO D 320 -23.26 14.43 -42.18
C PRO D 320 -23.71 14.85 -43.56
N ASP D 321 -24.23 16.08 -43.69
CA ASP D 321 -24.76 16.53 -44.97
C ASP D 321 -23.72 16.44 -46.07
N ALA D 322 -22.53 17.01 -45.83
CA ALA D 322 -21.58 17.01 -46.95
C ALA D 322 -21.10 15.59 -47.27
N ASP D 323 -21.07 14.72 -46.27
CA ASP D 323 -20.50 13.38 -46.40
C ASP D 323 -21.09 12.59 -47.57
N GLU D 324 -22.42 12.38 -47.57
CA GLU D 324 -23.01 11.57 -48.64
C GLU D 324 -23.09 12.34 -49.94
N ILE D 325 -23.22 13.67 -49.87
CA ILE D 325 -23.14 14.46 -51.10
C ILE D 325 -21.82 14.19 -51.77
N LEU D 326 -20.73 14.23 -50.99
CA LEU D 326 -19.40 13.95 -51.52
C LEU D 326 -19.21 12.47 -51.79
N SER D 327 -19.94 11.61 -51.07
CA SER D 327 -19.87 10.17 -51.32
C SER D 327 -20.32 9.84 -52.74
N LYS D 328 -21.48 10.35 -53.16
CA LYS D 328 -21.93 10.09 -54.52
C LYS D 328 -21.11 10.87 -55.54
N LYS D 329 -20.59 12.04 -55.17
CA LYS D 329 -19.69 12.74 -56.08
C LYS D 329 -18.37 12.02 -56.26
N GLY D 330 -18.14 10.91 -55.55
CA GLY D 330 -16.91 10.17 -55.73
C GLY D 330 -15.77 10.71 -54.91
N VAL D 331 -16.06 11.53 -53.90
CA VAL D 331 -15.04 12.08 -53.02
C VAL D 331 -14.79 11.09 -51.88
N VAL D 332 -13.53 10.69 -51.73
CA VAL D 332 -13.14 9.82 -50.62
C VAL D 332 -12.69 10.71 -49.47
N ILE D 333 -13.21 10.43 -48.28
CA ILE D 333 -12.89 11.24 -47.11
C ILE D 333 -12.21 10.35 -46.09
N LEU D 334 -10.98 10.70 -45.75
CA LEU D 334 -10.25 10.03 -44.68
C LEU D 334 -10.71 10.64 -43.37
N PRO D 335 -11.43 9.90 -42.53
CA PRO D 335 -12.07 10.53 -41.36
C PRO D 335 -11.08 10.92 -40.28
N ASP D 336 -11.42 12.01 -39.58
CA ASP D 336 -10.54 12.60 -38.58
C ASP D 336 -10.11 11.62 -37.51
N ILE D 337 -11.04 10.77 -37.05
CA ILE D 337 -10.73 9.80 -35.99
C ILE D 337 -9.52 8.97 -36.36
N TYR D 338 -9.28 8.74 -37.65
CA TYR D 338 -8.05 8.11 -38.11
C TYR D 338 -7.02 9.11 -38.61
N ALA D 339 -7.45 10.12 -39.37
CA ALA D 339 -6.49 10.92 -40.11
C ALA D 339 -5.54 11.69 -39.18
N ASN D 340 -6.04 12.20 -38.06
CA ASN D 340 -5.18 12.94 -37.14
C ASN D 340 -4.83 12.13 -35.92
N SER D 341 -4.92 10.80 -35.99
CA SER D 341 -4.61 9.96 -34.84
C SER D 341 -3.13 9.92 -34.52
N GLY D 342 -2.29 10.54 -35.35
CA GLY D 342 -0.87 10.55 -35.04
C GLY D 342 -0.58 11.19 -33.71
N GLY D 343 -1.32 12.24 -33.36
CA GLY D 343 -1.12 12.89 -32.09
C GLY D 343 -1.27 11.92 -30.94
N VAL D 344 -2.44 11.31 -30.80
CA VAL D 344 -2.64 10.37 -29.70
C VAL D 344 -1.68 9.21 -29.81
N THR D 345 -1.31 8.82 -31.03
CA THR D 345 -0.39 7.68 -31.17
C THR D 345 0.95 8.02 -30.56
N VAL D 346 1.49 9.19 -30.86
CA VAL D 346 2.80 9.53 -30.34
C VAL D 346 2.73 9.83 -28.85
N SER D 347 1.59 10.31 -28.37
CA SER D 347 1.41 10.48 -26.93
C SER D 347 1.47 9.14 -26.21
N TYR D 348 0.91 8.10 -26.84
CA TYR D 348 1.13 6.75 -26.36
C TYR D 348 2.62 6.42 -26.32
N PHE D 349 3.35 6.83 -27.37
CA PHE D 349 4.78 6.54 -27.40
C PHE D 349 5.53 7.24 -26.26
N GLU D 350 5.13 8.48 -25.92
CA GLU D 350 5.72 9.16 -24.78
C GLU D 350 5.52 8.36 -23.50
N TRP D 351 4.30 7.90 -23.26
CA TRP D 351 4.01 7.09 -22.08
C TRP D 351 4.84 5.82 -22.09
N VAL D 352 4.90 5.14 -23.24
CA VAL D 352 5.71 3.93 -23.33
C VAL D 352 7.15 4.23 -22.92
N GLN D 353 7.70 5.33 -23.45
CA GLN D 353 9.08 5.66 -23.12
C GLN D 353 9.26 5.90 -21.63
N ASN D 354 8.27 6.54 -21.00
CA ASN D 354 8.42 6.78 -19.57
C ASN D 354 8.32 5.48 -18.80
N ILE D 355 7.43 4.57 -19.24
CA ILE D 355 7.32 3.26 -18.62
C ILE D 355 8.65 2.50 -18.72
N GLN D 356 9.34 2.64 -19.84
CA GLN D 356 10.58 1.91 -20.05
C GLN D 356 11.78 2.62 -19.45
N GLY D 357 11.58 3.80 -18.87
CA GLY D 357 12.67 4.57 -18.28
C GLY D 357 13.75 4.99 -19.24
N PHE D 358 13.44 5.10 -20.53
CA PHE D 358 14.47 5.35 -21.53
C PHE D 358 13.83 5.93 -22.78
N MET D 359 14.20 7.16 -23.13
CA MET D 359 13.61 7.86 -24.26
C MET D 359 14.19 7.34 -25.57
N TRP D 360 13.39 7.44 -26.62
CA TRP D 360 13.74 6.99 -27.96
C TRP D 360 14.37 8.09 -28.79
N GLU D 361 15.22 7.67 -29.74
CA GLU D 361 15.65 8.58 -30.79
C GLU D 361 14.43 9.03 -31.60
N GLU D 362 14.50 10.22 -32.18
CA GLU D 362 13.32 10.72 -32.90
C GLU D 362 13.01 9.86 -34.12
N GLU D 363 14.04 9.38 -34.80
CA GLU D 363 13.82 8.53 -35.96
C GLU D 363 12.98 7.31 -35.58
N LYS D 364 13.20 6.78 -34.37
CA LYS D 364 12.44 5.63 -33.92
C LYS D 364 10.99 6.00 -33.67
N VAL D 365 10.75 7.13 -33.01
CA VAL D 365 9.38 7.59 -32.79
C VAL D 365 8.66 7.67 -34.12
N ASN D 366 9.28 8.34 -35.09
CA ASN D 366 8.62 8.55 -36.37
C ASN D 366 8.44 7.22 -37.10
N ASP D 367 9.42 6.34 -37.02
CA ASP D 367 9.33 5.05 -37.70
C ASP D 367 8.21 4.19 -37.12
N GLU D 368 8.07 4.18 -35.79
CA GLU D 368 6.97 3.46 -35.16
C GLU D 368 5.64 4.09 -35.52
N LEU D 369 5.58 5.41 -35.60
CA LEU D 369 4.35 6.07 -36.00
C LEU D 369 3.92 5.58 -37.37
N LYS D 370 4.86 5.45 -38.29
CA LYS D 370 4.53 4.93 -39.60
C LYS D 370 3.99 3.51 -39.51
N THR D 371 4.60 2.67 -38.66
CA THR D 371 4.14 1.30 -38.54
C THR D 371 2.69 1.25 -38.04
N TYR D 372 2.40 2.02 -37.00
CA TYR D 372 1.07 1.98 -36.39
C TYR D 372 -0.01 2.50 -37.34
N MET D 373 0.28 3.58 -38.08
CA MET D 373 -0.74 4.16 -38.92
C MET D 373 -0.95 3.39 -40.22
N THR D 374 0.08 2.73 -40.74
CA THR D 374 -0.14 1.80 -41.84
C THR D 374 -0.98 0.61 -41.40
N ARG D 375 -0.65 0.02 -40.25
CA ARG D 375 -1.41 -1.13 -39.78
C ARG D 375 -2.87 -0.77 -39.58
N SER D 376 -3.13 0.35 -38.93
CA SER D 376 -4.52 0.70 -38.63
C SER D 376 -5.28 1.06 -39.89
N PHE D 377 -4.61 1.65 -40.88
CA PHE D 377 -5.32 1.88 -42.14
C PHE D 377 -5.72 0.57 -42.78
N LYS D 378 -4.82 -0.42 -42.77
CA LYS D 378 -5.15 -1.72 -43.32
C LYS D 378 -6.37 -2.30 -42.62
N ASP D 379 -6.40 -2.21 -41.29
CA ASP D 379 -7.56 -2.69 -40.55
C ASP D 379 -8.80 -1.90 -40.92
N LEU D 380 -8.64 -0.58 -41.05
CA LEU D 380 -9.74 0.28 -41.44
C LEU D 380 -10.26 -0.09 -42.82
N LYS D 381 -9.35 -0.34 -43.77
CA LYS D 381 -9.75 -0.75 -45.10
C LYS D 381 -10.54 -2.05 -45.06
N GLU D 382 -10.05 -3.03 -44.30
CA GLU D 382 -10.67 -4.35 -44.31
C GLU D 382 -12.04 -4.36 -43.64
N MET D 383 -12.28 -3.47 -42.67
CA MET D 383 -13.62 -3.40 -42.11
C MET D 383 -14.62 -2.87 -43.14
N CYS D 384 -14.21 -1.86 -43.91
CA CYS D 384 -15.09 -1.29 -44.94
C CYS D 384 -15.47 -2.32 -45.99
N LYS D 385 -14.51 -3.11 -46.45
CA LYS D 385 -14.85 -4.18 -47.38
C LYS D 385 -15.78 -5.18 -46.72
N THR D 386 -15.55 -5.45 -45.44
CA THR D 386 -16.36 -6.42 -44.73
C THR D 386 -17.81 -5.96 -44.61
N HIS D 387 -18.03 -4.68 -44.32
CA HIS D 387 -19.35 -4.17 -44.00
C HIS D 387 -19.93 -3.28 -45.09
N SER D 388 -19.24 -3.14 -46.22
CA SER D 388 -19.76 -2.38 -47.35
C SER D 388 -20.13 -0.95 -46.94
N CYS D 389 -19.23 -0.28 -46.23
CA CYS D 389 -19.48 1.07 -45.74
C CYS D 389 -18.33 1.98 -46.13
N ASP D 390 -18.52 3.28 -45.86
CA ASP D 390 -17.50 4.28 -46.15
C ASP D 390 -16.43 4.27 -45.07
N LEU D 391 -15.38 5.07 -45.27
CA LEU D 391 -14.24 5.06 -44.36
C LEU D 391 -14.62 5.47 -42.95
N ARG D 392 -15.46 6.49 -42.80
CA ARG D 392 -15.78 6.97 -41.46
C ARG D 392 -16.47 5.88 -40.66
N MET D 393 -17.46 5.21 -41.27
CA MET D 393 -18.16 4.13 -40.59
C MET D 393 -17.25 2.93 -40.38
N GLY D 394 -16.34 2.67 -41.32
CA GLY D 394 -15.34 1.64 -41.10
C GLY D 394 -14.53 1.88 -39.85
N ALA D 395 -14.21 3.16 -39.57
CA ALA D 395 -13.41 3.48 -38.39
C ALA D 395 -14.19 3.24 -37.12
N PHE D 396 -15.43 3.73 -37.04
CA PHE D 396 -16.22 3.51 -35.82
C PHE D 396 -16.46 2.02 -35.61
N THR D 397 -16.83 1.31 -36.68
CA THR D 397 -17.05 -0.12 -36.57
C THR D 397 -15.77 -0.83 -36.15
N LEU D 398 -14.62 -0.40 -36.67
CA LEU D 398 -13.35 -0.99 -36.28
C LEU D 398 -13.11 -0.81 -34.79
N GLY D 399 -13.27 0.42 -34.31
CA GLY D 399 -13.00 0.69 -32.92
C GLY D 399 -14.02 0.04 -32.00
N VAL D 400 -15.31 0.17 -32.33
CA VAL D 400 -16.33 -0.38 -31.46
C VAL D 400 -16.18 -1.90 -31.40
N ASN D 401 -15.78 -2.51 -32.51
CA ASN D 401 -15.55 -3.95 -32.51
C ASN D 401 -14.39 -4.31 -31.59
N ARG D 402 -13.28 -3.57 -31.66
CA ARG D 402 -12.15 -3.92 -30.80
C ARG D 402 -12.51 -3.78 -29.33
N VAL D 403 -13.21 -2.70 -28.96
CA VAL D 403 -13.61 -2.52 -27.58
C VAL D 403 -14.55 -3.64 -27.14
N ALA D 404 -15.53 -3.95 -27.99
CA ALA D 404 -16.53 -4.95 -27.62
C ALA D 404 -15.89 -6.32 -27.39
N GLN D 405 -14.92 -6.68 -28.21
CA GLN D 405 -14.27 -7.99 -28.07
C GLN D 405 -13.55 -8.10 -26.74
N ALA D 406 -12.78 -7.08 -26.38
CA ALA D 406 -12.11 -7.10 -25.08
C ALA D 406 -13.12 -7.19 -23.94
N THR D 407 -14.19 -6.39 -24.01
CA THR D 407 -15.21 -6.45 -22.98
C THR D 407 -15.74 -7.87 -22.82
N ILE D 408 -15.98 -8.54 -23.94
CA ILE D 408 -16.47 -9.91 -23.88
C ILE D 408 -15.38 -10.84 -23.38
N LEU D 409 -14.15 -10.68 -23.87
CA LEU D 409 -13.08 -11.57 -23.43
C LEU D 409 -12.87 -11.47 -21.93
N ARG D 410 -13.05 -10.28 -21.36
CA ARG D 410 -12.84 -10.13 -19.92
C ARG D 410 -14.04 -10.61 -19.11
N GLY D 411 -15.24 -10.55 -19.66
CA GLY D 411 -16.40 -11.17 -19.05
C GLY D 411 -17.05 -10.30 -17.98
N TRP D 412 -18.23 -10.76 -17.52
CA TRP D 412 -19.03 -10.10 -16.48
C TRP D 412 -19.42 -11.16 -15.47
N GLY D 413 -18.53 -11.50 -14.55
CA GLY D 413 -18.97 -12.38 -13.48
C GLY D 413 -19.35 -13.77 -13.93
N ALA D 414 -20.64 -14.06 -14.05
CA ALA D 414 -21.10 -15.37 -14.52
C ALA D 414 -21.89 -15.29 -15.83
N ASN E 5 22.80 25.47 32.31
CA ASN E 5 21.66 24.59 32.08
C ASN E 5 21.84 23.24 32.76
N ALA E 6 20.80 22.82 33.49
CA ALA E 6 20.67 21.42 33.88
C ALA E 6 20.22 20.55 32.71
N LEU E 7 20.06 21.19 31.57
CA LEU E 7 19.78 20.47 30.34
C LEU E 7 20.96 19.60 29.94
N ALA E 8 22.16 20.17 29.89
CA ALA E 8 23.37 19.42 29.59
C ALA E 8 23.62 18.28 30.58
N ALA E 9 22.96 18.31 31.74
CA ALA E 9 23.01 17.23 32.72
C ALA E 9 22.30 15.97 32.24
N THR E 10 21.55 16.03 31.14
CA THR E 10 20.79 14.86 30.70
C THR E 10 21.71 13.66 30.51
N ASN E 11 22.76 13.82 29.69
CA ASN E 11 23.70 12.72 29.51
C ASN E 11 24.32 12.34 30.83
N ARG E 12 24.42 13.32 31.72
CA ARG E 12 24.99 13.11 33.04
C ARG E 12 24.13 12.15 33.85
N ASN E 13 22.83 12.42 33.93
CA ASN E 13 21.91 11.53 34.64
C ASN E 13 21.85 10.14 34.03
N PHE E 14 21.83 10.05 32.69
CA PHE E 14 21.64 8.75 32.05
C PHE E 14 22.76 7.77 32.36
N LYS E 15 24.01 8.17 32.10
CA LYS E 15 25.12 7.25 32.37
C LYS E 15 25.14 6.84 33.83
N LEU E 16 24.65 7.71 34.73
CA LEU E 16 24.52 7.30 36.12
C LEU E 16 23.49 6.21 36.26
N ALA E 17 22.28 6.45 35.74
CA ALA E 17 21.24 5.45 35.86
C ALA E 17 21.64 4.15 35.18
N ALA E 18 22.24 4.26 33.99
CA ALA E 18 22.71 3.07 33.30
C ALA E 18 23.72 2.30 34.14
N ARG E 19 24.52 3.01 34.95
CA ARG E 19 25.49 2.34 35.82
C ARG E 19 24.84 1.77 37.07
N LEU E 20 23.81 2.45 37.60
CA LEU E 20 23.06 1.90 38.72
C LEU E 20 22.40 0.58 38.35
N LEU E 21 21.72 0.54 37.22
CA LEU E 21 21.36 -0.73 36.63
C LEU E 21 22.63 -1.42 36.14
N GLY E 22 22.50 -2.70 35.79
CA GLY E 22 23.70 -3.44 35.40
C GLY E 22 23.98 -3.32 33.93
N LEU E 23 23.61 -2.17 33.35
CA LEU E 23 23.53 -2.03 31.90
C LEU E 23 24.88 -2.31 31.27
N ASP E 24 24.89 -3.23 30.30
CA ASP E 24 26.08 -3.46 29.51
C ASP E 24 26.48 -2.16 28.84
N SER E 25 27.77 -1.87 28.83
CA SER E 25 28.23 -0.60 28.26
C SER E 25 27.84 -0.50 26.80
N LYS E 26 27.87 -1.61 26.08
CA LYS E 26 27.49 -1.59 24.67
C LYS E 26 25.99 -1.31 24.51
N LEU E 27 25.16 -1.91 25.37
CA LEU E 27 23.74 -1.60 25.33
C LEU E 27 23.49 -0.15 25.74
N GLU E 28 24.22 0.34 26.73
CA GLU E 28 24.10 1.74 27.07
C GLU E 28 24.42 2.60 25.87
N LYS E 29 25.45 2.22 25.10
CA LYS E 29 25.79 2.96 23.90
C LYS E 29 24.65 2.97 22.90
N SER E 30 23.98 1.83 22.71
CA SER E 30 22.86 1.79 21.76
C SER E 30 21.67 2.59 22.27
N LEU E 31 21.37 2.51 23.57
CA LEU E 31 20.25 3.29 24.12
C LEU E 31 20.50 4.78 23.95
N LEU E 32 21.77 5.17 23.93
CA LEU E 32 22.13 6.57 23.75
C LEU E 32 21.91 7.04 22.31
N ILE E 33 22.26 6.22 21.33
CA ILE E 33 22.16 6.59 19.92
C ILE E 33 20.70 6.67 19.50
N PRO E 34 20.27 7.75 18.87
CA PRO E 34 18.88 7.83 18.39
C PRO E 34 18.61 6.87 17.25
N PHE E 35 17.36 6.39 17.22
CA PHE E 35 16.91 5.48 16.17
C PHE E 35 17.02 6.13 14.80
N ARG E 36 16.68 7.41 14.70
CA ARG E 36 16.71 8.11 13.42
C ARG E 36 16.84 9.63 13.63
N GLU E 37 17.61 10.28 12.74
CA GLU E 37 17.70 11.74 12.67
C GLU E 37 17.48 12.20 11.24
N ILE E 38 16.58 13.18 11.05
CA ILE E 38 16.14 13.64 9.74
C ILE E 38 16.33 15.14 9.60
N LYS E 39 16.90 15.57 8.47
CA LYS E 39 16.85 16.96 8.03
C LYS E 39 16.21 17.04 6.65
N VAL E 40 15.26 17.96 6.48
CA VAL E 40 14.56 18.13 5.22
C VAL E 40 14.57 19.60 4.83
N GLU E 41 14.61 19.86 3.53
CA GLU E 41 14.51 21.21 3.01
C GLU E 41 13.05 21.63 2.93
N CYS E 42 12.72 22.79 3.50
CA CYS E 42 11.38 23.37 3.39
C CYS E 42 11.49 24.73 2.72
N THR E 43 11.26 24.75 1.42
CA THR E 43 11.28 25.98 0.64
C THR E 43 9.84 26.33 0.26
N ILE E 44 9.44 27.56 0.57
CA ILE E 44 8.09 28.01 0.27
C ILE E 44 8.18 29.38 -0.40
N PRO E 45 7.16 29.73 -1.18
CA PRO E 45 7.04 31.12 -1.65
C PRO E 45 6.56 32.01 -0.52
N LYS E 46 7.27 33.10 -0.28
CA LYS E 46 6.78 34.11 0.64
C LYS E 46 5.65 34.89 -0.02
N ASP E 47 4.93 35.68 0.76
CA ASP E 47 3.82 36.45 0.22
C ASP E 47 4.27 37.42 -0.86
N ASP E 48 5.52 37.89 -0.84
CA ASP E 48 5.99 38.70 -1.95
C ASP E 48 6.42 37.87 -3.15
N GLY E 49 6.23 36.55 -3.12
CA GLY E 49 6.58 35.69 -4.22
C GLY E 49 7.97 35.10 -4.17
N THR E 50 8.92 35.82 -3.57
CA THR E 50 10.31 35.37 -3.51
C THR E 50 10.42 34.09 -2.69
N LEU E 51 11.52 33.37 -2.93
CA LEU E 51 11.73 32.10 -2.25
C LEU E 51 12.27 32.29 -0.84
N ALA E 52 11.93 31.34 0.02
CA ALA E 52 12.51 31.22 1.33
C ALA E 52 12.76 29.75 1.60
N SER E 53 13.96 29.41 2.05
CA SER E 53 14.32 28.03 2.33
C SER E 53 14.55 27.87 3.83
N PHE E 54 13.90 26.88 4.43
CA PHE E 54 14.08 26.57 5.84
C PHE E 54 14.46 25.10 5.99
N VAL E 55 15.10 24.77 7.09
CA VAL E 55 15.40 23.38 7.42
C VAL E 55 14.46 22.90 8.52
N GLY E 56 13.68 21.87 8.19
CA GLY E 56 12.93 21.14 9.18
C GLY E 56 13.71 19.91 9.60
N PHE E 57 13.36 19.39 10.77
CA PHE E 57 14.13 18.28 11.31
C PHE E 57 13.27 17.53 12.32
N ARG E 58 13.70 16.32 12.63
CA ARG E 58 13.03 15.51 13.64
C ARG E 58 14.05 14.48 14.11
N VAL E 59 14.36 14.50 15.39
CA VAL E 59 15.14 13.42 16.00
C VAL E 59 14.16 12.42 16.57
N GLN E 60 14.24 11.20 16.10
CA GLN E 60 13.41 10.12 16.57
C GLN E 60 14.34 9.21 17.37
N HIS E 61 14.32 9.38 18.69
CA HIS E 61 15.35 8.80 19.52
C HIS E 61 15.15 7.31 19.74
N ASP E 62 13.97 6.92 20.23
CA ASP E 62 13.75 5.54 20.64
C ASP E 62 12.28 5.20 20.50
N ASN E 63 12.01 3.98 20.02
CA ASN E 63 10.63 3.51 19.88
C ASN E 63 10.46 2.10 20.43
N ALA E 64 11.38 1.63 21.27
CA ALA E 64 11.27 0.28 21.80
C ALA E 64 9.92 0.09 22.49
N ARG E 65 9.45 1.09 23.21
CA ARG E 65 8.22 0.98 23.97
C ARG E 65 7.00 1.49 23.22
N GLY E 66 7.13 1.86 21.95
CA GLY E 66 5.96 2.31 21.22
C GLY E 66 6.20 3.48 20.30
N PRO E 67 5.11 4.09 19.82
CA PRO E 67 5.24 5.22 18.91
C PRO E 67 5.92 6.38 19.60
N MET E 68 6.63 7.18 18.80
CA MET E 68 7.35 8.29 19.40
C MET E 68 6.46 9.50 19.57
N LYS E 69 6.80 10.31 20.56
CA LYS E 69 6.02 11.46 20.95
C LYS E 69 6.98 12.62 21.16
N GLY E 70 6.63 13.79 20.65
CA GLY E 70 7.51 14.93 20.84
C GLY E 70 6.98 16.18 20.17
N GLY E 71 7.44 17.33 20.67
CA GLY E 71 6.95 18.60 20.19
C GLY E 71 7.65 19.05 18.92
N ILE E 72 7.01 20.01 18.24
CA ILE E 72 7.57 20.64 17.06
C ILE E 72 7.87 22.09 17.44
N ARG E 73 9.12 22.51 17.30
CA ARG E 73 9.52 23.84 17.70
C ARG E 73 9.75 24.69 16.45
N TYR E 74 9.02 25.79 16.34
CA TYR E 74 9.31 26.79 15.31
C TYR E 74 10.17 27.83 15.99
N HIS E 75 11.49 27.74 15.82
CA HIS E 75 12.36 28.66 16.53
C HIS E 75 13.65 28.82 15.74
N PRO E 76 14.22 30.03 15.68
CA PRO E 76 15.41 30.22 14.85
C PRO E 76 16.65 29.54 15.41
N GLU E 77 16.72 29.32 16.71
CA GLU E 77 17.87 28.69 17.32
C GLU E 77 17.71 27.18 17.31
N VAL E 78 18.64 26.50 16.65
CA VAL E 78 18.62 25.04 16.52
C VAL E 78 20.01 24.54 16.89
N ASP E 79 20.15 24.01 18.11
CA ASP E 79 21.38 23.33 18.48
C ASP E 79 21.16 21.83 18.31
N PRO E 80 21.90 21.15 17.43
CA PRO E 80 21.66 19.71 17.25
C PRO E 80 21.80 18.90 18.51
N ASP E 81 22.78 19.23 19.34
CA ASP E 81 23.00 18.47 20.55
C ASP E 81 21.82 18.60 21.50
N GLU E 82 21.32 19.82 21.70
CA GLU E 82 20.20 20.07 22.60
C GLU E 82 18.95 19.33 22.15
N VAL E 83 18.64 19.40 20.84
CA VAL E 83 17.47 18.71 20.31
C VAL E 83 17.58 17.23 20.62
N ASN E 84 18.77 16.67 20.42
CA ASN E 84 18.95 15.25 20.70
C ASN E 84 18.71 14.95 22.16
N ALA E 85 19.17 15.83 23.04
CA ALA E 85 18.94 15.65 24.46
C ALA E 85 17.45 15.65 24.79
N LEU E 86 16.70 16.57 24.19
CA LEU E 86 15.27 16.65 24.48
C LEU E 86 14.54 15.39 24.05
N ALA E 87 14.84 14.90 22.84
CA ALA E 87 14.21 13.67 22.38
C ALA E 87 14.56 12.53 23.32
N GLN E 88 15.80 12.49 23.78
CA GLN E 88 16.20 11.43 24.70
C GLN E 88 15.48 11.57 26.03
N LEU E 89 15.36 12.79 26.54
CA LEU E 89 14.62 13.00 27.78
C LEU E 89 13.21 12.48 27.65
N MET E 90 12.58 12.73 26.49
CA MET E 90 11.21 12.28 26.31
C MET E 90 11.12 10.78 26.40
N THR E 91 12.13 10.07 25.89
CA THR E 91 12.13 8.61 26.02
C THR E 91 12.04 8.21 27.47
N TRP E 92 12.84 8.83 28.32
CA TRP E 92 12.78 8.50 29.74
C TRP E 92 11.49 8.99 30.36
N LYS E 93 11.02 10.18 29.96
CA LYS E 93 9.84 10.74 30.60
C LYS E 93 8.61 9.85 30.37
N THR E 94 8.40 9.43 29.12
CA THR E 94 7.28 8.54 28.82
C THR E 94 7.42 7.20 29.52
N ALA E 95 8.66 6.75 29.76
CA ALA E 95 8.86 5.48 30.44
C ALA E 95 8.53 5.59 31.92
N VAL E 96 8.89 6.70 32.56
CA VAL E 96 8.50 6.94 33.96
C VAL E 96 6.98 7.03 34.09
N ALA E 97 6.33 7.69 33.13
CA ALA E 97 4.88 7.83 33.17
C ALA E 97 4.16 6.52 32.88
N LYS E 98 4.85 5.53 32.33
CA LYS E 98 4.25 4.26 31.91
C LYS E 98 3.21 4.47 30.80
N ILE E 99 3.49 5.37 29.89
CA ILE E 99 2.64 5.50 28.71
C ILE E 99 3.43 4.86 27.57
N PRO E 100 2.77 4.19 26.63
CA PRO E 100 3.51 3.37 25.63
C PRO E 100 4.07 4.20 24.47
N TYR E 101 4.95 5.13 24.81
CA TYR E 101 5.60 5.97 23.81
C TYR E 101 7.11 5.93 23.98
N GLY E 102 7.80 6.23 22.88
CA GLY E 102 9.20 6.60 22.91
C GLY E 102 9.36 8.10 22.69
N GLY E 103 10.61 8.54 22.70
CA GLY E 103 10.92 9.96 22.67
C GLY E 103 11.34 10.44 21.30
N ALA E 104 10.85 11.64 20.93
CA ALA E 104 11.26 12.30 19.71
C ALA E 104 11.15 13.80 19.91
N LYS E 105 11.72 14.56 18.98
CA LYS E 105 11.67 16.01 19.06
C LYS E 105 12.03 16.59 17.70
N GLY E 106 11.27 17.59 17.26
CA GLY E 106 11.54 18.17 15.96
C GLY E 106 11.20 19.65 15.88
N GLY E 107 11.24 20.20 14.68
CA GLY E 107 10.89 21.59 14.48
C GLY E 107 11.42 22.12 13.17
N ILE E 108 11.24 23.43 13.00
CA ILE E 108 11.74 24.16 11.83
C ILE E 108 12.55 25.36 12.32
N GLY E 109 13.77 25.48 11.82
CA GLY E 109 14.53 26.67 12.14
C GLY E 109 13.99 27.86 11.40
N CYS E 110 13.26 28.72 12.12
CA CYS E 110 12.55 29.86 11.53
C CYS E 110 12.01 30.70 12.67
N ASP E 111 11.74 31.97 12.37
CA ASP E 111 11.15 32.87 13.36
C ASP E 111 9.73 33.21 12.99
N PRO E 112 8.72 32.57 13.60
CA PRO E 112 7.34 32.84 13.20
C PRO E 112 6.93 34.28 13.40
N SER E 113 7.58 35.00 14.30
CA SER E 113 7.29 36.42 14.45
C SER E 113 7.69 37.24 13.23
N LYS E 114 8.43 36.66 12.28
CA LYS E 114 8.81 37.35 11.06
C LYS E 114 8.05 36.81 9.85
N LEU E 115 7.01 36.01 10.08
CA LEU E 115 6.24 35.37 9.02
C LEU E 115 4.77 35.70 9.17
N SER E 116 4.10 35.91 8.03
CA SER E 116 2.66 36.07 8.02
C SER E 116 1.99 34.73 8.33
N ILE E 117 0.72 34.82 8.71
CA ILE E 117 -0.02 33.59 8.98
C ILE E 117 -0.13 32.74 7.72
N SER E 118 -0.23 33.38 6.55
CA SER E 118 -0.26 32.63 5.29
C SER E 118 1.05 31.89 5.06
N GLU E 119 2.18 32.55 5.31
CA GLU E 119 3.46 31.87 5.14
C GLU E 119 3.63 30.75 6.16
N LEU E 120 3.13 30.94 7.36
CA LEU E 120 3.26 29.91 8.39
C LEU E 120 2.47 28.66 8.02
N GLU E 121 1.27 28.84 7.43
CA GLU E 121 0.52 27.67 6.95
C GLU E 121 1.24 27.01 5.78
N ARG E 122 1.73 27.82 4.82
CA ARG E 122 2.50 27.26 3.72
C ARG E 122 3.68 26.45 4.23
N LEU E 123 4.46 27.03 5.13
CA LEU E 123 5.63 26.35 5.67
C LEU E 123 5.21 25.10 6.44
N THR E 124 4.12 25.18 7.20
CA THR E 124 3.67 24.02 7.97
C THR E 124 3.29 22.88 7.06
N ARG E 125 2.59 23.18 5.96
CA ARG E 125 2.17 22.12 5.05
C ARG E 125 3.36 21.53 4.30
N VAL E 126 4.30 22.39 3.90
CA VAL E 126 5.46 21.88 3.18
C VAL E 126 6.27 20.95 4.08
N PHE E 127 6.44 21.33 5.35
CA PHE E 127 7.08 20.46 6.32
C PHE E 127 6.35 19.11 6.45
N THR E 128 5.01 19.15 6.53
CA THR E 128 4.25 17.90 6.60
C THR E 128 4.48 17.04 5.36
N GLN E 129 4.49 17.66 4.17
CA GLN E 129 4.72 16.90 2.95
C GLN E 129 6.09 16.21 2.98
N LYS E 130 7.09 16.88 3.58
CA LYS E 130 8.46 16.37 3.57
C LYS E 130 8.73 15.28 4.60
N ILE E 131 7.86 15.13 5.61
CA ILE E 131 8.07 14.14 6.65
C ILE E 131 6.88 13.22 6.85
N HIS E 132 5.84 13.33 6.03
CA HIS E 132 4.64 12.54 6.29
C HIS E 132 4.95 11.04 6.30
N ASP E 133 5.91 10.61 5.49
CA ASP E 133 6.28 9.21 5.40
C ASP E 133 7.13 8.73 6.57
N LEU E 134 7.54 9.63 7.45
CA LEU E 134 8.37 9.32 8.60
C LEU E 134 7.63 9.38 9.92
N ILE E 135 6.37 9.83 9.94
CA ILE E 135 5.61 9.87 11.17
C ILE E 135 4.35 9.08 10.92
N GLY E 136 3.47 8.99 11.90
CA GLY E 136 2.24 8.24 11.70
C GLY E 136 1.62 7.80 13.00
N ILE E 137 0.36 7.38 12.87
CA ILE E 137 -0.49 6.98 13.97
C ILE E 137 0.22 6.02 14.90
N HIS E 138 1.08 5.16 14.36
CA HIS E 138 1.81 4.17 15.13
C HIS E 138 3.32 4.34 15.01
N THR E 139 3.79 5.46 14.50
CA THR E 139 5.22 5.66 14.28
C THR E 139 5.76 6.82 15.12
N ASP E 140 5.19 8.00 14.98
CA ASP E 140 5.70 9.22 15.62
C ASP E 140 4.55 10.22 15.62
N VAL E 141 4.18 10.70 16.80
CA VAL E 141 3.02 11.57 16.97
C VAL E 141 3.49 12.92 17.50
N PRO E 142 3.60 13.93 16.63
CA PRO E 142 4.05 15.25 17.08
C PRO E 142 3.02 15.94 17.98
N ALA E 143 3.46 17.08 18.53
CA ALA E 143 2.67 17.84 19.48
C ALA E 143 3.16 19.28 19.44
N PRO E 144 2.38 20.24 19.96
CA PRO E 144 2.83 21.63 19.93
C PRO E 144 4.03 21.84 20.84
N ASP E 145 4.74 22.92 20.58
CA ASP E 145 5.91 23.31 21.34
C ASP E 145 6.13 24.80 21.11
N MET E 146 7.28 25.31 21.52
CA MET E 146 7.58 26.72 21.32
C MET E 146 7.45 27.13 19.86
N GLY E 147 6.61 28.12 19.62
CA GLY E 147 6.36 28.62 18.29
C GLY E 147 5.28 27.91 17.53
N THR E 148 4.70 26.84 18.07
CA THR E 148 3.58 26.15 17.45
C THR E 148 2.46 25.99 18.46
N GLY E 149 1.28 25.68 17.94
CA GLY E 149 0.11 25.53 18.77
C GLY E 149 -0.98 24.68 18.14
N PRO E 150 -2.19 24.74 18.70
CA PRO E 150 -3.29 23.94 18.16
C PRO E 150 -3.55 24.19 16.68
N GLN E 151 -3.44 25.44 16.25
CA GLN E 151 -3.62 25.74 14.83
C GLN E 151 -2.52 25.09 13.99
N THR E 152 -1.29 25.11 14.48
CA THR E 152 -0.24 24.40 13.77
C THR E 152 -0.61 22.95 13.59
N MET E 153 -1.07 22.31 14.67
CA MET E 153 -1.42 20.90 14.63
C MET E 153 -2.58 20.64 13.68
N ALA E 154 -3.55 21.57 13.61
CA ALA E 154 -4.65 21.41 12.68
C ALA E 154 -4.14 21.35 11.25
N TRP E 155 -3.20 22.22 10.89
CA TRP E 155 -2.62 22.21 9.55
C TRP E 155 -1.84 20.93 9.29
N ILE E 156 -1.08 20.46 10.29
CA ILE E 156 -0.40 19.18 10.12
C ILE E 156 -1.43 18.08 9.88
N LEU E 157 -2.43 18.01 10.75
CA LEU E 157 -3.49 17.02 10.60
C LEU E 157 -4.11 17.09 9.21
N ASP E 158 -4.42 18.30 8.75
CA ASP E 158 -5.08 18.43 7.46
C ASP E 158 -4.17 17.96 6.32
N GLU E 159 -2.93 18.45 6.29
CA GLU E 159 -2.05 18.09 5.19
C GLU E 159 -1.68 16.61 5.25
N TYR E 160 -1.39 16.10 6.44
CA TYR E 160 -1.10 14.67 6.55
C TYR E 160 -2.26 13.84 6.02
N SER E 161 -3.49 14.26 6.31
CA SER E 161 -4.65 13.46 5.92
C SER E 161 -4.81 13.37 4.41
N LYS E 162 -4.22 14.30 3.66
CA LYS E 162 -4.25 14.15 2.22
C LYS E 162 -3.42 12.95 1.78
N PHE E 163 -2.40 12.61 2.56
CA PHE E 163 -1.52 11.52 2.16
C PHE E 163 -1.94 10.17 2.72
N HIS E 164 -2.70 10.12 3.81
CA HIS E 164 -2.98 8.86 4.47
C HIS E 164 -4.41 8.74 4.96
N GLY E 165 -5.32 9.58 4.48
CA GLY E 165 -6.68 9.60 4.96
C GLY E 165 -6.77 10.26 6.31
N TYR E 166 -8.01 10.52 6.76
CA TYR E 166 -8.25 11.18 8.02
C TYR E 166 -7.52 10.46 9.15
N SER E 167 -6.66 11.20 9.85
CA SER E 167 -5.74 10.65 10.84
C SER E 167 -5.68 11.58 12.04
N PRO E 168 -6.79 11.73 12.77
CA PRO E 168 -6.75 12.65 13.92
C PRO E 168 -5.71 12.28 14.96
N ALA E 169 -5.34 11.02 15.06
CA ALA E 169 -4.37 10.63 16.06
C ALA E 169 -2.92 10.92 15.66
N VAL E 170 -2.68 11.55 14.51
CA VAL E 170 -1.29 11.72 14.10
C VAL E 170 -0.61 12.83 14.89
N VAL E 171 -1.35 13.76 15.45
CA VAL E 171 -0.81 14.81 16.30
C VAL E 171 -1.73 14.97 17.50
N THR E 172 -1.16 15.42 18.61
CA THR E 172 -1.95 15.83 19.77
C THR E 172 -1.83 17.34 19.93
N GLY E 173 -2.62 17.88 20.84
CA GLY E 173 -2.72 19.33 20.94
C GLY E 173 -3.61 19.93 19.89
N LYS E 174 -4.47 19.13 19.29
CA LYS E 174 -5.37 19.61 18.28
C LYS E 174 -6.41 20.53 18.91
N PRO E 175 -7.03 21.39 18.13
CA PRO E 175 -8.24 22.05 18.61
C PRO E 175 -9.28 21.01 18.97
N ILE E 176 -10.13 21.35 19.93
CA ILE E 176 -11.17 20.43 20.35
C ILE E 176 -12.13 20.10 19.21
N ASP E 177 -12.38 21.07 18.32
CA ASP E 177 -13.24 20.85 17.18
C ASP E 177 -12.68 19.79 16.23
N LEU E 178 -11.40 19.51 16.32
CA LEU E 178 -10.77 18.52 15.45
C LEU E 178 -10.38 17.26 16.21
N GLY E 179 -10.91 17.07 17.41
CA GLY E 179 -10.60 15.90 18.18
C GLY E 179 -9.62 16.09 19.33
N GLY E 180 -9.38 17.33 19.76
CA GLY E 180 -8.54 17.55 20.92
C GLY E 180 -9.24 17.11 22.19
N SER E 181 -8.44 16.89 23.23
CA SER E 181 -8.95 16.32 24.47
C SER E 181 -9.40 17.40 25.45
N LEU E 182 -10.46 17.08 26.20
CA LEU E 182 -10.84 17.87 27.36
C LEU E 182 -9.80 17.76 28.46
N GLY E 183 -9.74 18.80 29.29
CA GLY E 183 -8.82 18.83 30.40
C GLY E 183 -7.37 19.00 30.05
N ARG E 184 -7.05 19.17 28.77
CA ARG E 184 -5.66 19.33 28.37
C ARG E 184 -5.05 20.62 28.93
N ASP E 185 -5.86 21.67 29.12
CA ASP E 185 -5.32 22.93 29.64
C ASP E 185 -4.84 22.80 31.06
N ALA E 186 -5.60 22.13 31.91
CA ALA E 186 -5.21 22.02 33.31
C ALA E 186 -4.24 20.89 33.57
N ALA E 187 -3.81 20.17 32.53
CA ALA E 187 -3.16 18.88 32.73
C ALA E 187 -1.89 19.00 33.57
N THR E 188 -0.92 19.79 33.11
CA THR E 188 0.35 19.85 33.83
C THR E 188 0.18 20.38 35.23
N GLY E 189 -0.60 21.45 35.38
CA GLY E 189 -0.86 21.97 36.71
C GLY E 189 -1.56 20.96 37.60
N ARG E 190 -2.58 20.29 37.06
CA ARG E 190 -3.27 19.27 37.84
C ARG E 190 -2.35 18.13 38.20
N GLY E 191 -1.48 17.75 37.26
CA GLY E 191 -0.48 16.73 37.54
C GLY E 191 0.43 17.13 38.67
N VAL E 192 0.79 18.41 38.73
CA VAL E 192 1.65 18.87 39.82
C VAL E 192 0.96 18.65 41.16
N MET E 193 -0.32 18.98 41.24
CA MET E 193 -1.06 18.79 42.48
C MET E 193 -1.21 17.31 42.81
N PHE E 194 -1.42 16.46 41.81
CA PHE E 194 -1.54 15.03 42.06
C PHE E 194 -0.26 14.48 42.69
N GLY E 195 0.88 14.75 42.06
CA GLY E 195 2.14 14.24 42.58
C GLY E 195 2.49 14.79 43.93
N THR E 196 2.09 16.04 44.20
CA THR E 196 2.34 16.63 45.50
C THR E 196 1.61 15.85 46.60
N GLU E 197 0.37 15.47 46.37
CA GLU E 197 -0.35 14.69 47.38
C GLU E 197 0.26 13.30 47.53
N ALA E 198 0.65 12.66 46.42
CA ALA E 198 1.32 11.36 46.50
C ALA E 198 2.58 11.45 47.35
N LEU E 199 3.38 12.51 47.14
CA LEU E 199 4.62 12.69 47.89
C LEU E 199 4.33 12.92 49.37
N LEU E 200 3.35 13.78 49.67
CA LEU E 200 3.01 14.08 51.05
C LEU E 200 2.44 12.87 51.78
N ASN E 201 1.60 12.09 51.09
CA ASN E 201 0.99 10.92 51.73
C ASN E 201 2.03 9.94 52.26
N GLU E 202 3.17 9.81 51.58
CA GLU E 202 4.26 8.98 52.10
C GLU E 202 4.86 9.54 53.39
N HIS E 203 4.62 10.81 53.67
CA HIS E 203 5.10 11.45 54.89
C HIS E 203 3.99 11.63 55.91
N GLY E 204 2.87 10.95 55.71
CA GLY E 204 1.75 11.05 56.62
C GLY E 204 1.06 12.38 56.59
N LYS E 205 1.27 13.16 55.53
CA LYS E 205 0.72 14.49 55.38
C LYS E 205 -0.21 14.55 54.19
N THR E 206 -0.95 15.65 54.10
CA THR E 206 -1.82 15.94 52.97
C THR E 206 -1.64 17.41 52.60
N ILE E 207 -2.14 17.74 51.40
CA ILE E 207 -2.05 19.11 50.88
C ILE E 207 -2.66 20.10 51.86
N SER E 208 -3.74 19.69 52.52
CA SER E 208 -4.50 20.56 53.42
C SER E 208 -3.62 21.17 54.52
N GLY E 209 -3.63 22.50 54.59
CA GLY E 209 -2.98 23.28 55.64
C GLY E 209 -1.58 23.79 55.37
N GLN E 210 -0.79 23.00 54.67
CA GLN E 210 0.61 23.34 54.44
C GLN E 210 0.78 24.57 53.55
N ARG E 211 1.92 25.22 53.70
CA ARG E 211 2.22 26.50 53.05
C ARG E 211 2.91 26.31 51.71
N PHE E 212 2.36 26.97 50.69
CA PHE E 212 2.88 26.89 49.33
C PHE E 212 3.39 28.26 48.91
N VAL E 213 4.60 28.27 48.34
CA VAL E 213 5.13 29.41 47.61
C VAL E 213 5.28 28.96 46.17
N ILE E 214 4.65 29.69 45.26
CA ILE E 214 4.56 29.30 43.86
C ILE E 214 5.29 30.36 43.05
N GLN E 215 6.48 30.03 42.55
CA GLN E 215 7.27 30.96 41.75
C GLN E 215 6.93 30.77 40.29
N GLY E 216 6.40 31.82 39.67
CA GLY E 216 5.91 31.70 38.31
C GLY E 216 4.42 31.51 38.33
N PHE E 217 3.70 32.23 37.47
CA PHE E 217 2.25 32.16 37.45
C PHE E 217 1.74 32.06 36.02
N GLY E 218 2.36 31.21 35.22
CA GLY E 218 1.89 30.92 33.89
C GLY E 218 0.75 29.92 33.92
N ASN E 219 0.58 29.23 32.79
CA ASN E 219 -0.47 28.21 32.69
C ASN E 219 -0.34 27.17 33.79
N VAL E 220 0.87 26.63 33.97
CA VAL E 220 1.07 25.59 34.96
C VAL E 220 0.92 26.15 36.37
N GLY E 221 1.62 27.24 36.67
CA GLY E 221 1.60 27.77 38.02
C GLY E 221 0.21 28.20 38.45
N SER E 222 -0.48 28.94 37.59
CA SER E 222 -1.82 29.42 37.91
C SER E 222 -2.76 28.24 38.18
N TRP E 223 -2.72 27.22 37.32
CA TRP E 223 -3.59 26.07 37.53
C TRP E 223 -3.27 25.36 38.84
N ALA E 224 -1.97 25.21 39.14
CA ALA E 224 -1.57 24.57 40.38
C ALA E 224 -2.15 25.29 41.59
N ALA E 225 -1.91 26.60 41.68
CA ALA E 225 -2.46 27.37 42.78
C ALA E 225 -3.96 27.16 42.90
N LYS E 226 -4.66 27.16 41.76
CA LYS E 226 -6.10 26.96 41.78
C LYS E 226 -6.45 25.61 42.39
N LEU E 227 -5.90 24.54 41.80
CA LEU E 227 -6.25 23.20 42.27
C LEU E 227 -5.75 22.96 43.69
N ILE E 228 -4.61 23.57 44.06
CA ILE E 228 -4.02 23.33 45.39
C ILE E 228 -4.87 23.96 46.48
N SER E 229 -5.27 25.23 46.27
CA SER E 229 -6.13 25.89 47.24
C SER E 229 -7.44 25.13 47.44
N GLU E 230 -7.98 24.55 46.36
CA GLU E 230 -9.23 23.82 46.48
C GLU E 230 -9.09 22.55 47.32
N LYS E 231 -7.88 22.02 47.47
CA LYS E 231 -7.68 20.90 48.38
C LYS E 231 -7.31 21.35 49.78
N GLY E 232 -7.32 22.66 50.03
CA GLY E 232 -6.92 23.17 51.32
C GLY E 232 -5.49 23.62 51.42
N GLY E 233 -4.74 23.61 50.33
CA GLY E 233 -3.37 24.11 50.40
C GLY E 233 -3.37 25.62 50.64
N LYS E 234 -2.41 26.07 51.44
CA LYS E 234 -2.28 27.48 51.77
C LYS E 234 -1.17 28.07 50.91
N ILE E 235 -1.57 28.77 49.85
CA ILE E 235 -0.61 29.43 48.98
C ILE E 235 -0.31 30.78 49.61
N VAL E 236 0.88 30.90 50.20
CA VAL E 236 1.22 32.08 50.99
C VAL E 236 2.00 33.12 50.20
N ALA E 237 2.55 32.75 49.04
CA ALA E 237 3.32 33.70 48.24
C ALA E 237 3.29 33.23 46.79
N VAL E 238 3.22 34.19 45.88
CA VAL E 238 3.15 33.93 44.44
C VAL E 238 4.05 34.92 43.72
N SER E 239 4.74 34.45 42.68
CA SER E 239 5.53 35.29 41.82
C SER E 239 5.05 35.13 40.38
N ASP E 240 5.21 36.18 39.60
CA ASP E 240 4.89 36.13 38.18
C ASP E 240 5.76 37.14 37.44
N ILE E 241 5.36 37.48 36.21
CA ILE E 241 6.10 38.43 35.39
C ILE E 241 6.05 39.84 35.96
N THR E 242 5.02 40.19 36.74
CA THR E 242 4.86 41.55 37.23
C THR E 242 5.42 41.79 38.63
N GLY E 243 5.68 40.74 39.40
CA GLY E 243 6.18 40.92 40.74
C GLY E 243 5.78 39.74 41.62
N ALA E 244 5.96 39.93 42.92
CA ALA E 244 5.68 38.92 43.92
C ALA E 244 4.81 39.48 45.02
N ILE E 245 3.86 38.67 45.51
CA ILE E 245 2.91 39.08 46.53
C ILE E 245 2.84 38.02 47.61
N LYS E 246 2.56 38.45 48.84
CA LYS E 246 2.57 37.59 50.01
C LYS E 246 1.32 37.82 50.85
N ASN E 247 0.91 36.77 51.58
CA ASN E 247 -0.18 36.85 52.54
C ASN E 247 0.01 35.69 53.51
N LYS E 248 0.32 36.00 54.77
CA LYS E 248 0.68 34.94 55.72
C LYS E 248 -0.46 33.96 55.98
N ASP E 249 -1.71 34.39 55.80
CA ASP E 249 -2.85 33.51 56.01
C ASP E 249 -3.25 32.75 54.75
N GLY E 250 -2.63 33.02 53.61
CA GLY E 250 -2.99 32.37 52.37
C GLY E 250 -3.60 33.35 51.40
N ILE E 251 -3.09 33.38 50.18
CA ILE E 251 -3.62 34.26 49.15
C ILE E 251 -4.92 33.67 48.63
N ASP E 252 -5.98 34.47 48.57
CA ASP E 252 -7.25 34.02 48.04
C ASP E 252 -7.11 33.81 46.54
N ILE E 253 -6.92 32.55 46.17
CA ILE E 253 -6.58 32.19 44.80
C ILE E 253 -7.72 32.49 43.83
N PRO E 254 -8.98 32.08 44.10
CA PRO E 254 -10.07 32.45 43.19
C PRO E 254 -10.14 33.95 42.93
N ALA E 255 -10.06 34.75 44.00
CA ALA E 255 -10.09 36.21 43.83
C ALA E 255 -8.87 36.69 43.05
N LEU E 256 -7.70 36.14 43.33
CA LEU E 256 -6.51 36.57 42.60
C LEU E 256 -6.62 36.21 41.12
N LEU E 257 -7.12 35.01 40.82
CA LEU E 257 -7.26 34.60 39.43
C LEU E 257 -8.15 35.57 38.65
N LYS E 258 -9.24 36.02 39.27
CA LYS E 258 -10.06 37.04 38.65
C LYS E 258 -9.25 38.31 38.41
N HIS E 259 -8.46 38.71 39.41
CA HIS E 259 -7.64 39.91 39.29
C HIS E 259 -6.59 39.76 38.20
N THR E 260 -5.93 38.61 38.13
CA THR E 260 -4.82 38.46 37.19
C THR E 260 -5.28 38.39 35.74
N LYS E 261 -6.45 37.78 35.48
CA LYS E 261 -6.89 37.66 34.10
C LYS E 261 -7.29 39.00 33.50
N GLU E 262 -7.99 39.83 34.27
CA GLU E 262 -8.38 41.13 33.75
C GLU E 262 -7.18 42.05 33.61
N HIS E 263 -6.28 42.05 34.59
CA HIS E 263 -5.18 43.00 34.61
C HIS E 263 -3.93 42.46 33.92
N ARG E 264 -3.79 41.14 33.82
CA ARG E 264 -2.75 40.47 33.04
C ARG E 264 -1.45 40.43 33.85
N GLY E 265 -1.61 40.33 35.15
CA GLY E 265 -0.49 40.27 36.08
C GLY E 265 -1.00 40.43 37.49
N VAL E 266 -0.15 40.09 38.45
CA VAL E 266 -0.52 40.15 39.86
C VAL E 266 -0.26 41.52 40.49
N LYS E 267 0.33 42.46 39.75
CA LYS E 267 0.72 43.75 40.29
C LYS E 267 -0.52 44.59 40.60
N GLY E 268 -0.91 44.64 41.88
CA GLY E 268 -2.06 45.40 42.28
C GLY E 268 -3.15 44.67 43.06
N PHE E 269 -2.84 43.48 43.57
CA PHE E 269 -3.86 42.64 44.20
C PHE E 269 -4.12 43.09 45.64
N ASP E 270 -5.34 43.58 45.90
CA ASP E 270 -5.80 43.74 47.26
C ASP E 270 -5.97 42.37 47.90
N GLY E 271 -5.53 42.24 49.15
CA GLY E 271 -5.53 40.94 49.80
C GLY E 271 -4.21 40.21 49.76
N ALA E 272 -3.14 40.87 49.36
CA ALA E 272 -1.80 40.31 49.42
C ALA E 272 -0.81 41.45 49.29
N ASP E 273 0.11 41.52 50.25
CA ASP E 273 1.14 42.55 50.29
C ASP E 273 2.24 42.22 49.29
N PRO E 274 2.79 43.24 48.63
CA PRO E 274 3.88 42.97 47.69
C PRO E 274 5.17 42.65 48.42
N ILE E 275 5.99 41.80 47.81
CA ILE E 275 7.29 41.42 48.34
C ILE E 275 8.31 41.46 47.21
N ASP E 276 9.57 41.32 47.59
CA ASP E 276 10.67 41.42 46.64
C ASP E 276 10.56 40.33 45.58
N PRO E 277 10.50 40.69 44.29
CA PRO E 277 10.40 39.65 43.25
C PRO E 277 11.59 38.70 43.26
N ASN E 278 12.74 39.13 43.77
CA ASN E 278 13.94 38.30 43.84
C ASN E 278 14.07 37.54 45.16
N SER E 279 13.13 37.69 46.09
CA SER E 279 13.15 37.00 47.37
C SER E 279 12.23 35.79 47.39
N ILE E 280 11.61 35.46 46.27
CA ILE E 280 10.49 34.52 46.29
C ILE E 280 10.95 33.12 46.69
N LEU E 281 12.13 32.69 46.24
CA LEU E 281 12.57 31.32 46.51
C LEU E 281 12.91 31.07 47.97
N VAL E 282 13.23 32.11 48.74
CA VAL E 282 13.69 31.94 50.11
C VAL E 282 12.57 32.19 51.12
N GLU E 283 11.32 32.28 50.67
CA GLU E 283 10.20 32.45 51.59
C GLU E 283 10.00 31.19 52.43
N ASP E 284 9.57 31.39 53.67
CA ASP E 284 9.30 30.28 54.58
C ASP E 284 7.96 29.62 54.25
N CYS E 285 7.97 28.30 54.12
CA CYS E 285 6.78 27.51 53.79
C CYS E 285 7.14 26.03 53.97
N ASP E 286 6.22 25.15 53.60
CA ASP E 286 6.51 23.71 53.59
C ASP E 286 6.92 23.19 52.23
N ILE E 287 6.29 23.71 51.18
CA ILE E 287 6.46 23.19 49.85
C ILE E 287 6.69 24.38 48.93
N LEU E 288 7.81 24.36 48.22
CA LEU E 288 8.18 25.43 47.31
C LEU E 288 8.07 24.88 45.88
N VAL E 289 7.38 25.61 45.03
CA VAL E 289 7.11 25.10 43.68
C VAL E 289 7.78 26.01 42.65
N PRO E 290 9.02 25.72 42.26
CA PRO E 290 9.60 26.44 41.12
C PRO E 290 8.82 26.10 39.88
N ALA E 291 8.12 27.10 39.35
CA ALA E 291 7.16 26.86 38.26
C ALA E 291 7.34 27.83 37.10
N ALA E 292 8.49 28.50 36.99
CA ALA E 292 8.69 29.38 35.84
C ALA E 292 9.82 28.90 34.95
N LEU E 293 11.04 28.82 35.47
CA LEU E 293 12.18 28.62 34.59
C LEU E 293 13.23 27.77 35.30
N GLY E 294 14.21 27.33 34.52
CA GLY E 294 15.25 26.48 35.04
C GLY E 294 16.37 27.26 35.68
N GLY E 295 17.13 26.54 36.51
CA GLY E 295 18.31 27.06 37.18
C GLY E 295 18.04 28.15 38.19
N VAL E 296 16.78 28.34 38.59
CA VAL E 296 16.45 29.39 39.54
C VAL E 296 16.90 29.02 40.95
N ILE E 297 17.07 27.74 41.22
CA ILE E 297 17.66 27.26 42.46
C ILE E 297 19.10 26.82 42.18
N ASN E 298 20.05 27.40 42.89
CA ASN E 298 21.48 27.16 42.68
C ASN E 298 22.16 27.17 44.04
N ARG E 299 23.50 27.12 44.03
CA ARG E 299 24.24 27.07 45.28
C ARG E 299 24.04 28.32 46.12
N GLU E 300 23.78 29.46 45.49
CA GLU E 300 23.73 30.70 46.23
C GLU E 300 22.49 30.83 47.09
N ASN E 301 21.46 30.06 46.82
CA ASN E 301 20.19 30.20 47.51
C ASN E 301 19.70 28.88 48.08
N ALA E 302 20.53 27.83 48.04
CA ALA E 302 20.11 26.50 48.43
C ALA E 302 20.02 26.36 49.96
N ASN E 303 20.97 26.94 50.69
CA ASN E 303 21.01 26.72 52.14
C ASN E 303 19.81 27.33 52.87
N GLU E 304 19.27 28.43 52.36
CA GLU E 304 18.20 29.15 53.04
C GLU E 304 16.80 28.78 52.57
N ILE E 305 16.66 27.76 51.72
CA ILE E 305 15.33 27.31 51.36
C ILE E 305 14.68 26.70 52.59
N LYS E 306 13.46 27.12 52.87
CA LYS E 306 12.77 26.76 54.10
C LYS E 306 11.83 25.57 53.95
N ALA E 307 11.52 25.16 52.73
CA ALA E 307 10.62 24.05 52.49
C ALA E 307 11.33 22.72 52.70
N LYS E 308 10.60 21.75 53.26
CA LYS E 308 11.09 20.38 53.28
C LYS E 308 10.82 19.68 51.96
N PHE E 309 10.00 20.27 51.09
CA PHE E 309 9.66 19.68 49.81
C PHE E 309 9.76 20.73 48.71
N ILE E 310 10.36 20.35 47.59
CA ILE E 310 10.43 21.18 46.39
C ILE E 310 9.77 20.39 45.26
N ILE E 311 8.74 20.96 44.66
CA ILE E 311 7.99 20.31 43.59
C ILE E 311 8.46 20.94 42.28
N GLU E 312 9.30 20.21 41.54
CA GLU E 312 9.90 20.79 40.34
C GLU E 312 8.84 20.84 39.24
N ALA E 313 8.04 21.90 39.28
CA ALA E 313 7.04 22.08 38.24
C ALA E 313 7.68 22.59 36.95
N ALA E 314 8.60 23.54 37.06
CA ALA E 314 9.34 23.96 35.89
C ALA E 314 10.29 22.85 35.44
N ASN E 315 10.92 23.07 34.29
CA ASN E 315 11.92 22.15 33.79
C ASN E 315 13.30 22.63 34.22
N HIS E 316 14.11 21.69 34.71
CA HIS E 316 15.47 21.89 35.18
C HIS E 316 15.58 23.07 36.16
N PRO E 317 14.66 23.19 37.13
CA PRO E 317 14.71 24.35 38.03
C PRO E 317 15.82 24.27 39.06
N THR E 318 16.37 23.10 39.31
CA THR E 318 17.38 22.91 40.35
C THR E 318 18.69 22.49 39.69
N ASP E 319 19.74 23.29 39.92
CA ASP E 319 21.04 22.91 39.40
C ASP E 319 21.62 21.77 40.23
N PRO E 320 22.54 20.99 39.65
CA PRO E 320 23.09 19.84 40.38
C PRO E 320 23.61 20.17 41.77
N ASP E 321 24.27 21.31 41.93
CA ASP E 321 24.88 21.66 43.21
C ASP E 321 23.83 21.71 44.32
N ALA E 322 22.70 22.38 44.06
CA ALA E 322 21.67 22.52 45.09
C ALA E 322 20.99 21.19 45.39
N ASP E 323 20.90 20.29 44.41
CA ASP E 323 20.32 18.97 44.64
C ASP E 323 20.99 18.29 45.83
N GLU E 324 22.32 18.31 45.85
CA GLU E 324 23.06 17.69 46.95
C GLU E 324 22.99 18.51 48.24
N ILE E 325 22.99 19.85 48.11
CA ILE E 325 22.85 20.70 49.29
C ILE E 325 21.53 20.45 50.01
N LEU E 326 20.44 20.39 49.25
CA LEU E 326 19.13 20.19 49.87
C LEU E 326 18.94 18.75 50.34
N SER E 327 19.62 17.79 49.70
CA SER E 327 19.67 16.44 50.25
C SER E 327 20.36 16.45 51.60
N LYS E 328 21.45 17.21 51.71
CA LYS E 328 22.22 17.40 52.93
C LYS E 328 21.47 18.32 53.89
N LYS E 329 20.16 18.45 53.68
CA LYS E 329 19.30 19.24 54.56
C LYS E 329 17.96 18.59 54.85
N GLY E 330 17.65 17.44 54.24
CA GLY E 330 16.38 16.79 54.45
C GLY E 330 15.28 17.32 53.57
N VAL E 331 15.61 18.05 52.51
CA VAL E 331 14.64 18.56 51.56
C VAL E 331 14.38 17.48 50.51
N VAL E 332 13.11 17.15 50.32
CA VAL E 332 12.70 16.20 49.29
C VAL E 332 12.38 16.98 48.02
N ILE E 333 12.88 16.50 46.90
CA ILE E 333 12.67 17.16 45.62
C ILE E 333 11.91 16.21 44.69
N LEU E 334 10.72 16.63 44.27
CA LEU E 334 9.96 15.89 43.27
C LEU E 334 10.45 16.34 41.90
N PRO E 335 11.18 15.51 41.17
CA PRO E 335 11.85 15.99 39.95
C PRO E 335 10.88 16.27 38.82
N ASP E 336 11.25 17.26 38.00
CA ASP E 336 10.40 17.71 36.90
C ASP E 336 9.96 16.58 35.99
N ILE E 337 10.87 15.64 35.69
CA ILE E 337 10.54 14.54 34.80
C ILE E 337 9.28 13.82 35.26
N TYR E 338 9.03 13.81 36.57
CA TYR E 338 7.79 13.28 37.11
C TYR E 338 6.76 14.36 37.41
N ALA E 339 7.20 15.50 37.95
CA ALA E 339 6.24 16.47 38.47
C ALA E 339 5.38 17.08 37.38
N ASN E 340 5.95 17.38 36.21
CA ASN E 340 5.18 18.01 35.15
C ASN E 340 4.77 17.03 34.05
N SER E 341 4.76 15.73 34.33
CA SER E 341 4.40 14.74 33.32
C SER E 341 2.91 14.71 33.02
N GLY E 342 2.08 15.47 33.73
CA GLY E 342 0.65 15.47 33.45
C GLY E 342 0.36 15.85 32.01
N GLY E 343 1.13 16.80 31.46
CA GLY E 343 0.96 17.18 30.07
C GLY E 343 1.10 16.02 29.11
N VAL E 344 2.27 15.39 29.09
CA VAL E 344 2.51 14.30 28.15
C VAL E 344 1.55 13.15 28.38
N THR E 345 1.16 12.93 29.64
CA THR E 345 0.23 11.85 29.94
C THR E 345 -1.14 12.12 29.31
N VAL E 346 -1.64 13.34 29.44
CA VAL E 346 -2.94 13.62 28.85
C VAL E 346 -2.84 13.62 27.33
N SER E 347 -1.67 13.97 26.79
CA SER E 347 -1.51 13.89 25.34
C SER E 347 -1.62 12.45 24.88
N TYR E 348 -1.13 11.51 25.69
CA TYR E 348 -1.41 10.10 25.45
C TYR E 348 -2.90 9.81 25.47
N PHE E 349 -3.64 10.39 26.42
CA PHE E 349 -5.08 10.17 26.47
C PHE E 349 -5.77 10.75 25.24
N GLU E 350 -5.32 11.92 24.76
CA GLU E 350 -5.87 12.47 23.53
C GLU E 350 -5.68 11.49 22.39
N TRP E 351 -4.46 10.95 22.26
CA TRP E 351 -4.19 9.96 21.23
C TRP E 351 -5.09 8.75 21.39
N VAL E 352 -5.21 8.23 22.63
CA VAL E 352 -6.06 7.07 22.87
C VAL E 352 -7.49 7.32 22.39
N GLN E 353 -8.04 8.48 22.74
CA GLN E 353 -9.41 8.79 22.37
C GLN E 353 -9.58 8.83 20.85
N ASN E 354 -8.56 9.31 20.14
CA ASN E 354 -8.66 9.34 18.68
C ASN E 354 -8.53 7.94 18.11
N ILE E 355 -7.65 7.12 18.70
CA ILE E 355 -7.51 5.71 18.31
C ILE E 355 -8.83 4.97 18.48
N GLN E 356 -9.56 5.26 19.56
CA GLN E 356 -10.83 4.60 19.84
C GLN E 356 -12.02 5.26 19.18
N GLY E 357 -11.82 6.37 18.47
CA GLY E 357 -12.91 7.05 17.81
C GLY E 357 -13.99 7.56 18.74
N PHE E 358 -13.65 7.88 19.99
CA PHE E 358 -14.69 8.22 20.95
C PHE E 358 -14.07 9.01 22.10
N MET E 359 -14.49 10.26 22.26
CA MET E 359 -13.93 11.18 23.24
C MET E 359 -14.36 10.85 24.65
N TRP E 360 -13.50 11.18 25.61
CA TRP E 360 -13.81 10.99 27.02
C TRP E 360 -14.40 12.27 27.60
N GLU E 361 -15.33 12.09 28.53
CA GLU E 361 -15.75 13.20 29.37
C GLU E 361 -14.56 13.69 30.19
N GLU E 362 -14.59 14.95 30.60
CA GLU E 362 -13.41 15.51 31.26
C GLU E 362 -13.09 14.78 32.56
N GLU E 363 -14.13 14.43 33.32
CA GLU E 363 -13.90 13.74 34.59
C GLU E 363 -13.15 12.43 34.37
N LYS E 364 -13.42 11.74 33.26
CA LYS E 364 -12.67 10.52 32.98
C LYS E 364 -11.22 10.83 32.68
N VAL E 365 -10.96 11.85 31.87
CA VAL E 365 -9.58 12.24 31.60
C VAL E 365 -8.85 12.49 32.92
N ASN E 366 -9.47 13.29 33.80
CA ASN E 366 -8.79 13.63 35.04
C ASN E 366 -8.63 12.42 35.96
N ASP E 367 -9.63 11.53 36.02
CA ASP E 367 -9.50 10.34 36.85
C ASP E 367 -8.40 9.42 36.33
N GLU E 368 -8.32 9.24 35.02
CA GLU E 368 -7.23 8.43 34.47
C GLU E 368 -5.89 9.10 34.73
N LEU E 369 -5.84 10.43 34.64
CA LEU E 369 -4.60 11.14 34.94
C LEU E 369 -4.15 10.85 36.36
N LYS E 370 -5.07 10.91 37.31
CA LYS E 370 -4.74 10.58 38.69
C LYS E 370 -4.22 9.16 38.80
N THR E 371 -4.85 8.22 38.11
CA THR E 371 -4.43 6.83 38.18
C THR E 371 -3.01 6.67 37.65
N TYR E 372 -2.73 7.23 36.48
CA TYR E 372 -1.41 7.01 35.87
C TYR E 372 -0.30 7.61 36.72
N MET E 373 -0.55 8.77 37.32
CA MET E 373 0.50 9.45 38.07
C MET E 373 0.70 8.88 39.46
N THR E 374 -0.35 8.40 40.12
CA THR E 374 -0.11 7.69 41.37
C THR E 374 0.66 6.41 41.11
N ARG E 375 0.25 5.65 40.09
CA ARG E 375 0.95 4.39 39.80
C ARG E 375 2.42 4.64 39.50
N SER E 376 2.73 5.68 38.71
CA SER E 376 4.13 5.94 38.41
C SER E 376 4.89 6.44 39.63
N PHE E 377 4.24 7.19 40.51
CA PHE E 377 4.90 7.60 41.74
C PHE E 377 5.22 6.40 42.62
N LYS E 378 4.27 5.47 42.77
CA LYS E 378 4.51 4.27 43.54
C LYS E 378 5.68 3.48 42.96
N ASP E 379 5.71 3.33 41.63
CA ASP E 379 6.84 2.64 40.99
C ASP E 379 8.14 3.40 41.19
N LEU E 380 8.09 4.73 41.12
CA LEU E 380 9.30 5.52 41.26
C LEU E 380 9.93 5.31 42.63
N LYS E 381 9.10 5.32 43.66
CA LYS E 381 9.57 5.10 45.03
C LYS E 381 10.20 3.73 45.22
N GLU E 382 9.58 2.68 44.70
CA GLU E 382 10.17 1.35 44.93
C GLU E 382 11.53 1.21 44.27
N MET E 383 11.77 1.96 43.19
CA MET E 383 13.07 1.98 42.56
C MET E 383 14.10 2.61 43.47
N CYS E 384 13.72 3.69 44.15
CA CYS E 384 14.60 4.32 45.13
C CYS E 384 14.92 3.34 46.25
N LYS E 385 13.91 2.59 46.70
CA LYS E 385 14.12 1.61 47.77
C LYS E 385 15.14 0.56 47.34
N THR E 386 15.09 0.15 46.07
CA THR E 386 16.04 -0.83 45.56
C THR E 386 17.44 -0.23 45.44
N HIS E 387 17.55 1.03 44.99
CA HIS E 387 18.86 1.59 44.66
C HIS E 387 19.35 2.65 45.65
N SER E 388 18.62 2.91 46.73
CA SER E 388 19.07 3.82 47.79
C SER E 388 19.51 5.18 47.22
N CYS E 389 18.67 5.73 46.36
CA CYS E 389 18.98 6.97 45.65
C CYS E 389 17.85 7.97 45.87
N ASP E 390 18.07 9.19 45.40
CA ASP E 390 17.06 10.23 45.54
C ASP E 390 15.97 10.08 44.49
N LEU E 391 14.94 10.92 44.61
CA LEU E 391 13.79 10.82 43.72
C LEU E 391 14.19 11.02 42.26
N ARG E 392 15.08 11.98 42.00
CA ARG E 392 15.44 12.29 40.62
C ARG E 392 16.10 11.10 39.96
N MET E 393 17.05 10.47 40.67
CA MET E 393 17.69 9.30 40.09
C MET E 393 16.73 8.12 40.01
N GLY E 394 15.87 7.98 41.01
CA GLY E 394 14.86 6.93 40.97
C GLY E 394 14.01 7.00 39.72
N ALA E 395 13.71 8.22 39.26
CA ALA E 395 12.93 8.37 38.03
C ALA E 395 13.73 7.96 36.80
N PHE E 396 14.98 8.43 36.69
CA PHE E 396 15.80 8.05 35.53
C PHE E 396 16.03 6.55 35.49
N THR E 397 16.37 5.96 36.63
CA THR E 397 16.60 4.52 36.66
C THR E 397 15.33 3.77 36.27
N LEU E 398 14.17 4.25 36.73
CA LEU E 398 12.91 3.62 36.36
C LEU E 398 12.65 3.73 34.86
N GLY E 399 12.86 4.91 34.29
CA GLY E 399 12.63 5.08 32.88
C GLY E 399 13.64 4.31 32.05
N VAL E 400 14.92 4.42 32.41
CA VAL E 400 15.94 3.75 31.63
C VAL E 400 15.76 2.24 31.74
N ASN E 401 15.34 1.76 32.90
CA ASN E 401 15.13 0.33 33.07
C ASN E 401 14.04 -0.17 32.14
N ARG E 402 12.91 0.55 32.09
CA ARG E 402 11.80 0.12 31.25
C ARG E 402 12.19 0.09 29.79
N VAL E 403 12.89 1.13 29.32
CA VAL E 403 13.37 1.13 27.95
C VAL E 403 14.33 -0.02 27.72
N ALA E 404 15.23 -0.25 28.68
CA ALA E 404 16.20 -1.33 28.52
C ALA E 404 15.49 -2.68 28.43
N GLN E 405 14.49 -2.91 29.27
CA GLN E 405 13.78 -4.19 29.24
C GLN E 405 13.08 -4.39 27.91
N ALA E 406 12.36 -3.37 27.45
CA ALA E 406 11.68 -3.49 26.16
C ALA E 406 12.67 -3.77 25.05
N THR E 407 13.80 -3.03 25.04
CA THR E 407 14.81 -3.24 24.01
C THR E 407 15.33 -4.67 24.01
N ILE E 408 15.61 -5.21 25.19
CA ILE E 408 16.15 -6.56 25.29
C ILE E 408 15.10 -7.58 24.89
N LEU E 409 13.86 -7.39 25.34
CA LEU E 409 12.81 -8.35 24.98
C LEU E 409 12.65 -8.43 23.48
N ARG E 410 12.78 -7.30 22.78
CA ARG E 410 12.56 -7.35 21.35
C ARG E 410 13.78 -7.90 20.62
N GLY E 411 14.98 -7.71 21.18
CA GLY E 411 16.14 -8.41 20.67
C GLY E 411 16.79 -7.73 19.47
N TRP E 412 17.92 -8.32 19.04
CA TRP E 412 18.72 -7.82 17.92
C TRP E 412 18.96 -8.94 16.90
N GLY E 413 17.96 -9.22 16.07
CA GLY E 413 18.20 -10.05 14.91
C GLY E 413 18.68 -11.45 15.26
N ALA E 414 19.86 -11.78 14.75
CA ALA E 414 20.56 -13.04 15.04
C ALA E 414 20.50 -13.42 16.52
N LEU F 7 35.44 18.78 0.40
CA LEU F 7 35.01 19.90 1.23
C LEU F 7 34.23 20.94 0.44
N ALA F 8 34.56 22.20 0.75
CA ALA F 8 34.17 23.43 0.09
C ALA F 8 34.72 23.56 -1.33
N ALA F 9 35.54 22.61 -1.78
CA ALA F 9 36.07 22.70 -3.13
C ALA F 9 34.94 22.75 -4.16
N THR F 10 33.96 21.85 -4.02
CA THR F 10 32.82 21.84 -4.93
C THR F 10 32.02 23.15 -4.87
N ASN F 11 31.67 23.59 -3.66
CA ASN F 11 30.83 24.78 -3.50
C ASN F 11 31.43 25.98 -4.21
N ARG F 12 32.76 25.99 -4.34
CA ARG F 12 33.46 27.08 -4.99
C ARG F 12 33.09 27.13 -6.47
N ASN F 13 33.14 25.99 -7.15
CA ASN F 13 32.70 25.92 -8.53
C ASN F 13 31.22 26.27 -8.69
N PHE F 14 30.38 25.81 -7.76
CA PHE F 14 28.94 25.99 -7.88
C PHE F 14 28.53 27.45 -7.91
N LYS F 15 28.93 28.22 -6.89
CA LYS F 15 28.59 29.63 -6.88
C LYS F 15 29.14 30.34 -8.12
N LEU F 16 30.29 29.88 -8.60
CA LEU F 16 30.86 30.45 -9.82
C LEU F 16 29.95 30.19 -11.01
N ALA F 17 29.53 28.93 -11.16
CA ALA F 17 28.58 28.59 -12.22
C ALA F 17 27.26 29.33 -12.03
N ALA F 18 26.78 29.40 -10.78
CA ALA F 18 25.52 30.11 -10.50
C ALA F 18 25.61 31.58 -10.88
N ARG F 19 26.77 32.20 -10.73
CA ARG F 19 26.88 33.59 -11.16
C ARG F 19 27.05 33.71 -12.65
N LEU F 20 27.65 32.70 -13.29
CA LEU F 20 27.77 32.73 -14.75
C LEU F 20 26.40 32.75 -15.40
N LEU F 21 25.53 31.83 -15.01
CA LEU F 21 24.12 31.96 -15.31
C LEU F 21 23.51 33.08 -14.48
N GLY F 22 22.28 33.45 -14.82
CA GLY F 22 21.66 34.56 -14.12
C GLY F 22 20.91 34.11 -12.89
N LEU F 23 21.41 33.06 -12.25
CA LEU F 23 20.66 32.36 -11.22
C LEU F 23 20.26 33.29 -10.08
N ASP F 24 18.97 33.31 -9.77
CA ASP F 24 18.50 34.03 -8.59
C ASP F 24 19.17 33.50 -7.32
N SER F 25 19.58 34.43 -6.45
CA SER F 25 20.30 34.04 -5.24
C SER F 25 19.42 33.17 -4.33
N LYS F 26 18.12 33.45 -4.27
CA LYS F 26 17.24 32.60 -3.46
C LYS F 26 17.10 31.21 -4.06
N LEU F 27 16.98 31.11 -5.39
CA LEU F 27 16.95 29.79 -6.01
C LEU F 27 18.26 29.07 -5.81
N GLU F 28 19.36 29.82 -5.92
CA GLU F 28 20.68 29.25 -5.69
C GLU F 28 20.79 28.64 -4.30
N LYS F 29 20.26 29.32 -3.29
CA LYS F 29 20.33 28.79 -1.92
C LYS F 29 19.61 27.46 -1.83
N SER F 30 18.43 27.35 -2.47
CA SER F 30 17.69 26.10 -2.42
C SER F 30 18.42 25.00 -3.16
N LEU F 31 19.04 25.33 -4.30
CA LEU F 31 19.78 24.32 -5.05
C LEU F 31 20.94 23.77 -4.23
N LEU F 32 21.50 24.59 -3.36
CA LEU F 32 22.60 24.13 -2.53
C LEU F 32 22.11 23.22 -1.41
N ILE F 33 20.96 23.52 -0.82
CA ILE F 33 20.46 22.74 0.32
C ILE F 33 20.02 21.36 -0.15
N PRO F 34 20.53 20.30 0.46
CA PRO F 34 20.09 18.95 0.09
C PRO F 34 18.64 18.70 0.48
N PHE F 35 17.99 17.89 -0.34
CA PHE F 35 16.58 17.54 -0.15
C PHE F 35 16.33 16.81 1.17
N ARG F 36 17.26 15.92 1.56
CA ARG F 36 17.09 15.11 2.75
C ARG F 36 18.44 14.68 3.31
N GLU F 37 18.53 14.64 4.63
CA GLU F 37 19.70 14.09 5.32
C GLU F 37 19.18 13.09 6.34
N ILE F 38 19.70 11.86 6.30
CA ILE F 38 19.23 10.79 7.16
C ILE F 38 20.41 10.18 7.90
N LYS F 39 20.26 10.03 9.22
CA LYS F 39 21.15 9.24 10.06
C LYS F 39 20.35 8.15 10.75
N VAL F 40 20.83 6.90 10.69
CA VAL F 40 20.11 5.81 11.33
C VAL F 40 21.10 5.00 12.14
N GLU F 41 20.62 4.44 13.24
CA GLU F 41 21.41 3.52 14.06
C GLU F 41 21.40 2.13 13.42
N CYS F 42 22.57 1.53 13.27
CA CYS F 42 22.72 0.15 12.79
C CYS F 42 23.43 -0.64 13.89
N THR F 43 22.66 -1.33 14.73
CA THR F 43 23.23 -2.15 15.79
C THR F 43 23.09 -3.61 15.42
N ILE F 44 24.19 -4.34 15.50
CA ILE F 44 24.19 -5.77 15.17
C ILE F 44 24.89 -6.51 16.29
N PRO F 45 24.56 -7.79 16.46
CA PRO F 45 25.41 -8.66 17.30
C PRO F 45 26.67 -9.03 16.54
N LYS F 46 27.82 -8.87 17.18
CA LYS F 46 29.06 -9.35 16.57
C LYS F 46 29.15 -10.87 16.68
N ASP F 47 30.10 -11.45 15.94
CA ASP F 47 30.22 -12.90 15.92
C ASP F 47 30.49 -13.46 17.30
N ASP F 48 31.17 -12.72 18.17
CA ASP F 48 31.36 -13.19 19.54
C ASP F 48 30.15 -12.94 20.43
N GLY F 49 29.03 -12.48 19.86
CA GLY F 49 27.81 -12.23 20.60
C GLY F 49 27.61 -10.81 21.10
N THR F 50 28.67 -10.07 21.41
CA THR F 50 28.50 -8.71 21.92
C THR F 50 27.86 -7.80 20.87
N LEU F 51 27.27 -6.71 21.34
CA LEU F 51 26.66 -5.74 20.46
C LEU F 51 27.69 -4.81 19.84
N ALA F 52 27.38 -4.35 18.63
CA ALA F 52 28.12 -3.29 17.96
C ALA F 52 27.12 -2.35 17.32
N SER F 53 27.30 -1.04 17.55
CA SER F 53 26.43 -0.02 17.00
C SER F 53 27.21 0.83 16.02
N PHE F 54 26.65 1.00 14.83
CA PHE F 54 27.20 1.85 13.79
C PHE F 54 26.16 2.85 13.35
N VAL F 55 26.63 3.94 12.76
CA VAL F 55 25.75 4.94 12.17
C VAL F 55 25.76 4.76 10.66
N GLY F 56 24.59 4.53 10.10
CA GLY F 56 24.40 4.65 8.68
C GLY F 56 23.87 6.03 8.35
N PHE F 57 24.02 6.42 7.08
CA PHE F 57 23.63 7.76 6.69
C PHE F 57 23.39 7.79 5.19
N ARG F 58 22.68 8.82 4.76
CA ARG F 58 22.40 9.04 3.35
C ARG F 58 22.02 10.49 3.18
N VAL F 59 22.79 11.23 2.39
CA VAL F 59 22.40 12.57 1.97
C VAL F 59 21.73 12.45 0.61
N GLN F 60 20.48 12.91 0.53
CA GLN F 60 19.69 12.92 -0.69
C GLN F 60 19.62 14.37 -1.16
N HIS F 61 20.50 14.72 -2.09
CA HIS F 61 20.74 16.13 -2.36
C HIS F 61 19.63 16.75 -3.22
N ASP F 62 19.34 16.13 -4.36
CA ASP F 62 18.36 16.72 -5.27
C ASP F 62 17.72 15.62 -6.11
N ASN F 63 16.40 15.71 -6.31
CA ASN F 63 15.68 14.76 -7.14
C ASN F 63 14.80 15.47 -8.18
N ALA F 64 15.12 16.73 -8.50
CA ALA F 64 14.31 17.45 -9.48
C ALA F 64 14.25 16.70 -10.81
N ARG F 65 15.35 16.07 -11.22
CA ARG F 65 15.44 15.48 -12.54
C ARG F 65 15.16 13.98 -12.57
N GLY F 66 14.71 13.40 -11.45
CA GLY F 66 14.41 11.99 -11.40
C GLY F 66 14.93 11.37 -10.11
N PRO F 67 14.92 10.04 -10.04
CA PRO F 67 15.38 9.38 -8.81
C PRO F 67 16.83 9.73 -8.51
N MET F 68 17.17 9.70 -7.24
CA MET F 68 18.53 10.04 -6.84
C MET F 68 19.43 8.83 -7.03
N LYS F 69 20.73 9.11 -7.20
CA LYS F 69 21.71 8.09 -7.52
C LYS F 69 22.97 8.36 -6.71
N GLY F 70 23.52 7.33 -6.06
CA GLY F 70 24.72 7.56 -5.27
C GLY F 70 25.19 6.31 -4.55
N GLY F 71 26.48 6.30 -4.28
CA GLY F 71 27.10 5.11 -3.72
C GLY F 71 26.96 4.99 -2.21
N ILE F 72 27.19 3.77 -1.73
CA ILE F 72 27.26 3.47 -0.31
C ILE F 72 28.70 3.16 0.03
N ARG F 73 29.28 3.94 0.92
CA ARG F 73 30.70 3.80 1.26
C ARG F 73 30.81 3.25 2.68
N TYR F 74 31.51 2.11 2.82
CA TYR F 74 31.86 1.54 4.13
C TYR F 74 33.26 2.00 4.49
N HIS F 75 33.35 3.03 5.32
CA HIS F 75 34.62 3.60 5.66
C HIS F 75 34.51 4.21 7.05
N PRO F 76 35.56 4.12 7.87
CA PRO F 76 35.44 4.67 9.22
C PRO F 76 35.46 6.18 9.28
N GLU F 77 36.13 6.86 8.34
CA GLU F 77 36.18 8.32 8.35
C GLU F 77 34.97 8.86 7.61
N VAL F 78 34.18 9.68 8.31
CA VAL F 78 32.96 10.26 7.76
C VAL F 78 33.02 11.76 8.02
N ASP F 79 33.32 12.54 6.98
CA ASP F 79 33.24 13.99 7.08
C ASP F 79 31.89 14.42 6.55
N PRO F 80 31.04 15.06 7.37
CA PRO F 80 29.75 15.52 6.84
C PRO F 80 29.90 16.45 5.67
N ASP F 81 30.93 17.30 5.70
CA ASP F 81 31.16 18.23 4.60
C ASP F 81 31.46 17.48 3.31
N GLU F 82 32.30 16.45 3.38
CA GLU F 82 32.59 15.67 2.18
C GLU F 82 31.34 14.99 1.64
N VAL F 83 30.58 14.30 2.52
CA VAL F 83 29.42 13.54 2.07
C VAL F 83 28.42 14.44 1.38
N ASN F 84 28.16 15.62 1.96
CA ASN F 84 27.24 16.53 1.30
C ASN F 84 27.82 17.02 -0.02
N ALA F 85 29.12 17.32 -0.04
CA ALA F 85 29.77 17.78 -1.26
C ALA F 85 29.68 16.73 -2.36
N LEU F 86 29.92 15.47 -1.99
CA LEU F 86 29.85 14.40 -2.97
C LEU F 86 28.43 14.21 -3.47
N ALA F 87 27.45 14.26 -2.57
CA ALA F 87 26.06 14.15 -3.00
C ALA F 87 25.67 15.30 -3.92
N GLN F 88 26.13 16.52 -3.61
CA GLN F 88 25.83 17.66 -4.46
C GLN F 88 26.49 17.50 -5.82
N LEU F 89 27.74 17.03 -5.81
CA LEU F 89 28.46 16.78 -7.05
C LEU F 89 27.71 15.79 -7.94
N MET F 90 27.14 14.75 -7.33
CA MET F 90 26.43 13.74 -8.12
C MET F 90 25.25 14.35 -8.84
N THR F 91 24.56 15.29 -8.19
CA THR F 91 23.46 16.00 -8.84
C THR F 91 23.93 16.70 -10.10
N TRP F 92 25.07 17.40 -10.01
CA TRP F 92 25.59 18.06 -11.21
C TRP F 92 26.10 17.04 -12.22
N LYS F 93 26.74 15.97 -11.74
CA LYS F 93 27.32 14.98 -12.63
C LYS F 93 26.24 14.31 -13.47
N THR F 94 25.16 13.89 -12.83
CA THR F 94 24.07 13.26 -13.57
C THR F 94 23.45 14.22 -14.58
N ALA F 95 23.46 15.52 -14.32
CA ALA F 95 22.92 16.47 -15.29
C ALA F 95 23.82 16.62 -16.50
N VAL F 96 25.15 16.68 -16.32
CA VAL F 96 26.03 16.74 -17.49
C VAL F 96 25.88 15.47 -18.31
N ALA F 97 25.72 14.32 -17.65
CA ALA F 97 25.55 13.06 -18.37
C ALA F 97 24.20 12.98 -19.08
N LYS F 98 23.25 13.84 -18.71
CA LYS F 98 21.91 13.82 -19.28
C LYS F 98 21.21 12.49 -19.03
N ILE F 99 21.38 11.94 -17.83
CA ILE F 99 20.61 10.78 -17.40
C ILE F 99 19.58 11.26 -16.39
N PRO F 100 18.42 10.65 -16.33
CA PRO F 100 17.32 11.21 -15.51
C PRO F 100 17.48 10.84 -14.03
N TYR F 101 18.57 11.29 -13.42
CA TYR F 101 18.83 11.04 -12.01
C TYR F 101 19.15 12.34 -11.29
N GLY F 102 18.94 12.30 -9.97
CA GLY F 102 19.51 13.28 -9.08
C GLY F 102 20.68 12.69 -8.29
N GLY F 103 21.24 13.53 -7.42
CA GLY F 103 22.43 13.15 -6.66
C GLY F 103 22.08 12.76 -5.23
N ALA F 104 22.71 11.67 -4.77
CA ALA F 104 22.59 11.22 -3.39
C ALA F 104 23.91 10.56 -3.01
N LYS F 105 24.10 10.35 -1.70
CA LYS F 105 25.34 9.76 -1.22
C LYS F 105 25.14 9.27 0.21
N GLY F 106 25.62 8.06 0.49
CA GLY F 106 25.46 7.50 1.81
C GLY F 106 26.59 6.58 2.22
N GLY F 107 26.41 5.87 3.33
CA GLY F 107 27.40 4.93 3.77
C GLY F 107 27.21 4.58 5.24
N ILE F 108 28.15 3.80 5.76
CA ILE F 108 28.21 3.41 7.16
C ILE F 108 29.61 3.68 7.68
N GLY F 109 29.70 4.40 8.80
CA GLY F 109 30.99 4.56 9.45
C GLY F 109 31.43 3.28 10.12
N CYS F 110 32.39 2.58 9.51
CA CYS F 110 32.83 1.27 9.98
C CYS F 110 34.07 0.88 9.18
N ASP F 111 34.83 -0.06 9.72
CA ASP F 111 36.03 -0.54 9.06
C ASP F 111 35.80 -1.96 8.56
N PRO F 112 35.51 -2.15 7.27
CA PRO F 112 35.23 -3.51 6.77
C PRO F 112 36.41 -4.47 6.96
N SER F 113 37.63 -3.96 7.04
CA SER F 113 38.78 -4.81 7.33
C SER F 113 38.78 -5.36 8.75
N LYS F 114 37.89 -4.89 9.62
CA LYS F 114 37.79 -5.40 10.98
C LYS F 114 36.53 -6.22 11.21
N LEU F 115 35.81 -6.59 10.15
CA LEU F 115 34.56 -7.30 10.26
C LEU F 115 34.59 -8.60 9.47
N SER F 116 34.01 -9.65 10.04
CA SER F 116 33.81 -10.89 9.30
C SER F 116 32.75 -10.68 8.23
N ILE F 117 32.75 -11.57 7.23
CA ILE F 117 31.73 -11.46 6.20
C ILE F 117 30.36 -11.66 6.81
N SER F 118 30.26 -12.47 7.86
CA SER F 118 28.99 -12.65 8.53
C SER F 118 28.52 -11.34 9.14
N GLU F 119 29.43 -10.61 9.79
CA GLU F 119 29.08 -9.33 10.37
C GLU F 119 28.79 -8.31 9.29
N LEU F 120 29.54 -8.36 8.17
CA LEU F 120 29.30 -7.40 7.10
C LEU F 120 27.94 -7.62 6.47
N GLU F 121 27.53 -8.89 6.30
CA GLU F 121 26.20 -9.15 5.78
C GLU F 121 25.13 -8.70 6.77
N ARG F 122 25.30 -9.06 8.05
CA ARG F 122 24.35 -8.64 9.08
C ARG F 122 24.17 -7.13 9.07
N LEU F 123 25.29 -6.42 9.06
CA LEU F 123 25.24 -4.96 9.06
C LEU F 123 24.54 -4.44 7.81
N THR F 124 24.86 -5.02 6.65
CA THR F 124 24.29 -4.52 5.41
C THR F 124 22.78 -4.70 5.41
N ARG F 125 22.31 -5.84 5.88
CA ARG F 125 20.88 -6.08 5.93
C ARG F 125 20.23 -5.17 6.96
N VAL F 126 20.89 -4.95 8.10
CA VAL F 126 20.31 -4.06 9.09
C VAL F 126 20.21 -2.66 8.54
N PHE F 127 21.27 -2.20 7.87
CA PHE F 127 21.22 -0.89 7.25
C PHE F 127 20.06 -0.80 6.27
N THR F 128 19.88 -1.84 5.44
CA THR F 128 18.80 -1.85 4.47
C THR F 128 17.45 -1.77 5.16
N GLN F 129 17.26 -2.53 6.23
CA GLN F 129 16.03 -2.43 6.98
C GLN F 129 15.83 -1.03 7.52
N LYS F 130 16.92 -0.34 7.86
CA LYS F 130 16.76 0.95 8.48
C LYS F 130 16.47 2.05 7.47
N ILE F 131 16.75 1.83 6.18
CA ILE F 131 16.53 2.87 5.18
C ILE F 131 15.64 2.42 4.04
N HIS F 132 15.09 1.20 4.08
CA HIS F 132 14.38 0.70 2.90
C HIS F 132 13.24 1.62 2.52
N ASP F 133 12.58 2.23 3.52
CA ASP F 133 11.47 3.14 3.29
C ASP F 133 11.93 4.49 2.77
N LEU F 134 13.24 4.73 2.72
CA LEU F 134 13.78 6.00 2.28
C LEU F 134 14.36 5.93 0.88
N ILE F 135 14.42 4.74 0.30
CA ILE F 135 14.94 4.51 -1.04
C ILE F 135 13.88 3.77 -1.85
N GLY F 136 14.23 3.44 -3.09
CA GLY F 136 13.34 2.68 -3.94
C GLY F 136 13.66 2.87 -5.40
N ILE F 137 13.15 1.93 -6.20
CA ILE F 137 13.42 1.87 -7.64
C ILE F 137 13.12 3.19 -8.34
N HIS F 138 12.17 3.96 -7.81
CA HIS F 138 11.86 5.27 -8.38
C HIS F 138 12.16 6.41 -7.43
N THR F 139 12.90 6.16 -6.34
CA THR F 139 13.20 7.17 -5.35
C THR F 139 14.70 7.44 -5.27
N ASP F 140 15.49 6.42 -5.02
CA ASP F 140 16.91 6.56 -4.73
C ASP F 140 17.53 5.19 -4.98
N VAL F 141 18.48 5.13 -5.90
CA VAL F 141 19.08 3.87 -6.35
C VAL F 141 20.55 3.83 -5.94
N PRO F 142 20.89 3.14 -4.85
CA PRO F 142 22.29 3.07 -4.42
C PRO F 142 23.14 2.24 -5.38
N ALA F 143 24.45 2.32 -5.14
CA ALA F 143 25.46 1.70 -5.98
C ALA F 143 26.68 1.48 -5.12
N PRO F 144 27.60 0.61 -5.53
CA PRO F 144 28.81 0.39 -4.73
C PRO F 144 29.66 1.65 -4.68
N ASP F 145 30.53 1.69 -3.68
CA ASP F 145 31.47 2.78 -3.46
C ASP F 145 32.62 2.23 -2.63
N MET F 146 33.42 3.14 -2.07
CA MET F 146 34.56 2.74 -1.26
C MET F 146 34.12 1.78 -0.17
N GLY F 147 34.70 0.58 -0.18
CA GLY F 147 34.39 -0.40 0.84
C GLY F 147 33.21 -1.29 0.58
N THR F 148 32.48 -1.10 -0.52
CA THR F 148 31.41 -2.01 -0.89
C THR F 148 31.60 -2.45 -2.33
N GLY F 149 30.93 -3.53 -2.69
CA GLY F 149 31.05 -4.09 -4.02
C GLY F 149 29.78 -4.83 -4.41
N PRO F 150 29.86 -5.60 -5.49
CA PRO F 150 28.64 -6.26 -6.01
C PRO F 150 27.93 -7.14 -5.00
N GLN F 151 28.67 -7.85 -4.14
CA GLN F 151 28.02 -8.69 -3.13
C GLN F 151 27.23 -7.84 -2.15
N THR F 152 27.79 -6.69 -1.76
CA THR F 152 27.02 -5.77 -0.93
C THR F 152 25.73 -5.39 -1.61
N MET F 153 25.79 -5.10 -2.91
CA MET F 153 24.56 -4.79 -3.64
C MET F 153 23.62 -5.99 -3.66
N ALA F 154 24.17 -7.21 -3.78
CA ALA F 154 23.33 -8.40 -3.74
C ALA F 154 22.58 -8.49 -2.42
N TRP F 155 23.27 -8.25 -1.30
CA TRP F 155 22.61 -8.34 0.00
C TRP F 155 21.54 -7.29 0.15
N ILE F 156 21.81 -6.06 -0.27
CA ILE F 156 20.78 -5.01 -0.23
C ILE F 156 19.58 -5.42 -1.08
N LEU F 157 19.84 -5.86 -2.31
CA LEU F 157 18.77 -6.33 -3.18
C LEU F 157 17.94 -7.42 -2.51
N ASP F 158 18.62 -8.39 -1.90
CA ASP F 158 17.91 -9.48 -1.26
C ASP F 158 17.07 -8.98 -0.10
N GLU F 159 17.66 -8.16 0.77
CA GLU F 159 16.95 -7.71 1.96
C GLU F 159 15.81 -6.76 1.63
N TYR F 160 16.08 -5.79 0.74
CA TYR F 160 15.05 -4.85 0.34
C TYR F 160 13.84 -5.59 -0.23
N SER F 161 14.08 -6.65 -0.99
CA SER F 161 12.98 -7.36 -1.64
C SER F 161 12.03 -8.05 -0.67
N LYS F 162 12.45 -8.28 0.56
CA LYS F 162 11.51 -8.83 1.53
C LYS F 162 10.42 -7.82 1.88
N PHE F 163 10.74 -6.53 1.80
CA PHE F 163 9.78 -5.47 2.17
C PHE F 163 8.97 -4.97 0.99
N HIS F 164 9.45 -5.17 -0.23
CA HIS F 164 8.77 -4.58 -1.38
C HIS F 164 8.72 -5.51 -2.57
N GLY F 165 8.91 -6.81 -2.37
CA GLY F 165 8.94 -7.74 -3.48
C GLY F 165 10.22 -7.62 -4.28
N TYR F 166 10.45 -8.58 -5.18
CA TYR F 166 11.66 -8.58 -5.99
C TYR F 166 11.83 -7.24 -6.68
N SER F 167 13.00 -6.62 -6.46
CA SER F 167 13.27 -5.26 -6.92
C SER F 167 14.70 -5.15 -7.42
N PRO F 168 15.01 -5.83 -8.54
CA PRO F 168 16.37 -5.77 -9.06
C PRO F 168 16.84 -4.35 -9.36
N ALA F 169 15.93 -3.45 -9.70
CA ALA F 169 16.30 -2.08 -10.03
C ALA F 169 16.55 -1.20 -8.81
N VAL F 170 16.50 -1.75 -7.60
CA VAL F 170 16.68 -0.90 -6.42
C VAL F 170 18.14 -0.54 -6.21
N VAL F 171 19.06 -1.35 -6.74
CA VAL F 171 20.50 -1.07 -6.68
C VAL F 171 21.15 -1.41 -8.01
N THR F 172 22.25 -0.72 -8.31
CA THR F 172 23.12 -1.02 -9.43
C THR F 172 24.46 -1.54 -8.92
N GLY F 173 25.27 -2.01 -9.85
CA GLY F 173 26.49 -2.68 -9.47
C GLY F 173 26.27 -4.09 -9.00
N LYS F 174 25.11 -4.66 -9.31
CA LYS F 174 24.79 -6.01 -8.89
C LYS F 174 25.66 -7.01 -9.64
N PRO F 175 25.78 -8.23 -9.12
CA PRO F 175 26.34 -9.30 -9.95
C PRO F 175 25.50 -9.51 -11.19
N ILE F 176 26.14 -9.96 -12.27
CA ILE F 176 25.42 -10.26 -13.49
C ILE F 176 24.40 -11.37 -13.26
N ASP F 177 24.71 -12.31 -12.36
CA ASP F 177 23.78 -13.38 -12.06
C ASP F 177 22.46 -12.86 -11.51
N LEU F 178 22.46 -11.66 -10.92
CA LEU F 178 21.28 -11.08 -10.29
C LEU F 178 20.72 -9.88 -11.05
N GLY F 179 21.06 -9.73 -12.33
CA GLY F 179 20.53 -8.63 -13.09
C GLY F 179 21.47 -7.48 -13.27
N GLY F 180 22.77 -7.66 -13.03
CA GLY F 180 23.73 -6.63 -13.33
C GLY F 180 23.96 -6.49 -14.81
N SER F 181 24.54 -5.35 -15.20
CA SER F 181 24.71 -5.02 -16.61
C SER F 181 26.02 -5.55 -17.14
N LEU F 182 26.00 -6.00 -18.39
CA LEU F 182 27.24 -6.23 -19.10
C LEU F 182 27.92 -4.89 -19.37
N GLY F 183 29.23 -4.92 -19.50
CA GLY F 183 30.01 -3.71 -19.72
C GLY F 183 30.10 -2.78 -18.54
N ARG F 184 29.52 -3.17 -17.40
CA ARG F 184 29.56 -2.34 -16.21
C ARG F 184 30.98 -2.17 -15.69
N ASP F 185 31.81 -3.20 -15.81
CA ASP F 185 33.14 -3.14 -15.24
C ASP F 185 34.02 -2.14 -16.00
N ALA F 186 33.95 -2.15 -17.32
CA ALA F 186 34.77 -1.26 -18.14
C ALA F 186 34.18 0.12 -18.27
N ALA F 187 33.03 0.38 -17.64
CA ALA F 187 32.22 1.55 -17.97
C ALA F 187 33.00 2.85 -17.80
N THR F 188 33.53 3.09 -16.60
CA THR F 188 34.25 4.35 -16.37
C THR F 188 35.48 4.45 -17.25
N GLY F 189 36.26 3.37 -17.35
CA GLY F 189 37.44 3.42 -18.19
C GLY F 189 37.11 3.72 -19.64
N ARG F 190 36.09 3.05 -20.17
CA ARG F 190 35.68 3.32 -21.55
C ARG F 190 35.24 4.77 -21.69
N GLY F 191 34.54 5.29 -20.69
CA GLY F 191 34.11 6.68 -20.75
C GLY F 191 35.27 7.65 -20.89
N VAL F 192 36.37 7.40 -20.18
CA VAL F 192 37.51 8.30 -20.30
C VAL F 192 38.08 8.24 -21.72
N MET F 193 38.10 7.05 -22.31
CA MET F 193 38.60 6.93 -23.68
C MET F 193 37.69 7.67 -24.65
N PHE F 194 36.37 7.57 -24.45
CA PHE F 194 35.42 8.26 -25.32
C PHE F 194 35.63 9.78 -25.26
N GLY F 195 35.69 10.34 -24.05
CA GLY F 195 35.86 11.78 -23.93
C GLY F 195 37.19 12.27 -24.47
N THR F 196 38.24 11.45 -24.36
CA THR F 196 39.53 11.81 -24.94
C THR F 196 39.41 11.99 -26.44
N GLU F 197 38.70 11.09 -27.13
CA GLU F 197 38.55 11.21 -28.57
C GLU F 197 37.71 12.43 -28.94
N ALA F 198 36.61 12.67 -28.21
CA ALA F 198 35.81 13.87 -28.47
C ALA F 198 36.66 15.12 -28.33
N LEU F 199 37.48 15.18 -27.27
CA LEU F 199 38.32 16.34 -27.01
C LEU F 199 39.35 16.53 -28.12
N LEU F 200 39.97 15.44 -28.56
CA LEU F 200 40.96 15.52 -29.62
C LEU F 200 40.32 15.93 -30.94
N ASN F 201 39.15 15.37 -31.26
CA ASN F 201 38.45 15.71 -32.50
C ASN F 201 38.14 17.20 -32.60
N GLU F 202 37.88 17.87 -31.47
CA GLU F 202 37.68 19.31 -31.49
C GLU F 202 38.93 20.07 -31.92
N HIS F 203 40.12 19.48 -31.79
CA HIS F 203 41.37 20.16 -32.11
C HIS F 203 42.06 19.62 -33.36
N GLY F 204 41.35 18.87 -34.19
CA GLY F 204 41.96 18.31 -35.39
C GLY F 204 42.92 17.18 -35.13
N LYS F 205 42.83 16.55 -33.97
CA LYS F 205 43.63 15.38 -33.62
C LYS F 205 42.70 14.20 -33.35
N THR F 206 43.28 13.02 -33.27
CA THR F 206 42.57 11.80 -32.91
C THR F 206 43.43 11.03 -31.93
N ILE F 207 42.81 10.08 -31.21
CA ILE F 207 43.55 9.28 -30.25
C ILE F 207 44.74 8.61 -30.93
N SER F 208 44.54 8.16 -32.15
CA SER F 208 45.59 7.49 -32.91
C SER F 208 46.81 8.40 -33.00
N GLY F 209 47.96 7.91 -32.54
CA GLY F 209 49.20 8.63 -32.60
C GLY F 209 49.54 9.38 -31.34
N GLN F 210 48.54 9.88 -30.61
CA GLN F 210 48.84 10.70 -29.43
C GLN F 210 49.56 9.85 -28.38
N ARG F 211 50.40 10.52 -27.58
CA ARG F 211 51.20 9.88 -26.56
C ARG F 211 50.52 10.04 -25.22
N PHE F 212 50.30 8.94 -24.51
CA PHE F 212 49.61 8.96 -23.24
C PHE F 212 50.54 8.57 -22.11
N VAL F 213 50.47 9.32 -21.02
CA VAL F 213 51.04 8.92 -19.74
C VAL F 213 49.85 8.78 -18.78
N ILE F 214 49.73 7.60 -18.18
CA ILE F 214 48.53 7.24 -17.42
C ILE F 214 48.96 7.01 -15.98
N GLN F 215 48.57 7.92 -15.09
CA GLN F 215 48.92 7.81 -13.68
C GLN F 215 47.80 7.13 -12.91
N GLY F 216 48.11 5.97 -12.33
CA GLY F 216 47.13 5.11 -11.68
C GLY F 216 46.70 3.95 -12.56
N PHE F 217 46.69 2.73 -12.01
CA PHE F 217 46.36 1.51 -12.75
C PHE F 217 45.42 0.64 -11.95
N GLY F 218 44.43 1.25 -11.32
CA GLY F 218 43.38 0.52 -10.65
C GLY F 218 42.35 0.02 -11.62
N ASN F 219 41.13 -0.17 -11.13
CA ASN F 219 40.03 -0.62 -11.99
C ASN F 219 39.87 0.32 -13.17
N VAL F 220 39.85 1.63 -12.91
CA VAL F 220 39.62 2.62 -13.96
C VAL F 220 40.83 2.71 -14.89
N GLY F 221 42.02 2.91 -14.34
CA GLY F 221 43.20 3.16 -15.16
C GLY F 221 43.52 2.01 -16.10
N SER F 222 43.45 0.78 -15.61
CA SER F 222 43.73 -0.37 -16.45
C SER F 222 42.79 -0.41 -17.64
N TRP F 223 41.50 -0.14 -17.41
CA TRP F 223 40.52 -0.19 -18.49
C TRP F 223 40.79 0.89 -19.52
N ALA F 224 41.13 2.10 -19.07
CA ALA F 224 41.45 3.19 -19.99
C ALA F 224 42.60 2.84 -20.91
N ALA F 225 43.71 2.37 -20.34
CA ALA F 225 44.87 1.96 -21.13
C ALA F 225 44.49 0.94 -22.19
N LYS F 226 43.61 0.00 -21.85
CA LYS F 226 43.23 -1.06 -22.78
C LYS F 226 42.56 -0.48 -24.03
N LEU F 227 41.45 0.24 -23.84
CA LEU F 227 40.67 0.74 -24.98
C LEU F 227 41.41 1.81 -25.79
N ILE F 228 42.27 2.59 -25.16
CA ILE F 228 43.02 3.59 -25.94
C ILE F 228 44.08 2.90 -26.80
N SER F 229 44.80 1.93 -26.24
CA SER F 229 45.75 1.18 -27.04
C SER F 229 45.06 0.57 -28.25
N GLU F 230 43.83 0.09 -28.06
CA GLU F 230 43.08 -0.49 -29.16
C GLU F 230 42.58 0.53 -30.16
N LYS F 231 42.47 1.80 -29.79
CA LYS F 231 42.11 2.82 -30.75
C LYS F 231 43.32 3.46 -31.42
N GLY F 232 44.50 2.89 -31.20
CA GLY F 232 45.74 3.40 -31.76
C GLY F 232 46.51 4.32 -30.85
N GLY F 233 46.05 4.51 -29.62
CA GLY F 233 46.79 5.33 -28.69
C GLY F 233 48.09 4.68 -28.28
N LYS F 234 49.12 5.49 -28.15
CA LYS F 234 50.43 5.03 -27.71
C LYS F 234 50.56 5.40 -26.24
N ILE F 235 50.41 4.40 -25.37
CA ILE F 235 50.54 4.59 -23.93
C ILE F 235 52.04 4.50 -23.62
N VAL F 236 52.66 5.65 -23.35
CA VAL F 236 54.12 5.70 -23.25
C VAL F 236 54.63 5.60 -21.82
N ALA F 237 53.78 5.81 -20.83
CA ALA F 237 54.20 5.70 -19.45
C ALA F 237 52.99 5.38 -18.59
N VAL F 238 53.18 4.51 -17.61
CA VAL F 238 52.12 4.12 -16.69
C VAL F 238 52.73 4.04 -15.30
N SER F 239 52.01 4.57 -14.31
CA SER F 239 52.37 4.42 -12.92
C SER F 239 51.16 3.92 -12.15
N ASP F 240 51.42 3.24 -11.05
CA ASP F 240 50.37 2.78 -10.14
C ASP F 240 50.96 2.70 -8.74
N ILE F 241 50.31 1.96 -7.86
CA ILE F 241 50.73 1.88 -6.46
C ILE F 241 52.13 1.25 -6.29
N THR F 242 52.60 0.42 -7.23
CA THR F 242 53.87 -0.29 -7.06
C THR F 242 55.08 0.37 -7.71
N GLY F 243 54.89 1.31 -8.62
CA GLY F 243 56.01 1.94 -9.30
C GLY F 243 55.56 2.46 -10.66
N ALA F 244 56.53 2.86 -11.46
CA ALA F 244 56.24 3.44 -12.77
C ALA F 244 57.14 2.84 -13.85
N ILE F 245 56.56 2.68 -15.04
CA ILE F 245 57.24 2.12 -16.21
C ILE F 245 56.99 3.02 -17.41
N LYS F 246 57.99 3.10 -18.30
CA LYS F 246 57.92 3.98 -19.46
C LYS F 246 58.39 3.24 -20.71
N ASN F 247 57.88 3.67 -21.87
CA ASN F 247 58.32 3.17 -23.17
C ASN F 247 57.94 4.21 -24.23
N LYS F 248 58.94 4.85 -24.86
CA LYS F 248 58.62 5.94 -25.79
C LYS F 248 57.84 5.43 -26.99
N ASP F 249 58.01 4.16 -27.36
CA ASP F 249 57.31 3.59 -28.50
C ASP F 249 55.95 2.98 -28.13
N GLY F 250 55.62 2.92 -26.85
CA GLY F 250 54.33 2.38 -26.43
C GLY F 250 54.34 1.10 -25.64
N ILE F 251 53.68 1.10 -24.48
CA ILE F 251 53.53 -0.10 -23.67
C ILE F 251 52.40 -0.95 -24.25
N ASP F 252 52.68 -2.23 -24.46
CA ASP F 252 51.69 -3.19 -24.92
C ASP F 252 50.71 -3.44 -23.78
N ILE F 253 49.52 -2.84 -23.87
CA ILE F 253 48.58 -2.90 -22.75
C ILE F 253 48.14 -4.33 -22.45
N PRO F 254 47.79 -5.16 -23.45
CA PRO F 254 47.54 -6.58 -23.13
C PRO F 254 48.69 -7.26 -22.39
N ALA F 255 49.93 -7.08 -22.86
CA ALA F 255 51.09 -7.67 -22.20
C ALA F 255 51.25 -7.11 -20.79
N LEU F 256 51.03 -5.79 -20.62
CA LEU F 256 51.09 -5.20 -19.29
C LEU F 256 50.01 -5.79 -18.40
N LEU F 257 48.80 -5.90 -18.94
CA LEU F 257 47.70 -6.48 -18.18
C LEU F 257 48.01 -7.93 -17.78
N LYS F 258 48.60 -8.71 -18.68
CA LYS F 258 48.98 -10.06 -18.30
C LYS F 258 49.95 -10.05 -17.13
N HIS F 259 50.94 -9.16 -17.18
CA HIS F 259 51.92 -9.08 -16.10
C HIS F 259 51.25 -8.68 -14.79
N THR F 260 50.41 -7.65 -14.84
CA THR F 260 49.82 -7.14 -13.62
C THR F 260 48.79 -8.10 -13.05
N LYS F 261 48.08 -8.84 -13.91
CA LYS F 261 47.07 -9.78 -13.40
C LYS F 261 47.72 -10.90 -12.62
N GLU F 262 48.88 -11.38 -13.08
CA GLU F 262 49.60 -12.39 -12.31
C GLU F 262 50.12 -11.79 -11.01
N HIS F 263 50.73 -10.62 -11.10
CA HIS F 263 51.41 -10.04 -9.95
C HIS F 263 50.43 -9.10 -9.23
N ARG F 264 50.95 -8.27 -8.33
CA ARG F 264 50.14 -7.23 -7.69
C ARG F 264 50.67 -5.85 -8.05
N GLY F 265 51.19 -5.71 -9.26
CA GLY F 265 51.73 -4.45 -9.71
C GLY F 265 52.51 -4.63 -10.99
N VAL F 266 52.80 -3.50 -11.63
CA VAL F 266 53.52 -3.53 -12.91
C VAL F 266 55.03 -3.51 -12.76
N LYS F 267 55.55 -3.29 -11.55
CA LYS F 267 56.99 -3.10 -11.39
C LYS F 267 57.67 -4.45 -11.57
N GLY F 268 58.31 -4.63 -12.73
CA GLY F 268 58.92 -5.89 -13.09
C GLY F 268 58.44 -6.31 -14.46
N PHE F 269 57.78 -5.40 -15.16
CA PHE F 269 57.16 -5.67 -16.45
C PHE F 269 58.21 -5.60 -17.56
N ASP F 270 58.48 -6.74 -18.19
CA ASP F 270 59.27 -6.75 -19.41
C ASP F 270 58.50 -6.05 -20.52
N GLY F 271 59.20 -5.23 -21.29
CA GLY F 271 58.58 -4.39 -22.29
C GLY F 271 58.34 -2.96 -21.87
N ALA F 272 58.88 -2.54 -20.72
CA ALA F 272 58.91 -1.14 -20.31
C ALA F 272 59.88 -0.99 -19.16
N ASP F 273 60.86 -0.11 -19.31
CA ASP F 273 61.83 0.16 -18.26
C ASP F 273 61.23 1.04 -17.18
N PRO F 274 61.62 0.83 -15.91
CA PRO F 274 61.04 1.62 -14.82
C PRO F 274 61.52 3.07 -14.79
N ILE F 275 60.63 3.95 -14.30
CA ILE F 275 60.90 5.37 -14.15
C ILE F 275 60.42 5.81 -12.76
N ASP F 276 60.78 7.04 -12.39
CA ASP F 276 60.52 7.60 -11.06
C ASP F 276 59.03 7.68 -10.77
N PRO F 277 58.56 7.06 -9.67
CA PRO F 277 57.11 7.06 -9.39
C PRO F 277 56.47 8.43 -9.18
N ASN F 278 57.22 9.45 -8.77
CA ASN F 278 56.64 10.78 -8.60
C ASN F 278 56.85 11.71 -9.79
N SER F 279 57.54 11.26 -10.83
CA SER F 279 57.78 12.10 -12.01
C SER F 279 56.81 11.82 -13.14
N ILE F 280 55.86 10.91 -12.94
CA ILE F 280 54.98 10.52 -14.05
C ILE F 280 54.15 11.71 -14.48
N LEU F 281 53.81 12.57 -13.52
CA LEU F 281 52.93 13.69 -13.84
C LEU F 281 53.62 14.68 -14.75
N VAL F 282 54.96 14.73 -14.70
CA VAL F 282 55.73 15.67 -15.47
C VAL F 282 56.37 15.00 -16.70
N GLU F 283 55.91 13.81 -17.06
CA GLU F 283 56.40 13.12 -18.26
C GLU F 283 56.06 13.87 -19.53
N ASP F 284 56.95 13.74 -20.52
CA ASP F 284 56.73 14.34 -21.83
C ASP F 284 55.69 13.52 -22.58
N CYS F 285 54.64 14.19 -23.06
CA CYS F 285 53.54 13.52 -23.76
C CYS F 285 52.62 14.57 -24.34
N ASP F 286 51.53 14.10 -24.95
CA ASP F 286 50.43 14.93 -25.40
C ASP F 286 49.25 14.93 -24.42
N ILE F 287 48.95 13.78 -23.81
CA ILE F 287 47.76 13.62 -22.98
C ILE F 287 48.15 12.93 -21.67
N LEU F 288 47.87 13.61 -20.55
CA LEU F 288 48.17 13.15 -19.20
C LEU F 288 46.88 12.84 -18.44
N VAL F 289 46.80 11.63 -17.87
CA VAL F 289 45.57 11.19 -17.23
C VAL F 289 45.77 10.86 -15.76
N PRO F 290 45.54 11.83 -14.86
CA PRO F 290 45.50 11.54 -13.41
C PRO F 290 44.32 10.62 -13.08
N ALA F 291 44.62 9.42 -12.58
CA ALA F 291 43.55 8.45 -12.38
C ALA F 291 43.57 7.80 -10.99
N ALA F 292 44.24 8.40 -10.01
CA ALA F 292 44.29 7.78 -8.69
C ALA F 292 43.60 8.61 -7.60
N LEU F 293 44.07 9.83 -7.33
CA LEU F 293 43.67 10.55 -6.12
C LEU F 293 43.52 12.03 -6.42
N GLY F 294 42.97 12.76 -5.43
CA GLY F 294 42.77 14.18 -5.56
C GLY F 294 43.98 15.02 -5.16
N GLY F 295 43.97 16.26 -5.64
CA GLY F 295 44.98 17.25 -5.30
C GLY F 295 46.39 16.90 -5.74
N VAL F 296 46.51 15.89 -6.60
CA VAL F 296 47.82 15.45 -7.05
C VAL F 296 48.43 16.40 -8.08
N ILE F 297 47.60 17.17 -8.78
CA ILE F 297 48.11 18.24 -9.64
C ILE F 297 47.97 19.49 -8.81
N ASN F 298 49.11 20.13 -8.53
CA ASN F 298 49.15 21.16 -7.50
C ASN F 298 50.18 22.23 -7.86
N ARG F 299 50.43 23.12 -6.91
CA ARG F 299 51.38 24.20 -7.11
C ARG F 299 52.80 23.69 -7.33
N GLU F 300 53.12 22.51 -6.79
CA GLU F 300 54.51 22.07 -6.84
C GLU F 300 54.94 21.56 -8.21
N ASN F 301 54.03 21.08 -9.05
CA ASN F 301 54.45 20.47 -10.31
C ASN F 301 53.69 20.98 -11.52
N ALA F 302 52.92 22.06 -11.38
CA ALA F 302 52.04 22.48 -12.47
C ALA F 302 52.83 23.06 -13.64
N ASN F 303 53.87 23.87 -13.36
CA ASN F 303 54.64 24.46 -14.44
C ASN F 303 55.41 23.43 -15.25
N GLU F 304 55.71 22.26 -14.68
CA GLU F 304 56.52 21.25 -15.34
C GLU F 304 55.69 20.24 -16.14
N ILE F 305 54.38 20.43 -16.24
CA ILE F 305 53.56 19.56 -17.07
C ILE F 305 53.82 19.88 -18.54
N LYS F 306 54.09 18.83 -19.32
CA LYS F 306 54.34 19.01 -20.74
C LYS F 306 53.12 18.70 -21.61
N ALA F 307 52.07 18.12 -21.03
CA ALA F 307 50.89 17.79 -21.80
C ALA F 307 50.05 19.03 -22.06
N LYS F 308 49.52 19.13 -23.29
CA LYS F 308 48.49 20.11 -23.63
C LYS F 308 47.09 19.63 -23.27
N PHE F 309 46.94 18.37 -22.88
CA PHE F 309 45.64 17.83 -22.53
C PHE F 309 45.74 17.06 -21.22
N ILE F 310 44.82 17.33 -20.29
CA ILE F 310 44.71 16.61 -19.03
C ILE F 310 43.30 16.03 -18.90
N ILE F 311 43.22 14.71 -18.74
CA ILE F 311 41.94 13.99 -18.62
C ILE F 311 41.76 13.61 -17.15
N GLU F 312 40.84 14.29 -16.47
CA GLU F 312 40.59 14.09 -15.03
C GLU F 312 39.79 12.81 -14.83
N ALA F 313 40.49 11.68 -14.81
CA ALA F 313 39.78 10.42 -14.55
C ALA F 313 39.46 10.25 -13.07
N ALA F 314 40.43 10.52 -12.19
CA ALA F 314 40.14 10.51 -10.77
C ALA F 314 39.25 11.70 -10.41
N ASN F 315 38.80 11.75 -9.16
CA ASN F 315 37.99 12.86 -8.69
C ASN F 315 38.85 13.92 -8.02
N HIS F 316 38.56 15.18 -8.36
CA HIS F 316 39.29 16.35 -7.87
C HIS F 316 40.80 16.17 -8.00
N PRO F 317 41.30 15.68 -9.13
CA PRO F 317 42.74 15.46 -9.25
C PRO F 317 43.49 16.76 -9.33
N THR F 318 42.84 17.84 -9.72
CA THR F 318 43.49 19.13 -9.81
C THR F 318 42.68 20.05 -8.90
N ASP F 319 43.28 20.48 -7.79
CA ASP F 319 42.65 21.46 -6.91
C ASP F 319 42.87 22.87 -7.48
N PRO F 320 42.05 23.86 -7.05
CA PRO F 320 42.08 25.19 -7.68
C PRO F 320 43.46 25.75 -7.98
N ASP F 321 44.41 25.46 -7.10
CA ASP F 321 45.74 26.04 -7.25
C ASP F 321 46.37 25.71 -8.60
N ALA F 322 46.41 24.43 -8.96
CA ALA F 322 46.97 24.05 -10.25
C ALA F 322 46.05 24.44 -11.39
N ASP F 323 44.74 24.48 -11.10
CA ASP F 323 43.73 24.79 -12.11
C ASP F 323 44.09 26.08 -12.84
N GLU F 324 44.39 27.11 -12.07
CA GLU F 324 44.73 28.42 -12.62
C GLU F 324 46.14 28.45 -13.22
N ILE F 325 47.09 27.70 -12.64
CA ILE F 325 48.43 27.64 -13.22
C ILE F 325 48.36 27.06 -14.63
N LEU F 326 47.66 25.92 -14.76
CA LEU F 326 47.47 25.27 -16.05
C LEU F 326 46.46 25.98 -16.93
N SER F 327 45.54 26.75 -16.34
CA SER F 327 44.59 27.54 -17.13
C SER F 327 45.34 28.43 -18.11
N LYS F 328 46.35 29.15 -17.63
CA LYS F 328 47.21 29.87 -18.55
C LYS F 328 48.11 28.85 -19.26
N LYS F 329 48.83 29.33 -20.27
CA LYS F 329 49.80 28.60 -21.07
C LYS F 329 49.16 27.54 -21.98
N GLY F 330 47.84 27.36 -21.95
CA GLY F 330 47.18 26.50 -22.91
C GLY F 330 47.01 25.03 -22.59
N VAL F 331 47.05 24.64 -21.32
CA VAL F 331 46.81 23.24 -20.99
C VAL F 331 45.31 23.00 -20.90
N VAL F 332 44.81 22.01 -21.65
CA VAL F 332 43.38 21.65 -21.63
C VAL F 332 43.14 20.59 -20.57
N ILE F 333 42.11 20.80 -19.75
CA ILE F 333 41.73 19.86 -18.70
C ILE F 333 40.29 19.42 -18.92
N LEU F 334 40.08 18.11 -19.09
CA LEU F 334 38.74 17.54 -19.16
C LEU F 334 38.25 17.20 -17.76
N PRO F 335 37.23 17.88 -17.24
CA PRO F 335 36.92 17.78 -15.80
C PRO F 335 36.36 16.44 -15.38
N ASP F 336 36.66 16.07 -14.13
CA ASP F 336 36.23 14.79 -13.59
C ASP F 336 34.73 14.60 -13.72
N ILE F 337 33.95 15.67 -13.49
CA ILE F 337 32.50 15.62 -13.54
C ILE F 337 32.00 15.03 -14.85
N TYR F 338 32.75 15.22 -15.93
CA TYR F 338 32.41 14.62 -17.20
C TYR F 338 33.22 13.37 -17.51
N ALA F 339 34.51 13.38 -17.20
CA ALA F 339 35.42 12.34 -17.72
C ALA F 339 35.08 10.96 -17.18
N ASN F 340 34.72 10.85 -15.90
CA ASN F 340 34.41 9.54 -15.34
C ASN F 340 32.92 9.32 -15.22
N SER F 341 32.12 10.06 -15.99
CA SER F 341 30.67 9.89 -15.96
C SER F 341 30.23 8.61 -16.67
N GLY F 342 31.15 7.92 -17.34
CA GLY F 342 30.79 6.66 -17.95
C GLY F 342 30.25 5.67 -16.93
N GLY F 343 30.80 5.69 -15.72
CA GLY F 343 30.31 4.85 -14.66
C GLY F 343 28.85 5.06 -14.38
N VAL F 344 28.50 6.30 -13.98
CA VAL F 344 27.11 6.61 -13.64
C VAL F 344 26.21 6.43 -14.85
N THR F 345 26.73 6.65 -16.07
CA THR F 345 25.89 6.42 -17.23
C THR F 345 25.52 4.96 -17.37
N VAL F 346 26.48 4.04 -17.26
CA VAL F 346 26.16 2.62 -17.42
C VAL F 346 25.35 2.12 -16.23
N SER F 347 25.51 2.73 -15.06
CA SER F 347 24.66 2.37 -13.94
C SER F 347 23.21 2.72 -14.23
N TYR F 348 22.97 3.84 -14.92
CA TYR F 348 21.63 4.12 -15.44
C TYR F 348 21.13 3.04 -16.39
N PHE F 349 22.01 2.57 -17.30
CA PHE F 349 21.60 1.53 -18.24
C PHE F 349 21.24 0.24 -17.51
N GLU F 350 21.99 -0.10 -16.45
CA GLU F 350 21.65 -1.28 -15.65
C GLU F 350 20.23 -1.17 -15.12
N TRP F 351 19.90 -0.02 -14.56
CA TRP F 351 18.57 0.23 -14.03
C TRP F 351 17.50 0.11 -15.12
N VAL F 352 17.75 0.76 -16.27
CA VAL F 352 16.81 0.71 -17.39
C VAL F 352 16.54 -0.74 -17.79
N GLN F 353 17.59 -1.54 -17.88
CA GLN F 353 17.41 -2.94 -18.25
C GLN F 353 16.56 -3.65 -17.21
N ASN F 354 16.75 -3.33 -15.95
CA ASN F 354 15.96 -3.96 -14.91
C ASN F 354 14.52 -3.48 -14.94
N ILE F 355 14.34 -2.18 -15.19
CA ILE F 355 13.00 -1.64 -15.38
C ILE F 355 12.30 -2.31 -16.55
N GLN F 356 13.03 -2.61 -17.62
CA GLN F 356 12.41 -3.22 -18.79
C GLN F 356 12.31 -4.72 -18.69
N GLY F 357 12.84 -5.33 -17.63
CA GLY F 357 12.79 -6.77 -17.48
C GLY F 357 13.49 -7.55 -18.58
N PHE F 358 14.50 -6.98 -19.21
CA PHE F 358 15.09 -7.60 -20.39
C PHE F 358 16.50 -7.04 -20.57
N MET F 359 17.51 -7.90 -20.45
CA MET F 359 18.89 -7.44 -20.46
C MET F 359 19.32 -7.10 -21.88
N TRP F 360 20.26 -6.17 -21.99
CA TRP F 360 20.83 -5.75 -23.27
C TRP F 360 22.08 -6.54 -23.57
N GLU F 361 22.31 -6.77 -24.87
CA GLU F 361 23.63 -7.20 -25.32
C GLU F 361 24.66 -6.14 -24.95
N GLU F 362 25.91 -6.58 -24.80
CA GLU F 362 26.94 -5.66 -24.32
C GLU F 362 27.21 -4.54 -25.32
N GLU F 363 27.17 -4.86 -26.61
CA GLU F 363 27.41 -3.88 -27.66
C GLU F 363 26.40 -2.75 -27.58
N LYS F 364 25.17 -3.06 -27.18
CA LYS F 364 24.18 -2.01 -27.00
C LYS F 364 24.54 -1.12 -25.83
N VAL F 365 24.96 -1.72 -24.70
CA VAL F 365 25.40 -0.91 -23.56
C VAL F 365 26.51 0.04 -23.98
N ASN F 366 27.54 -0.48 -24.65
CA ASN F 366 28.65 0.37 -25.04
C ASN F 366 28.24 1.36 -26.12
N ASP F 367 27.40 0.93 -27.06
CA ASP F 367 26.96 1.83 -28.13
C ASP F 367 26.12 2.98 -27.57
N GLU F 368 25.21 2.69 -26.64
CA GLU F 368 24.49 3.78 -25.98
C GLU F 368 25.43 4.64 -25.13
N LEU F 369 26.43 4.01 -24.51
CA LEU F 369 27.41 4.80 -23.76
C LEU F 369 28.08 5.82 -24.68
N LYS F 370 28.49 5.39 -25.87
CA LYS F 370 29.07 6.32 -26.83
C LYS F 370 28.11 7.44 -27.17
N THR F 371 26.82 7.11 -27.37
CA THR F 371 25.83 8.13 -27.73
C THR F 371 25.66 9.17 -26.63
N TYR F 372 25.51 8.71 -25.38
CA TYR F 372 25.21 9.62 -24.27
C TYR F 372 26.37 10.55 -23.98
N MET F 373 27.60 10.06 -24.08
CA MET F 373 28.75 10.89 -23.75
C MET F 373 29.08 11.87 -24.88
N THR F 374 28.84 11.48 -26.12
CA THR F 374 29.02 12.40 -27.23
C THR F 374 28.05 13.57 -27.13
N ARG F 375 26.78 13.26 -26.89
CA ARG F 375 25.81 14.32 -26.78
C ARG F 375 26.17 15.25 -25.65
N SER F 376 26.56 14.69 -24.52
CA SER F 376 26.87 15.55 -23.39
C SER F 376 28.12 16.37 -23.66
N PHE F 377 29.09 15.80 -24.37
CA PHE F 377 30.26 16.60 -24.69
C PHE F 377 29.91 17.76 -25.60
N LYS F 378 29.09 17.51 -26.62
CA LYS F 378 28.63 18.59 -27.49
C LYS F 378 27.89 19.64 -26.67
N ASP F 379 26.99 19.21 -25.78
CA ASP F 379 26.29 20.16 -24.91
C ASP F 379 27.29 20.89 -24.01
N LEU F 380 28.32 20.18 -23.55
CA LEU F 380 29.35 20.78 -22.71
C LEU F 380 30.16 21.84 -23.44
N LYS F 381 30.60 21.54 -24.67
CA LYS F 381 31.39 22.50 -25.44
C LYS F 381 30.60 23.78 -25.70
N GLU F 382 29.31 23.66 -26.04
CA GLU F 382 28.53 24.87 -26.35
C GLU F 382 28.39 25.76 -25.13
N MET F 383 28.38 25.17 -23.93
CA MET F 383 28.35 25.99 -22.73
C MET F 383 29.65 26.77 -22.59
N CYS F 384 30.77 26.10 -22.87
CA CYS F 384 32.06 26.80 -22.84
C CYS F 384 32.09 27.93 -23.84
N LYS F 385 31.59 27.69 -25.06
CA LYS F 385 31.51 28.76 -26.04
C LYS F 385 30.55 29.85 -25.60
N THR F 386 29.43 29.47 -24.97
CA THR F 386 28.45 30.48 -24.56
C THR F 386 29.02 31.41 -23.50
N HIS F 387 29.79 30.88 -22.57
CA HIS F 387 30.27 31.66 -21.44
C HIS F 387 31.77 31.95 -21.50
N SER F 388 32.44 31.58 -22.60
CA SER F 388 33.85 31.90 -22.80
C SER F 388 34.71 31.43 -21.63
N CYS F 389 34.49 30.19 -21.22
CA CYS F 389 35.09 29.61 -20.03
C CYS F 389 35.79 28.30 -20.35
N ASP F 390 36.49 27.76 -19.36
CA ASP F 390 37.19 26.50 -19.53
C ASP F 390 36.21 25.34 -19.41
N LEU F 391 36.74 24.14 -19.62
CA LEU F 391 35.89 22.95 -19.62
C LEU F 391 35.25 22.71 -18.26
N ARG F 392 36.00 22.89 -17.18
CA ARG F 392 35.45 22.57 -15.86
C ARG F 392 34.24 23.43 -15.55
N MET F 393 34.36 24.73 -15.77
CA MET F 393 33.24 25.62 -15.50
C MET F 393 32.12 25.38 -16.50
N GLY F 394 32.47 25.10 -17.75
CA GLY F 394 31.45 24.74 -18.73
C GLY F 394 30.62 23.56 -18.28
N ALA F 395 31.25 22.59 -17.61
CA ALA F 395 30.52 21.43 -17.13
C ALA F 395 29.59 21.81 -16.00
N PHE F 396 30.08 22.60 -15.04
CA PHE F 396 29.23 23.03 -13.94
C PHE F 396 28.07 23.87 -14.43
N THR F 397 28.33 24.80 -15.35
CA THR F 397 27.24 25.64 -15.85
C THR F 397 26.19 24.79 -16.56
N LEU F 398 26.62 23.79 -17.32
CA LEU F 398 25.64 22.93 -17.99
C LEU F 398 24.83 22.14 -16.98
N GLY F 399 25.50 21.53 -16.00
CA GLY F 399 24.77 20.69 -15.06
C GLY F 399 23.83 21.48 -14.18
N VAL F 400 24.33 22.58 -13.59
CA VAL F 400 23.49 23.39 -12.72
C VAL F 400 22.36 24.02 -13.52
N ASN F 401 22.59 24.35 -14.79
CA ASN F 401 21.51 24.91 -15.59
C ASN F 401 20.39 23.89 -15.71
N ARG F 402 20.74 22.64 -15.99
CA ARG F 402 19.72 21.61 -16.17
C ARG F 402 18.91 21.39 -14.88
N VAL F 403 19.59 21.32 -13.74
CA VAL F 403 18.86 21.15 -12.49
C VAL F 403 17.96 22.34 -12.21
N ALA F 404 18.48 23.55 -12.40
CA ALA F 404 17.66 24.74 -12.16
C ALA F 404 16.45 24.77 -13.11
N GLN F 405 16.65 24.42 -14.39
CA GLN F 405 15.53 24.40 -15.33
C GLN F 405 14.48 23.39 -14.89
N ALA F 406 14.91 22.18 -14.53
CA ALA F 406 13.98 21.18 -14.03
C ALA F 406 13.26 21.67 -12.79
N THR F 407 14.00 22.28 -11.86
CA THR F 407 13.39 22.79 -10.64
C THR F 407 12.29 23.80 -10.95
N ILE F 408 12.56 24.71 -11.88
CA ILE F 408 11.62 25.78 -12.18
C ILE F 408 10.40 25.25 -12.90
N LEU F 409 10.58 24.34 -13.86
CA LEU F 409 9.43 23.79 -14.57
C LEU F 409 8.45 23.12 -13.62
N ARG F 410 8.97 22.46 -12.59
CA ARG F 410 8.13 21.74 -11.65
C ARG F 410 7.52 22.66 -10.61
N GLY F 411 8.18 23.78 -10.32
CA GLY F 411 7.56 24.84 -9.55
C GLY F 411 7.63 24.58 -8.06
N TRP F 412 7.19 25.58 -7.31
CA TRP F 412 7.20 25.54 -5.85
C TRP F 412 5.83 25.85 -5.32
N GLY F 413 4.83 25.14 -5.82
CA GLY F 413 3.49 25.29 -5.28
C GLY F 413 2.88 26.63 -5.65
N ALA F 414 3.38 27.70 -5.05
CA ALA F 414 2.90 29.06 -5.30
C ALA F 414 1.47 29.22 -4.77
#